data_7FIH
#
_entry.id   7FIH
#
loop_
_entity.id
_entity.type
_entity.pdbx_description
1 polymer 'Engineered Guanine nucleotide-binding protein G(s) subunit alpha'
2 polymer 'Guanine nucleotide-binding protein G(I)/G(S)/G(T) subunit beta-1'
3 polymer 'Guanine nucleotide-binding protein G(I)/G(S)/G(O) subunit gamma-2'
4 polymer 'Lutropin-choriogonadotropic hormone receptor'
5 polymer 'Glycoprotein hormones alpha chain'
6 polymer 'Choriogonadotropin subunit beta 3'
7 non-polymer 5-azanyl-N-tert-butyl-2-methylsulfanyl-4-[3-(2-morpholin-4-ylethanoylamino)phenyl]thieno[2,3-d]pyrimidine-6-carboxamide
#
loop_
_entity_poly.entity_id
_entity_poly.type
_entity_poly.pdbx_seq_one_letter_code
_entity_poly.pdbx_strand_id
1 'polypeptide(L)'
;MGCTLSAEDKAAVERSKMIEKQLQKDKQVYRATHRLLLLGADNSGKSTIVKQMRIYHVNGYSEEECKQYKAVVYSNTIQS
IIAIIRAMGRLKIDFGDSARADDARQLFVLAGAAEEGFMTAELAGVIKRLWKDSGVQACFNRSREYQLNDSAAYYLNDLD
RIAQPNYIPTQQDVLRTRVKTSGIFETKFQVDKVNFHMFDVGAQRDERRKWIQCFNDVTAIIFVVDSSDYNRLQEALNDF
KSIWNNRWLRTISVILFLNKQDLLAEKVLAGKSKIEDYFPEFARYTTPEDATPEPGEDPRVTRAKYFIRDEFLRISTASG
DGRHYCYPHFTCSVDTENARRIFNDCRDIIQRMHLRQYELL
;
A
2 'polypeptide(L)'
;HHHHHHGSLLQSELDQLRQEAEQLKNQIRDARKACADATLSQITNNIDPVGRIQMRTRRTLRGHLAKIYAMHWGTDSRLL
VSASQDGKLIIWDSYTTNKVHAIPLRSSWVMTCAYAPSGNYVACGGLDNICSIYNLKTREGNVRVSRELAGHTGYLSCCR
FLDDNQIVTSSGDTTCALWDIETGQQTTTFTGHTGDVMSLSLAPDTRLFVSGACDASAKLWDVREGMCRQTFTGHESDIN
AICFFPNGNAFATGSDDATCRLFDLRADQELMTYSHDNIICGITSVSFSKSGRLLLAGYDDFNCNVWDALKADRAGVLAG
HDNRVSCLGVTDDGMAVATGSWDSFLKIWN
;
B
3 'polypeptide(L)' MASNNTASIAQARKLVEQLKMEANIDRIKVSKAAADLMAYCEAHAKEDPLLTPVPASENPFREKKFFCAIL G
4 'polypeptide(L)'
;DYKDDDDVENLYFQGASALCPEPCNCVPDGALRCPGPTAGLTRLSLAYLPVKVIPSQAFRGLNEVIKIEISQIDSLERIE
ANAFDNLLNLSEILIQNTKNLRYIEPGAFINLPRLKYLSICNTGIRKFPDVTKVFSSESNFILEICDNLHITTIPGNAFQ
GMNNESVTLKLYGNGFEEVQSHAFNGTTLTSLELKENVHLEKMHNGAFRGATGPKTLDISSTKLQALPSYGLESIQRLIA
TSSYSLKKLPSRETFVNLLEATLTYPIHCCAFRNLPTKEQNFSHSISENFSKQCESTVRKVNNKTLYSSMLAESELSGWD
YEYGFCLPKTPRCAPEPDAFNPCEDIMGYDFLRVLIWLINILAIMGNMTVLFVLLTSRYKLTVPRFLMCNLSFADFCMGL
YLLLIASVDSQTKGQYYNHAIDWQTGSGCSTAGFFTVFASELSVYTLTVITLERWHTITYAIHLDQKLRLRHAILIMLGG
WLFSSLIAMLPLVGVSNYMKVSICFPMDVETTLSQVYILTILILNVVAFFIICACYIKIYFAVRNPELMATNKDTKIAKK
MAILIFTDFTCMAPISFFAISAAFKVPLITVTNSKVLLVLFYPINSCANPFLYAIFTKTFQRDFFLLLSKFGCCKRRAEL
YRRKDFSAYTSNCKNGFTGSNKPSQSTLKLSTLHCQGTALLDKTRYTECHHHHHHHH
;
R
5 'polypeptide(L)'
;DYYRKYAAIFLVTLSVFLHVLHSAPDVQDCPECTLQENPFFSQPGAPILQCMGCCFSRAYPTPLRSKKTMLVQKNVTSES
TCCVAKSYNRVTVMGGFKVENHTACHCSTCYYHKS
;
X
6 'polypeptide(L)'
;MEMFQGLLLLLLLSMGGTWASKEPLRPRCRPINATLAVEKEGCPVCITVNTTICAGYCPTMTRVLQGVLPALPQVVCNYR
DVRFESIRLPGCPRGVNPVVSYAVALSCQCALCRRSTTDCGGPKDHPLTCDDPRFQDSSSSKAPPPSLPSPSRLPGPSDT
PILPQ
;
Y
#
loop_
_chem_comp.id
_chem_comp.type
_chem_comp.name
_chem_comp.formula
55Z non-polymer 5-azanyl-N-tert-butyl-2-methylsulfanyl-4-[3-(2-morpholin-4-ylethanoylamino)phenyl]thieno[2,3-d]pyrimidine-6-carboxamide 'C24 H30 N6 O3 S2'
#
# COMPACT_ATOMS: atom_id res chain seq x y z
N CYS A 3 -7.10 -15.23 31.59
CA CYS A 3 -8.05 -16.36 31.47
C CYS A 3 -8.30 -17.01 32.83
N THR A 4 -9.54 -17.38 33.09
CA THR A 4 -9.95 -18.01 34.34
C THR A 4 -10.30 -19.47 34.07
N LEU A 5 -9.43 -20.37 34.51
CA LEU A 5 -9.63 -21.80 34.29
C LEU A 5 -9.41 -22.53 35.62
N SER A 6 -9.71 -23.82 35.62
CA SER A 6 -9.49 -24.67 36.79
C SER A 6 -8.17 -25.42 36.59
N ALA A 7 -7.84 -26.30 37.56
CA ALA A 7 -6.58 -27.03 37.48
C ALA A 7 -6.62 -28.09 36.39
N GLU A 8 -7.72 -28.83 36.31
CA GLU A 8 -7.83 -29.89 35.29
C GLU A 8 -7.77 -29.29 33.89
N ASP A 9 -8.47 -28.17 33.67
CA ASP A 9 -8.44 -27.53 32.37
C ASP A 9 -7.04 -27.02 32.03
N LYS A 10 -6.33 -26.48 33.02
CA LYS A 10 -4.97 -26.01 32.77
C LYS A 10 -4.03 -27.17 32.44
N ALA A 11 -4.19 -28.31 33.11
CA ALA A 11 -3.40 -29.48 32.77
C ALA A 11 -3.70 -29.96 31.35
N ALA A 12 -4.99 -29.95 30.98
CA ALA A 12 -5.36 -30.31 29.61
C ALA A 12 -4.74 -29.36 28.61
N VAL A 13 -4.74 -28.06 28.91
CA VAL A 13 -4.13 -27.09 28.01
C VAL A 13 -2.63 -27.30 27.89
N GLU A 14 -1.95 -27.62 29.00
CA GLU A 14 -0.53 -27.93 28.93
C GLU A 14 -0.27 -29.14 28.06
N ARG A 15 -1.08 -30.19 28.22
CA ARG A 15 -0.96 -31.36 27.35
C ARG A 15 -1.15 -30.98 25.90
N SER A 16 -2.18 -30.16 25.61
CA SER A 16 -2.46 -29.76 24.25
C SER A 16 -1.29 -28.97 23.66
N LYS A 17 -0.70 -28.07 24.44
CA LYS A 17 0.42 -27.28 23.94
C LYS A 17 1.65 -28.14 23.69
N MET A 18 1.93 -29.10 24.58
CA MET A 18 3.06 -29.99 24.35
C MET A 18 2.85 -30.81 23.07
N ILE A 19 1.63 -31.34 22.88
CA ILE A 19 1.35 -32.11 21.67
C ILE A 19 1.43 -31.21 20.45
N GLU A 20 1.02 -29.95 20.59
CA GLU A 20 1.11 -29.01 19.48
C GLU A 20 2.56 -28.74 19.10
N LYS A 21 3.44 -28.60 20.08
CA LYS A 21 4.85 -28.40 19.78
C LYS A 21 5.43 -29.63 19.09
N GLN A 22 5.07 -30.83 19.55
CA GLN A 22 5.55 -32.04 18.90
C GLN A 22 5.05 -32.12 17.46
N LEU A 23 3.77 -31.77 17.25
CA LEU A 23 3.21 -31.78 15.90
C LEU A 23 3.89 -30.72 15.03
N GLN A 24 4.26 -29.58 15.61
CA GLN A 24 4.98 -28.57 14.86
C GLN A 24 6.34 -29.08 14.42
N LYS A 25 7.03 -29.80 15.30
CA LYS A 25 8.30 -30.40 14.92
C LYS A 25 8.10 -31.39 13.78
N ASP A 26 7.10 -32.26 13.90
CA ASP A 26 6.85 -33.24 12.85
C ASP A 26 6.44 -32.56 11.54
N LYS A 27 5.76 -31.41 11.63
CA LYS A 27 5.39 -30.69 10.43
C LYS A 27 6.60 -30.06 9.75
N GLN A 28 7.46 -29.39 10.52
CA GLN A 28 8.63 -28.78 9.94
C GLN A 28 9.60 -29.81 9.37
N VAL A 29 9.60 -31.04 9.88
CA VAL A 29 10.38 -32.09 9.23
C VAL A 29 9.62 -32.73 8.07
N TYR A 30 8.29 -32.68 8.09
CA TYR A 30 7.49 -33.31 7.04
C TYR A 30 7.54 -32.49 5.74
N ARG A 31 7.41 -31.17 5.84
CA ARG A 31 7.35 -30.32 4.66
C ARG A 31 8.65 -30.30 3.88
N ALA A 32 9.75 -30.79 4.46
CA ALA A 32 11.05 -30.80 3.81
C ALA A 32 11.32 -32.09 3.04
N THR A 33 10.36 -33.01 3.00
CA THR A 33 10.52 -34.28 2.31
C THR A 33 9.59 -34.35 1.11
N HIS A 34 10.11 -34.81 -0.02
CA HIS A 34 9.33 -34.95 -1.25
C HIS A 34 8.88 -36.39 -1.38
N ARG A 35 7.59 -36.63 -1.11
CA ARG A 35 7.02 -37.95 -1.32
C ARG A 35 7.01 -38.29 -2.80
N LEU A 36 7.25 -39.57 -3.11
CA LEU A 36 7.46 -39.97 -4.49
C LEU A 36 6.90 -41.38 -4.68
N LEU A 37 5.83 -41.50 -5.46
CA LEU A 37 5.28 -42.80 -5.78
C LEU A 37 6.17 -43.52 -6.79
N LEU A 38 6.10 -44.86 -6.78
CA LEU A 38 6.89 -45.69 -7.68
C LEU A 38 5.99 -46.83 -8.18
N LEU A 39 5.42 -46.64 -9.36
CA LEU A 39 4.60 -47.66 -10.00
C LEU A 39 5.49 -48.57 -10.82
N GLY A 40 4.89 -49.51 -11.54
CA GLY A 40 5.65 -50.41 -12.38
C GLY A 40 4.91 -51.73 -12.56
N ALA A 41 5.63 -52.70 -13.12
CA ALA A 41 5.09 -54.03 -13.37
C ALA A 41 5.99 -55.09 -12.75
N ASP A 42 5.68 -56.36 -13.00
CA ASP A 42 6.45 -57.45 -12.41
C ASP A 42 7.89 -57.43 -12.91
N ASN A 43 8.09 -57.25 -14.21
CA ASN A 43 9.41 -57.30 -14.82
C ASN A 43 10.03 -55.92 -15.03
N SER A 44 9.38 -54.86 -14.54
CA SER A 44 9.91 -53.52 -14.75
C SER A 44 11.30 -53.37 -14.15
N GLY A 45 11.62 -54.13 -13.11
CA GLY A 45 12.90 -54.04 -12.45
C GLY A 45 13.00 -52.96 -11.39
N LYS A 46 11.87 -52.48 -10.85
CA LYS A 46 11.90 -51.43 -9.86
C LYS A 46 12.63 -51.85 -8.59
N SER A 47 12.81 -53.17 -8.36
CA SER A 47 13.59 -53.61 -7.21
C SER A 47 15.02 -53.12 -7.31
N THR A 48 15.65 -53.26 -8.48
CA THR A 48 17.01 -52.76 -8.66
C THR A 48 17.06 -51.25 -8.52
N ILE A 49 16.00 -50.55 -8.96
CA ILE A 49 15.96 -49.10 -8.81
C ILE A 49 15.95 -48.73 -7.34
N VAL A 50 15.08 -49.36 -6.55
CA VAL A 50 14.99 -49.01 -5.14
C VAL A 50 16.30 -49.36 -4.43
N LYS A 51 16.96 -50.44 -4.86
CA LYS A 51 18.26 -50.76 -4.28
C LYS A 51 19.31 -49.70 -4.63
N GLN A 52 19.32 -49.24 -5.89
CA GLN A 52 20.29 -48.25 -6.33
C GLN A 52 20.03 -46.86 -5.75
N MET A 53 18.82 -46.60 -5.24
CA MET A 53 18.59 -45.41 -4.44
C MET A 53 18.82 -45.63 -2.95
N ARG A 54 18.66 -46.86 -2.46
CA ARG A 54 19.05 -47.18 -1.09
C ARG A 54 20.55 -47.02 -0.90
N ILE A 55 21.33 -47.35 -1.94
CA ILE A 55 22.78 -47.15 -1.86
C ILE A 55 23.11 -45.70 -1.55
N TYR A 56 22.20 -44.77 -1.83
CA TYR A 56 22.35 -43.37 -1.46
C TYR A 56 21.51 -43.01 -0.24
N HIS A 57 21.42 -43.92 0.72
CA HIS A 57 20.60 -43.71 1.92
C HIS A 57 21.01 -42.44 2.64
N VAL A 179 8.38 -58.45 6.73
CA VAL A 179 7.23 -59.35 6.75
C VAL A 179 6.64 -59.43 5.35
N LYS A 180 6.32 -60.65 4.91
CA LYS A 180 5.85 -60.89 3.55
C LYS A 180 4.37 -60.58 3.37
N THR A 181 3.63 -60.30 4.45
CA THR A 181 2.22 -59.98 4.37
C THR A 181 1.95 -58.49 4.34
N SER A 182 2.98 -57.66 4.26
CA SER A 182 2.83 -56.22 4.16
C SER A 182 2.69 -55.82 2.69
N GLY A 183 2.30 -54.56 2.47
CA GLY A 183 1.99 -54.12 1.12
C GLY A 183 2.56 -52.76 0.75
N ILE A 184 3.68 -52.36 1.36
CA ILE A 184 4.34 -51.11 0.98
C ILE A 184 5.73 -51.11 1.58
N PHE A 185 6.66 -50.48 0.87
CA PHE A 185 8.08 -50.47 1.24
C PHE A 185 8.55 -49.03 1.46
N GLU A 186 9.84 -48.90 1.77
CA GLU A 186 10.44 -47.61 2.05
C GLU A 186 11.85 -47.57 1.49
N THR A 187 12.28 -46.39 1.05
CA THR A 187 13.64 -46.19 0.59
C THR A 187 14.30 -45.04 1.32
N LYS A 188 13.57 -43.94 1.51
CA LYS A 188 14.05 -42.79 2.28
C LYS A 188 15.43 -42.32 1.81
N PHE A 189 15.65 -42.33 0.49
CA PHE A 189 16.92 -41.84 -0.04
C PHE A 189 16.92 -40.32 -0.12
N GLN A 190 18.12 -39.75 -0.08
CA GLN A 190 18.28 -38.30 -0.15
C GLN A 190 19.41 -37.96 -1.12
N VAL A 191 19.26 -36.83 -1.81
CA VAL A 191 20.25 -36.33 -2.75
C VAL A 191 20.47 -34.86 -2.49
N ASP A 192 21.74 -34.45 -2.44
CA ASP A 192 22.10 -33.05 -2.21
C ASP A 192 21.41 -32.51 -0.96
N LYS A 193 21.39 -33.31 0.11
CA LYS A 193 20.78 -32.91 1.37
C LYS A 193 19.30 -32.57 1.17
N VAL A 194 18.64 -33.28 0.27
CA VAL A 194 17.20 -33.17 0.05
C VAL A 194 16.60 -34.55 0.27
N ASN A 195 15.65 -34.64 1.21
CA ASN A 195 15.06 -35.92 1.59
C ASN A 195 13.98 -36.31 0.57
N PHE A 196 14.17 -37.46 -0.07
CA PHE A 196 13.22 -38.00 -1.02
C PHE A 196 12.64 -39.29 -0.46
N HIS A 197 11.32 -39.35 -0.39
CA HIS A 197 10.61 -40.57 0.02
C HIS A 197 10.05 -41.26 -1.21
N MET A 198 10.60 -42.45 -1.50
CA MET A 198 10.16 -43.25 -2.64
C MET A 198 9.32 -44.39 -2.08
N PHE A 199 8.07 -44.50 -2.53
CA PHE A 199 7.10 -45.41 -1.95
C PHE A 199 6.78 -46.49 -2.97
N ASP A 200 7.43 -47.64 -2.80
CA ASP A 200 7.24 -48.79 -3.69
C ASP A 200 6.04 -49.58 -3.18
N VAL A 201 4.88 -49.37 -3.80
CA VAL A 201 3.65 -50.04 -3.40
C VAL A 201 3.61 -51.43 -4.03
N GLY A 202 4.05 -52.44 -3.28
CA GLY A 202 4.07 -53.81 -3.74
C GLY A 202 3.20 -54.71 -2.89
N ALA A 203 3.13 -55.98 -3.30
CA ALA A 203 2.38 -57.03 -2.63
C ALA A 203 0.89 -56.74 -2.57
N GLN A 204 0.41 -55.80 -3.37
CA GLN A 204 -1.02 -55.52 -3.47
C GLN A 204 -1.61 -56.26 -4.66
N ARG A 205 -2.92 -56.08 -4.85
CA ARG A 205 -3.58 -56.68 -6.00
C ARG A 205 -3.16 -55.96 -7.29
N ASP A 206 -3.62 -56.49 -8.41
CA ASP A 206 -3.41 -55.88 -9.72
C ASP A 206 -4.57 -54.94 -10.07
N GLU A 207 -4.85 -54.03 -9.14
CA GLU A 207 -5.96 -53.10 -9.28
C GLU A 207 -5.54 -51.77 -8.68
N ARG A 208 -5.50 -50.72 -9.51
CA ARG A 208 -4.96 -49.44 -9.07
C ARG A 208 -6.06 -48.41 -8.85
N ARG A 209 -7.23 -48.62 -9.44
CA ARG A 209 -8.11 -47.50 -9.74
C ARG A 209 -8.57 -46.74 -8.50
N LYS A 210 -8.43 -47.30 -7.29
CA LYS A 210 -9.02 -46.67 -6.12
C LYS A 210 -8.11 -46.53 -4.91
N TRP A 211 -6.95 -47.20 -4.88
CA TRP A 211 -5.91 -46.85 -3.92
C TRP A 211 -4.93 -45.84 -4.50
N ILE A 212 -5.05 -45.51 -5.78
CA ILE A 212 -4.32 -44.38 -6.34
C ILE A 212 -4.80 -43.07 -5.72
N GLN A 213 -6.06 -43.03 -5.27
CA GLN A 213 -6.56 -41.85 -4.58
C GLN A 213 -5.67 -41.46 -3.41
N CYS A 214 -5.09 -42.45 -2.73
CA CYS A 214 -4.29 -42.17 -1.54
C CYS A 214 -3.04 -41.37 -1.90
N PHE A 215 -2.55 -41.52 -3.13
CA PHE A 215 -1.33 -40.87 -3.59
C PHE A 215 -1.61 -39.60 -4.40
N ASN A 216 -2.68 -38.87 -4.08
CA ASN A 216 -3.03 -37.68 -4.84
C ASN A 216 -2.09 -36.51 -4.60
N ASP A 217 -1.39 -36.49 -3.46
CA ASP A 217 -0.55 -35.35 -3.09
C ASP A 217 0.93 -35.61 -3.29
N VAL A 218 1.32 -36.72 -3.92
CA VAL A 218 2.73 -37.00 -4.13
C VAL A 218 3.34 -35.96 -5.06
N THR A 219 4.63 -35.69 -4.86
CA THR A 219 5.31 -34.69 -5.67
C THR A 219 5.35 -35.11 -7.13
N ALA A 220 5.67 -36.36 -7.41
CA ALA A 220 5.76 -36.85 -8.78
C ALA A 220 5.68 -38.37 -8.78
N ILE A 221 5.18 -38.92 -9.89
CA ILE A 221 5.07 -40.37 -10.01
C ILE A 221 6.22 -40.90 -10.84
N ILE A 222 6.82 -41.99 -10.37
CA ILE A 222 7.84 -42.71 -11.13
C ILE A 222 7.19 -43.91 -11.79
N PHE A 223 7.53 -44.10 -13.06
CA PHE A 223 6.95 -45.19 -13.85
C PHE A 223 8.09 -45.92 -14.55
N VAL A 224 8.44 -47.10 -14.05
CA VAL A 224 9.50 -47.92 -14.63
C VAL A 224 8.87 -48.97 -15.53
N VAL A 225 9.32 -49.05 -16.78
CA VAL A 225 8.80 -49.99 -17.75
C VAL A 225 9.97 -50.71 -18.40
N ASP A 226 9.73 -51.94 -18.84
CA ASP A 226 10.75 -52.77 -19.45
C ASP A 226 10.63 -52.67 -20.97
N SER A 227 11.72 -52.25 -21.62
CA SER A 227 11.77 -52.12 -23.06
C SER A 227 12.25 -53.39 -23.75
N SER A 228 12.67 -54.39 -22.99
CA SER A 228 13.16 -55.64 -23.58
C SER A 228 12.02 -56.58 -23.95
N ASP A 229 10.96 -56.63 -23.14
CA ASP A 229 9.84 -57.53 -23.38
C ASP A 229 8.75 -56.83 -24.21
N TYR A 230 9.13 -57.05 -25.46
CA TYR A 230 8.43 -56.73 -26.70
C TYR A 230 7.05 -57.25 -26.44
N ASN A 231 6.09 -56.32 -26.31
CA ASN A 231 4.62 -56.60 -26.07
C ASN A 231 4.10 -56.60 -24.61
N ARG A 232 4.72 -57.21 -23.57
CA ARG A 232 4.22 -56.93 -22.21
C ARG A 232 4.38 -55.40 -22.23
N LEU A 233 5.16 -54.90 -23.21
CA LEU A 233 5.33 -53.46 -23.43
C LEU A 233 3.99 -52.83 -23.81
N GLN A 234 3.28 -53.43 -24.76
CA GLN A 234 1.97 -52.89 -25.13
C GLN A 234 1.07 -52.75 -23.91
N GLU A 235 0.99 -53.79 -23.09
CA GLU A 235 0.20 -53.68 -21.85
C GLU A 235 0.67 -52.49 -21.04
N ALA A 236 1.99 -52.32 -20.88
CA ALA A 236 2.50 -51.19 -20.12
C ALA A 236 1.93 -49.88 -20.65
N LEU A 237 1.86 -49.73 -21.97
CA LEU A 237 1.28 -48.52 -22.53
C LEU A 237 -0.09 -48.26 -21.94
N ASN A 238 -0.98 -49.26 -21.99
CA ASN A 238 -2.30 -49.09 -21.42
C ASN A 238 -2.21 -48.66 -19.95
N ASP A 239 -1.33 -49.31 -19.18
CA ASP A 239 -1.15 -48.91 -17.79
C ASP A 239 -0.87 -47.43 -17.69
N PHE A 240 0.06 -46.93 -18.50
CA PHE A 240 0.36 -45.50 -18.49
C PHE A 240 -0.88 -44.70 -18.84
N LYS A 241 -1.60 -45.13 -19.87
CA LYS A 241 -2.82 -44.42 -20.26
C LYS A 241 -3.83 -44.40 -19.11
N SER A 242 -3.78 -45.41 -18.24
CA SER A 242 -4.63 -45.39 -17.06
C SER A 242 -4.11 -44.41 -16.02
N ILE A 243 -2.79 -44.36 -15.83
CA ILE A 243 -2.21 -43.48 -14.83
C ILE A 243 -2.32 -42.02 -15.28
N TRP A 244 -1.99 -41.77 -16.54
CA TRP A 244 -1.96 -40.39 -17.03
C TRP A 244 -3.33 -39.76 -17.02
N ASN A 245 -4.36 -40.50 -17.43
CA ASN A 245 -5.70 -39.97 -17.58
C ASN A 245 -6.58 -40.24 -16.36
N ASN A 246 -5.98 -40.51 -15.21
CA ASN A 246 -6.76 -40.72 -14.00
C ASN A 246 -7.35 -39.40 -13.51
N ARG A 247 -8.48 -39.49 -12.81
CA ARG A 247 -9.15 -38.30 -12.29
C ARG A 247 -8.42 -37.67 -11.13
N TRP A 248 -7.82 -38.47 -10.26
CA TRP A 248 -7.16 -37.95 -9.06
C TRP A 248 -5.69 -37.63 -9.29
N LEU A 249 -5.05 -38.27 -10.28
CA LEU A 249 -3.70 -37.94 -10.67
C LEU A 249 -3.66 -36.88 -11.78
N ARG A 250 -4.70 -36.05 -11.85
CA ARG A 250 -4.82 -35.10 -12.96
C ARG A 250 -3.66 -34.11 -12.98
N THR A 251 -3.25 -33.62 -11.82
CA THR A 251 -2.24 -32.58 -11.72
C THR A 251 -0.86 -33.13 -11.33
N ILE A 252 -0.66 -34.44 -11.42
CA ILE A 252 0.59 -35.08 -11.02
C ILE A 252 1.40 -35.41 -12.27
N SER A 253 2.64 -34.93 -12.30
CA SER A 253 3.55 -35.25 -13.40
C SER A 253 4.12 -36.65 -13.21
N VAL A 254 4.61 -37.22 -14.32
CA VAL A 254 5.08 -38.61 -14.34
C VAL A 254 6.52 -38.61 -14.82
N ILE A 255 7.41 -39.19 -14.01
CA ILE A 255 8.75 -39.52 -14.48
C ILE A 255 8.74 -40.95 -15.01
N LEU A 256 9.29 -41.14 -16.21
CA LEU A 256 9.16 -42.41 -16.91
C LEU A 256 10.57 -42.92 -17.23
N PHE A 257 10.99 -43.96 -16.52
CA PHE A 257 12.27 -44.61 -16.77
C PHE A 257 12.05 -45.80 -17.71
N LEU A 258 12.79 -45.82 -18.81
CA LEU A 258 12.85 -46.98 -19.69
C LEU A 258 14.06 -47.81 -19.26
N ASN A 259 13.79 -48.95 -18.64
CA ASN A 259 14.79 -49.75 -17.96
C ASN A 259 15.32 -50.86 -18.85
N LYS A 260 16.48 -51.40 -18.46
CA LYS A 260 17.11 -52.51 -19.17
C LYS A 260 17.30 -52.19 -20.65
N GLN A 261 17.95 -51.05 -20.90
CA GLN A 261 18.25 -50.65 -22.26
C GLN A 261 19.32 -51.53 -22.89
N ASP A 262 20.24 -52.07 -22.08
CA ASP A 262 21.23 -53.00 -22.61
C ASP A 262 20.57 -54.26 -23.15
N LEU A 263 19.56 -54.78 -22.45
CA LEU A 263 18.84 -55.95 -22.97
C LEU A 263 18.18 -55.63 -24.31
N LEU A 264 17.60 -54.44 -24.44
CA LEU A 264 17.09 -54.01 -25.73
C LEU A 264 18.20 -53.97 -26.77
N ALA A 265 19.40 -53.53 -26.36
CA ALA A 265 20.51 -53.48 -27.30
C ALA A 265 20.84 -54.87 -27.83
N GLU A 266 20.92 -55.87 -26.94
CA GLU A 266 21.18 -57.23 -27.41
C GLU A 266 20.03 -57.74 -28.28
N LYS A 267 18.79 -57.48 -27.88
CA LYS A 267 17.64 -57.96 -28.65
C LYS A 267 17.58 -57.32 -30.03
N VAL A 268 18.12 -56.12 -30.19
CA VAL A 268 18.15 -55.45 -31.48
C VAL A 268 19.33 -55.91 -32.33
N LEU A 269 20.53 -55.98 -31.74
CA LEU A 269 21.70 -56.44 -32.48
C LEU A 269 21.60 -57.90 -32.87
N ALA A 270 20.71 -58.67 -32.23
CA ALA A 270 20.56 -60.07 -32.57
C ALA A 270 19.93 -60.28 -33.94
N GLY A 271 19.39 -59.24 -34.56
CA GLY A 271 18.77 -59.38 -35.86
C GLY A 271 17.50 -60.21 -35.84
N LYS A 272 16.72 -60.14 -34.77
CA LYS A 272 15.45 -60.84 -34.73
C LYS A 272 14.48 -60.28 -35.77
N SER A 273 14.46 -58.97 -35.95
CA SER A 273 13.60 -58.32 -36.93
C SER A 273 12.13 -58.65 -36.68
N LYS A 274 11.74 -58.67 -35.41
CA LYS A 274 10.34 -58.88 -35.04
C LYS A 274 9.75 -57.69 -34.29
N ILE A 275 10.47 -56.58 -34.17
CA ILE A 275 9.88 -55.38 -33.57
C ILE A 275 8.71 -54.91 -34.43
N GLU A 276 8.83 -55.02 -35.75
CA GLU A 276 7.72 -54.68 -36.63
C GLU A 276 6.53 -55.61 -36.43
N ASP A 277 6.79 -56.86 -36.01
CA ASP A 277 5.71 -57.82 -35.87
C ASP A 277 4.70 -57.38 -34.83
N TYR A 278 5.17 -56.89 -33.67
CA TYR A 278 4.25 -56.45 -32.62
C TYR A 278 3.78 -55.02 -32.89
N PHE A 279 4.69 -54.13 -33.23
CA PHE A 279 4.36 -52.74 -33.56
C PHE A 279 4.70 -52.49 -35.03
N PRO A 280 3.72 -52.49 -35.94
CA PRO A 280 4.05 -52.34 -37.36
C PRO A 280 4.46 -50.93 -37.74
N GLU A 281 4.17 -49.93 -36.91
CA GLU A 281 4.55 -48.56 -37.20
C GLU A 281 6.06 -48.38 -37.19
N PHE A 282 6.81 -49.31 -36.61
CA PHE A 282 8.26 -49.20 -36.60
C PHE A 282 8.83 -49.08 -38.01
N ALA A 283 8.19 -49.74 -38.98
CA ALA A 283 8.66 -49.66 -40.37
C ALA A 283 8.56 -48.23 -40.90
N ARG A 284 7.45 -47.55 -40.60
CA ARG A 284 7.20 -46.19 -41.05
C ARG A 284 7.64 -45.14 -40.03
N TYR A 285 8.68 -45.41 -39.26
CA TYR A 285 9.24 -44.44 -38.32
C TYR A 285 10.66 -44.08 -38.72
N THR A 286 11.05 -42.85 -38.40
CA THR A 286 12.41 -42.37 -38.60
C THR A 286 12.90 -41.71 -37.33
N THR A 287 14.19 -41.87 -37.05
CA THR A 287 14.77 -41.32 -35.83
C THR A 287 14.62 -39.80 -35.83
N PRO A 288 13.99 -39.22 -34.80
CA PRO A 288 13.86 -37.76 -34.76
C PRO A 288 15.23 -37.08 -34.77
N GLU A 289 15.29 -35.92 -35.45
CA GLU A 289 16.55 -35.21 -35.57
C GLU A 289 17.02 -34.64 -34.24
N ASP A 290 16.13 -34.49 -33.26
CA ASP A 290 16.52 -34.00 -31.94
C ASP A 290 17.14 -35.08 -31.07
N ALA A 291 17.23 -36.31 -31.58
CA ALA A 291 17.83 -37.40 -30.82
C ALA A 291 19.29 -37.10 -30.51
N THR A 292 19.73 -37.53 -29.33
CA THR A 292 21.11 -37.36 -28.88
C THR A 292 21.66 -38.69 -28.41
N PRO A 293 21.91 -39.61 -29.33
CA PRO A 293 22.39 -40.94 -28.94
C PRO A 293 23.82 -40.89 -28.43
N GLU A 294 24.16 -41.90 -27.62
CA GLU A 294 25.51 -41.99 -27.09
C GLU A 294 26.51 -42.25 -28.22
N PRO A 295 27.77 -41.86 -28.05
CA PRO A 295 28.77 -42.17 -29.07
C PRO A 295 29.01 -43.66 -29.17
N GLY A 296 28.71 -44.23 -30.34
CA GLY A 296 29.10 -45.60 -30.63
C GLY A 296 28.06 -46.66 -30.37
N GLU A 297 26.85 -46.49 -30.90
CA GLU A 297 25.84 -47.54 -30.90
C GLU A 297 25.20 -47.62 -32.28
N ASP A 298 24.68 -48.80 -32.59
CA ASP A 298 24.08 -49.04 -33.90
C ASP A 298 22.87 -48.14 -34.08
N PRO A 299 22.68 -47.52 -35.25
CA PRO A 299 21.45 -46.76 -35.50
C PRO A 299 20.19 -47.54 -35.19
N ARG A 300 20.25 -48.87 -35.30
CA ARG A 300 19.07 -49.70 -35.08
C ARG A 300 18.56 -49.55 -33.64
N VAL A 301 19.45 -49.69 -32.66
CA VAL A 301 19.04 -49.61 -31.26
C VAL A 301 18.56 -48.20 -30.93
N THR A 302 19.23 -47.19 -31.49
CA THR A 302 18.77 -45.81 -31.28
C THR A 302 17.36 -45.62 -31.82
N ARG A 303 17.11 -46.12 -33.03
CA ARG A 303 15.78 -46.00 -33.61
C ARG A 303 14.74 -46.72 -32.76
N ALA A 304 15.06 -47.92 -32.28
CA ALA A 304 14.10 -48.67 -31.48
C ALA A 304 13.79 -47.97 -30.16
N LYS A 305 14.83 -47.54 -29.44
CA LYS A 305 14.60 -46.90 -28.15
C LYS A 305 13.85 -45.58 -28.33
N TYR A 306 14.20 -44.80 -29.36
CA TYR A 306 13.47 -43.56 -29.58
C TYR A 306 12.05 -43.81 -30.05
N PHE A 307 11.81 -44.93 -30.76
CA PHE A 307 10.44 -45.30 -31.11
C PHE A 307 9.62 -45.58 -29.88
N ILE A 308 10.19 -46.32 -28.92
CA ILE A 308 9.48 -46.58 -27.66
C ILE A 308 9.23 -45.28 -26.92
N ARG A 309 10.23 -44.41 -26.86
CA ARG A 309 10.08 -43.13 -26.18
C ARG A 309 8.97 -42.31 -26.80
N ASP A 310 8.96 -42.22 -28.13
CA ASP A 310 7.91 -41.47 -28.82
C ASP A 310 6.55 -42.12 -28.66
N GLU A 311 6.48 -43.45 -28.61
CA GLU A 311 5.20 -44.10 -28.35
C GLU A 311 4.65 -43.72 -26.99
N PHE A 312 5.51 -43.69 -25.97
CA PHE A 312 5.04 -43.25 -24.65
C PHE A 312 4.67 -41.77 -24.66
N LEU A 313 5.47 -40.93 -25.31
CA LEU A 313 5.20 -39.50 -25.33
C LEU A 313 3.93 -39.17 -26.12
N ARG A 314 3.54 -40.03 -27.06
CA ARG A 314 2.28 -39.81 -27.77
C ARG A 314 1.11 -39.86 -26.81
N ILE A 315 1.10 -40.83 -25.91
CA ILE A 315 0.05 -40.89 -24.89
C ILE A 315 0.24 -39.76 -23.89
N SER A 316 1.48 -39.43 -23.54
CA SER A 316 1.72 -38.39 -22.55
C SER A 316 1.17 -37.04 -23.01
N THR A 317 1.39 -36.69 -24.28
CA THR A 317 1.01 -35.38 -24.79
C THR A 317 -0.41 -35.32 -25.31
N ALA A 318 -1.13 -36.44 -25.31
CA ALA A 318 -2.46 -36.47 -25.90
C ALA A 318 -3.46 -35.62 -25.14
N SER A 319 -3.40 -35.61 -23.81
CA SER A 319 -4.42 -34.91 -23.01
C SER A 319 -3.76 -34.35 -21.76
N GLY A 320 -3.97 -33.06 -21.50
CA GLY A 320 -3.56 -32.44 -20.26
C GLY A 320 -2.08 -32.14 -20.14
N ASP A 321 -1.33 -32.16 -21.24
CA ASP A 321 0.11 -31.94 -21.15
C ASP A 321 0.47 -30.54 -20.68
N GLY A 322 -0.37 -29.54 -20.92
CA GLY A 322 -0.06 -28.19 -20.48
C GLY A 322 -0.25 -28.00 -18.98
N ARG A 323 -0.85 -28.99 -18.32
CA ARG A 323 -1.11 -28.96 -16.88
C ARG A 323 -0.15 -29.82 -16.08
N HIS A 324 0.16 -31.01 -16.55
CA HIS A 324 1.15 -31.88 -15.92
C HIS A 324 2.03 -32.48 -17.01
N TYR A 325 3.31 -32.65 -16.71
CA TYR A 325 4.31 -33.02 -17.70
C TYR A 325 4.73 -34.46 -17.53
N CYS A 326 5.47 -34.95 -18.52
CA CYS A 326 6.00 -36.32 -18.53
C CYS A 326 7.48 -36.24 -18.88
N TYR A 327 8.33 -36.65 -17.95
CA TYR A 327 9.77 -36.59 -18.16
C TYR A 327 10.32 -37.97 -18.46
N PRO A 328 10.74 -38.24 -19.70
CA PRO A 328 11.29 -39.55 -20.02
C PRO A 328 12.79 -39.62 -19.81
N HIS A 329 13.26 -40.84 -19.51
CA HIS A 329 14.68 -41.10 -19.39
C HIS A 329 14.96 -42.54 -19.80
N PHE A 330 16.19 -42.78 -20.26
CA PHE A 330 16.68 -44.12 -20.57
C PHE A 330 17.68 -44.50 -19.49
N THR A 331 17.45 -45.63 -18.82
CA THR A 331 18.32 -46.06 -17.74
C THR A 331 18.52 -47.56 -17.79
N CYS A 332 19.65 -48.01 -17.27
CA CYS A 332 19.94 -49.43 -17.12
C CYS A 332 20.00 -49.78 -15.64
N SER A 333 19.85 -51.08 -15.35
CA SER A 333 19.88 -51.54 -13.97
C SER A 333 21.21 -51.24 -13.30
N VAL A 334 22.29 -51.06 -14.08
CA VAL A 334 23.61 -50.79 -13.52
C VAL A 334 23.87 -49.31 -13.32
N ASP A 335 22.99 -48.44 -13.80
CA ASP A 335 23.24 -47.00 -13.73
C ASP A 335 23.13 -46.51 -12.29
N THR A 336 24.12 -45.73 -11.86
CA THR A 336 24.11 -45.09 -10.55
C THR A 336 23.73 -43.62 -10.62
N GLU A 337 23.39 -43.12 -11.81
CA GLU A 337 23.08 -41.71 -12.00
C GLU A 337 21.59 -41.40 -11.89
N ASN A 338 20.76 -42.39 -11.60
CA ASN A 338 19.32 -42.16 -11.56
C ASN A 338 18.93 -41.17 -10.48
N ALA A 339 19.59 -41.22 -9.32
CA ALA A 339 19.22 -40.31 -8.23
C ALA A 339 19.31 -38.87 -8.69
N ARG A 340 20.35 -38.52 -9.44
CA ARG A 340 20.44 -37.18 -10.01
C ARG A 340 19.29 -36.92 -10.97
N ARG A 341 18.88 -37.93 -11.73
CA ARG A 341 17.77 -37.75 -12.66
C ARG A 341 16.48 -37.42 -11.94
N ILE A 342 16.18 -38.13 -10.85
CA ILE A 342 15.00 -37.80 -10.05
C ILE A 342 15.14 -36.44 -9.39
N PHE A 343 16.33 -36.09 -8.90
CA PHE A 343 16.51 -34.78 -8.27
C PHE A 343 16.24 -33.66 -9.27
N ASN A 344 16.79 -33.77 -10.48
CA ASN A 344 16.58 -32.76 -11.50
C ASN A 344 15.11 -32.71 -11.92
N ASP A 345 14.48 -33.87 -12.09
CA ASP A 345 13.07 -33.88 -12.46
C ASP A 345 12.19 -33.24 -11.40
N CYS A 346 12.44 -33.53 -10.12
CA CYS A 346 11.69 -32.89 -9.05
C CYS A 346 11.95 -31.38 -9.00
N ARG A 347 13.20 -30.96 -9.18
CA ARG A 347 13.48 -29.53 -9.23
C ARG A 347 12.68 -28.86 -10.34
N ASP A 348 12.71 -29.44 -11.54
CA ASP A 348 11.98 -28.87 -12.66
C ASP A 348 10.49 -28.84 -12.39
N ILE A 349 9.94 -29.92 -11.82
CA ILE A 349 8.51 -29.99 -11.57
C ILE A 349 8.10 -28.92 -10.57
N ILE A 350 8.85 -28.78 -9.48
CA ILE A 350 8.47 -27.81 -8.45
C ILE A 350 8.64 -26.39 -8.98
N GLN A 351 9.70 -26.14 -9.75
CA GLN A 351 9.87 -24.83 -10.36
C GLN A 351 8.69 -24.49 -11.27
N ARG A 352 8.34 -25.40 -12.17
CA ARG A 352 7.23 -25.15 -13.07
C ARG A 352 5.92 -24.98 -12.32
N MET A 353 5.71 -25.75 -11.25
CA MET A 353 4.53 -25.57 -10.42
C MET A 353 4.48 -24.19 -9.80
N HIS A 354 5.62 -23.69 -9.29
CA HIS A 354 5.67 -22.31 -8.83
C HIS A 354 5.32 -21.37 -9.97
N LEU A 355 5.73 -21.72 -11.20
CA LEU A 355 5.50 -20.83 -12.34
C LEU A 355 4.02 -20.61 -12.65
N ARG A 356 3.17 -21.64 -12.58
CA ARG A 356 1.75 -21.34 -12.83
C ARG A 356 1.16 -20.42 -11.78
N GLN A 357 1.51 -20.59 -10.50
CA GLN A 357 0.98 -19.68 -9.49
C GLN A 357 1.65 -18.31 -9.56
N TYR A 358 2.80 -18.21 -10.21
CA TYR A 358 3.38 -16.93 -10.61
C TYR A 358 3.01 -16.56 -12.04
N GLU A 359 2.15 -17.36 -12.69
CA GLU A 359 1.55 -17.04 -13.97
C GLU A 359 2.55 -17.09 -15.13
N LEU A 360 3.80 -17.42 -14.85
CA LEU A 360 4.83 -17.33 -15.88
C LEU A 360 4.55 -18.26 -17.06
N LEU A 361 4.00 -19.45 -16.81
CA LEU A 361 3.59 -20.34 -17.88
C LEU A 361 2.11 -20.14 -18.18
N GLU B 13 -19.56 -79.02 -14.97
CA GLU B 13 -19.51 -78.06 -16.12
C GLU B 13 -20.20 -76.75 -15.75
N LEU B 14 -19.75 -75.66 -16.37
CA LEU B 14 -20.22 -74.33 -15.98
C LEU B 14 -21.71 -74.15 -16.30
N ASP B 15 -22.16 -74.68 -17.43
CA ASP B 15 -23.44 -74.26 -17.99
C ASP B 15 -24.61 -74.58 -17.06
N GLN B 16 -24.69 -75.81 -16.55
CA GLN B 16 -25.85 -76.20 -15.76
C GLN B 16 -25.91 -75.43 -14.44
N LEU B 17 -24.78 -75.26 -13.78
CA LEU B 17 -24.78 -74.49 -12.53
C LEU B 17 -25.09 -73.02 -12.82
N ARG B 18 -24.59 -72.50 -13.93
CA ARG B 18 -24.87 -71.11 -14.29
C ARG B 18 -26.36 -70.89 -14.52
N GLN B 19 -27.01 -71.79 -15.25
CA GLN B 19 -28.44 -71.63 -15.50
C GLN B 19 -29.25 -71.86 -14.22
N GLU B 20 -28.80 -72.77 -13.35
CA GLU B 20 -29.47 -72.93 -12.06
C GLU B 20 -29.39 -71.66 -11.23
N ALA B 21 -28.21 -71.03 -11.19
CA ALA B 21 -28.06 -69.77 -10.47
C ALA B 21 -28.91 -68.68 -11.09
N GLU B 22 -28.99 -68.65 -12.43
CA GLU B 22 -29.83 -67.66 -13.09
C GLU B 22 -31.29 -67.86 -12.72
N GLN B 23 -31.76 -69.11 -12.68
CA GLN B 23 -33.13 -69.38 -12.27
C GLN B 23 -33.36 -68.96 -10.82
N LEU B 24 -32.39 -69.22 -9.94
CA LEU B 24 -32.52 -68.80 -8.55
C LEU B 24 -32.62 -67.28 -8.44
N LYS B 25 -31.79 -66.56 -9.21
CA LYS B 25 -31.83 -65.11 -9.19
C LYS B 25 -33.16 -64.59 -9.72
N ASN B 26 -33.68 -65.22 -10.78
CA ASN B 26 -34.99 -64.83 -11.30
C ASN B 26 -36.08 -65.07 -10.26
N GLN B 27 -36.00 -66.18 -9.53
CA GLN B 27 -36.98 -66.45 -8.48
C GLN B 27 -36.89 -65.39 -7.38
N ILE B 28 -35.68 -65.01 -6.99
CA ILE B 28 -35.51 -63.98 -5.97
C ILE B 28 -36.11 -62.66 -6.45
N ARG B 29 -35.83 -62.29 -7.70
CA ARG B 29 -36.38 -61.04 -8.23
C ARG B 29 -37.90 -61.08 -8.26
N ASP B 30 -38.48 -62.21 -8.70
CA ASP B 30 -39.93 -62.31 -8.74
C ASP B 30 -40.53 -62.21 -7.35
N ALA B 31 -39.91 -62.87 -6.37
CA ALA B 31 -40.43 -62.78 -5.00
C ALA B 31 -40.35 -61.35 -4.47
N ARG B 32 -39.23 -60.67 -4.74
CA ARG B 32 -39.09 -59.29 -4.27
C ARG B 32 -40.13 -58.38 -4.92
N LYS B 33 -40.36 -58.54 -6.23
CA LYS B 33 -41.36 -57.73 -6.90
C LYS B 33 -42.75 -58.03 -6.35
N ALA B 34 -43.07 -59.30 -6.12
CA ALA B 34 -44.37 -59.64 -5.54
C ALA B 34 -44.50 -59.06 -4.13
N CYS B 35 -43.38 -58.91 -3.43
CA CYS B 35 -43.38 -58.35 -2.09
C CYS B 35 -43.31 -56.83 -2.07
N ALA B 36 -43.16 -56.19 -3.25
CA ALA B 36 -43.09 -54.73 -3.33
C ALA B 36 -44.48 -54.15 -3.56
N ASP B 37 -45.34 -54.32 -2.56
CA ASP B 37 -46.72 -53.83 -2.66
C ASP B 37 -46.77 -52.32 -2.80
N ALA B 38 -45.95 -51.61 -2.03
CA ALA B 38 -45.94 -50.15 -2.06
C ALA B 38 -44.57 -49.64 -1.63
N THR B 39 -44.18 -48.49 -2.17
CA THR B 39 -42.90 -47.90 -1.83
C THR B 39 -43.03 -47.01 -0.58
N LEU B 40 -41.89 -46.59 -0.05
CA LEU B 40 -41.89 -45.78 1.16
C LEU B 40 -42.56 -44.43 0.92
N SER B 41 -42.30 -43.81 -0.24
CA SER B 41 -42.88 -42.51 -0.52
C SER B 41 -44.41 -42.56 -0.54
N GLN B 42 -44.98 -43.67 -0.99
CA GLN B 42 -46.43 -43.78 -1.05
C GLN B 42 -47.06 -43.67 0.33
N ILE B 43 -46.46 -44.33 1.33
CA ILE B 43 -47.02 -44.32 2.67
C ILE B 43 -46.55 -43.14 3.50
N THR B 44 -45.46 -42.47 3.09
CA THR B 44 -44.92 -41.34 3.85
C THR B 44 -45.62 -40.02 3.51
N ASN B 45 -46.44 -39.99 2.47
CA ASN B 45 -46.99 -38.72 2.00
C ASN B 45 -47.72 -37.96 3.10
N ASN B 46 -48.32 -38.68 4.06
CA ASN B 46 -49.05 -38.02 5.14
C ASN B 46 -48.14 -37.36 6.16
N ILE B 47 -46.84 -37.67 6.14
CA ILE B 47 -45.91 -37.11 7.11
C ILE B 47 -45.57 -35.68 6.69
N ASP B 48 -45.65 -34.76 7.63
CA ASP B 48 -45.28 -33.37 7.37
C ASP B 48 -43.76 -33.23 7.40
N PRO B 49 -43.12 -32.78 6.34
CA PRO B 49 -41.65 -32.71 6.35
C PRO B 49 -41.15 -31.67 7.35
N VAL B 50 -39.99 -31.95 7.92
CA VAL B 50 -39.37 -31.02 8.86
C VAL B 50 -38.82 -29.82 8.10
N GLY B 51 -38.76 -28.68 8.77
CA GLY B 51 -38.27 -27.48 8.15
C GLY B 51 -36.77 -27.54 7.88
N ARG B 52 -36.28 -26.48 7.24
CA ARG B 52 -34.87 -26.41 6.92
C ARG B 52 -34.03 -26.54 8.20
N ILE B 53 -32.99 -27.37 8.12
CA ILE B 53 -32.16 -27.70 9.27
C ILE B 53 -31.03 -26.68 9.36
N GLN B 54 -30.87 -26.07 10.52
CA GLN B 54 -29.86 -25.04 10.74
C GLN B 54 -28.66 -25.68 11.43
N MET B 55 -27.60 -25.93 10.67
CA MET B 55 -26.34 -26.44 11.20
C MET B 55 -25.26 -25.41 10.94
N ARG B 56 -24.52 -25.04 11.99
CA ARG B 56 -23.46 -24.06 11.89
C ARG B 56 -22.23 -24.59 12.60
N THR B 57 -21.05 -24.32 12.04
CA THR B 57 -19.80 -24.81 12.62
C THR B 57 -19.66 -24.33 14.05
N ARG B 58 -19.54 -25.28 14.98
CA ARG B 58 -19.35 -24.97 16.39
C ARG B 58 -17.89 -25.08 16.81
N ARG B 59 -17.09 -25.91 16.14
CA ARG B 59 -15.68 -26.08 16.45
C ARG B 59 -14.92 -26.28 15.14
N THR B 60 -13.62 -26.03 15.19
CA THR B 60 -12.75 -26.31 14.05
C THR B 60 -11.46 -26.89 14.62
N LEU B 61 -11.38 -28.22 14.68
CA LEU B 61 -10.28 -28.93 15.35
C LEU B 61 -9.08 -28.98 14.42
N ARG B 62 -8.50 -27.81 14.17
CA ARG B 62 -7.34 -27.71 13.31
C ARG B 62 -6.09 -28.19 14.05
N GLY B 63 -4.94 -28.06 13.40
CA GLY B 63 -3.70 -28.56 13.93
C GLY B 63 -3.28 -29.91 13.40
N HIS B 64 -3.96 -30.42 12.38
CA HIS B 64 -3.67 -31.73 11.80
C HIS B 64 -2.93 -31.52 10.49
N LEU B 65 -1.89 -32.30 10.25
CA LEU B 65 -0.92 -31.99 9.20
C LEU B 65 -1.40 -32.42 7.81
N ALA B 66 -1.61 -33.71 7.61
CA ALA B 66 -1.95 -34.25 6.30
C ALA B 66 -3.46 -34.26 6.13
N LYS B 67 -3.92 -34.67 4.94
CA LYS B 67 -5.34 -34.65 4.63
C LYS B 67 -6.04 -35.77 5.40
N ILE B 68 -7.07 -35.41 6.17
CA ILE B 68 -7.78 -36.40 6.95
C ILE B 68 -8.55 -37.32 6.02
N TYR B 69 -8.37 -38.63 6.22
CA TYR B 69 -9.07 -39.63 5.43
C TYR B 69 -10.03 -40.47 6.26
N ALA B 70 -9.91 -40.45 7.59
CA ALA B 70 -10.79 -41.25 8.43
C ALA B 70 -10.83 -40.61 9.82
N MET B 71 -12.03 -40.61 10.41
CA MET B 71 -12.21 -40.20 11.78
C MET B 71 -13.26 -41.11 12.40
N HIS B 72 -13.52 -40.89 13.69
CA HIS B 72 -14.57 -41.63 14.36
C HIS B 72 -14.84 -41.01 15.72
N TRP B 73 -16.08 -41.13 16.18
CA TRP B 73 -16.48 -40.63 17.49
C TRP B 73 -16.36 -41.71 18.55
N GLY B 74 -16.15 -41.26 19.79
CA GLY B 74 -16.12 -42.18 20.91
C GLY B 74 -17.52 -42.52 21.40
N THR B 75 -17.58 -43.55 22.24
CA THR B 75 -18.87 -43.98 22.77
C THR B 75 -19.49 -42.91 23.66
N ASP B 76 -18.68 -42.25 24.48
CA ASP B 76 -19.19 -41.23 25.41
C ASP B 76 -19.42 -39.88 24.75
N SER B 77 -19.09 -39.74 23.46
CA SER B 77 -19.22 -38.50 22.71
C SER B 77 -18.26 -37.42 23.19
N ARG B 78 -17.27 -37.77 24.01
CA ARG B 78 -16.27 -36.81 24.48
C ARG B 78 -15.05 -36.80 23.56
N LEU B 79 -14.41 -37.94 23.40
CA LEU B 79 -13.19 -38.05 22.60
C LEU B 79 -13.50 -38.54 21.19
N LEU B 80 -12.72 -38.06 20.23
CA LEU B 80 -12.83 -38.48 18.85
C LEU B 80 -11.44 -38.68 18.28
N VAL B 81 -11.34 -39.45 17.21
CA VAL B 81 -10.05 -39.75 16.59
C VAL B 81 -10.08 -39.32 15.14
N SER B 82 -8.95 -38.80 14.68
CA SER B 82 -8.74 -38.51 13.26
C SER B 82 -7.36 -39.02 12.87
N ALA B 83 -7.30 -39.81 11.80
CA ALA B 83 -6.05 -40.40 11.33
C ALA B 83 -5.73 -39.85 9.95
N SER B 84 -4.50 -39.37 9.76
CA SER B 84 -4.08 -38.79 8.50
C SER B 84 -3.02 -39.67 7.84
N GLN B 85 -2.49 -39.19 6.71
CA GLN B 85 -1.55 -39.94 5.89
C GLN B 85 -0.10 -39.58 6.20
N ASP B 86 0.14 -38.76 7.21
CA ASP B 86 1.49 -38.43 7.65
C ASP B 86 2.00 -39.36 8.74
N GLY B 87 1.19 -40.32 9.18
CA GLY B 87 1.57 -41.19 10.27
C GLY B 87 0.92 -40.81 11.59
N LYS B 88 0.14 -39.73 11.57
CA LYS B 88 -0.49 -39.22 12.78
C LYS B 88 -1.89 -39.79 12.97
N LEU B 89 -2.17 -40.17 14.21
CA LEU B 89 -3.51 -40.56 14.66
C LEU B 89 -3.79 -39.75 15.93
N ILE B 90 -4.57 -38.68 15.81
CA ILE B 90 -4.75 -37.74 16.91
C ILE B 90 -6.10 -37.99 17.56
N ILE B 91 -6.09 -37.97 18.89
CA ILE B 91 -7.26 -38.14 19.73
C ILE B 91 -7.58 -36.78 20.34
N TRP B 92 -8.72 -36.21 19.94
CA TRP B 92 -9.18 -34.90 20.33
C TRP B 92 -10.26 -34.99 21.40
N ASP B 93 -10.27 -34.00 22.29
CA ASP B 93 -11.41 -33.73 23.15
C ASP B 93 -12.29 -32.71 22.44
N SER B 94 -13.45 -33.16 21.95
CA SER B 94 -14.28 -32.30 21.11
C SER B 94 -14.69 -31.01 21.82
N TYR B 95 -14.87 -31.07 23.14
CA TYR B 95 -15.40 -29.92 23.87
C TYR B 95 -14.44 -28.73 23.81
N THR B 96 -13.14 -28.98 24.05
CA THR B 96 -12.17 -27.91 24.16
C THR B 96 -10.98 -28.12 23.24
N THR B 97 -11.20 -28.79 22.11
CA THR B 97 -10.20 -28.97 21.06
C THR B 97 -8.81 -29.25 21.63
N ASN B 98 -8.72 -30.14 22.63
CA ASN B 98 -7.47 -30.51 23.25
C ASN B 98 -6.93 -31.77 22.58
N LYS B 99 -5.67 -31.73 22.15
CA LYS B 99 -5.03 -32.90 21.54
C LYS B 99 -4.70 -33.88 22.66
N VAL B 100 -5.70 -34.68 23.02
CA VAL B 100 -5.55 -35.60 24.15
C VAL B 100 -4.45 -36.61 23.86
N HIS B 101 -4.33 -37.06 22.61
CA HIS B 101 -3.21 -37.92 22.23
C HIS B 101 -2.81 -37.64 20.79
N ALA B 102 -1.57 -37.98 20.46
CA ALA B 102 -1.06 -37.90 19.09
C ALA B 102 -0.14 -39.09 18.88
N ILE B 103 -0.69 -40.18 18.35
CA ILE B 103 0.08 -41.40 18.15
C ILE B 103 0.80 -41.33 16.80
N PRO B 104 2.13 -41.48 16.77
CA PRO B 104 2.82 -41.65 15.49
C PRO B 104 2.81 -43.11 15.06
N LEU B 105 2.55 -43.34 13.78
CA LEU B 105 2.32 -44.67 13.25
C LEU B 105 3.50 -45.14 12.40
N ARG B 106 3.50 -46.43 12.11
CA ARG B 106 4.58 -47.03 11.32
C ARG B 106 4.43 -46.71 9.84
N SER B 107 3.32 -47.14 9.24
CA SER B 107 3.03 -46.87 7.84
C SER B 107 2.34 -45.52 7.72
N SER B 108 2.85 -44.67 6.83
CA SER B 108 2.32 -43.32 6.71
C SER B 108 0.87 -43.30 6.25
N TRP B 109 0.42 -44.24 5.43
CA TRP B 109 -0.92 -44.24 4.87
C TRP B 109 -1.85 -44.94 5.86
N VAL B 110 -2.89 -44.23 6.29
CA VAL B 110 -3.91 -44.75 7.20
C VAL B 110 -5.27 -44.52 6.54
N MET B 111 -6.09 -45.59 6.48
CA MET B 111 -7.39 -45.52 5.83
C MET B 111 -8.56 -45.82 6.76
N THR B 112 -8.35 -45.85 8.08
CA THR B 112 -9.45 -46.09 8.99
C THR B 112 -8.99 -45.85 10.43
N CYS B 113 -9.94 -45.91 11.35
CA CYS B 113 -9.70 -45.78 12.78
C CYS B 113 -10.96 -46.20 13.51
N ALA B 114 -10.81 -46.64 14.76
CA ALA B 114 -11.94 -47.16 15.51
C ALA B 114 -11.78 -46.97 17.02
N TYR B 115 -12.63 -47.64 17.80
CA TYR B 115 -12.59 -47.56 19.26
C TYR B 115 -13.04 -48.90 19.82
N ALA B 116 -12.41 -49.34 20.90
CA ALA B 116 -13.09 -50.29 21.78
C ALA B 116 -14.30 -49.60 22.39
N PRO B 117 -15.47 -50.25 22.39
CA PRO B 117 -16.66 -49.54 22.86
C PRO B 117 -16.54 -49.02 24.28
N SER B 118 -15.72 -49.68 25.11
CA SER B 118 -15.44 -49.15 26.44
C SER B 118 -14.66 -47.84 26.36
N GLY B 119 -13.96 -47.62 25.25
CA GLY B 119 -13.13 -46.44 25.07
C GLY B 119 -11.66 -46.63 25.37
N ASN B 120 -11.20 -47.87 25.52
CA ASN B 120 -9.82 -48.12 25.92
C ASN B 120 -8.87 -48.11 24.72
N TYR B 121 -9.13 -48.98 23.74
CA TYR B 121 -8.22 -49.19 22.63
C TYR B 121 -8.64 -48.38 21.41
N VAL B 122 -7.70 -48.26 20.47
CA VAL B 122 -7.97 -47.69 19.15
C VAL B 122 -7.32 -48.61 18.12
N ALA B 123 -7.79 -48.48 16.87
CA ALA B 123 -7.33 -49.32 15.78
C ALA B 123 -7.01 -48.45 14.58
N CYS B 124 -6.21 -49.01 13.66
CA CYS B 124 -5.87 -48.31 12.43
C CYS B 124 -5.43 -49.34 11.40
N GLY B 125 -5.45 -48.92 10.13
CA GLY B 125 -5.03 -49.76 9.02
C GLY B 125 -4.75 -48.92 7.80
N GLY B 126 -4.23 -49.57 6.76
CA GLY B 126 -3.89 -48.86 5.55
C GLY B 126 -3.21 -49.78 4.55
N LEU B 127 -2.40 -49.18 3.67
CA LEU B 127 -1.71 -49.93 2.62
C LEU B 127 -0.68 -50.90 3.16
N ASP B 128 -0.32 -50.80 4.44
CA ASP B 128 0.66 -51.72 5.04
C ASP B 128 0.12 -53.12 5.19
N ASN B 129 -1.17 -53.35 4.92
CA ASN B 129 -1.84 -54.63 4.98
C ASN B 129 -1.99 -55.14 6.41
N ILE B 130 -1.54 -54.38 7.41
CA ILE B 130 -1.51 -54.84 8.79
C ILE B 130 -2.36 -53.89 9.61
N CYS B 131 -3.38 -54.42 10.27
CA CYS B 131 -4.11 -53.66 11.27
C CYS B 131 -3.24 -53.49 12.51
N SER B 132 -3.36 -52.33 13.15
CA SER B 132 -2.61 -52.06 14.37
C SER B 132 -3.55 -51.57 15.44
N ILE B 133 -3.47 -52.19 16.62
CA ILE B 133 -4.29 -51.84 17.76
C ILE B 133 -3.39 -51.22 18.82
N TYR B 134 -3.74 -50.00 19.23
CA TYR B 134 -3.03 -49.28 20.28
C TYR B 134 -3.88 -49.20 21.53
N ASN B 135 -3.22 -49.16 22.68
CA ASN B 135 -3.87 -49.08 23.98
C ASN B 135 -3.64 -47.69 24.58
N LEU B 136 -4.71 -47.09 25.08
CA LEU B 136 -4.66 -45.77 25.68
C LEU B 136 -4.53 -45.80 27.20
N LYS B 137 -5.29 -46.67 27.87
CA LYS B 137 -5.23 -46.78 29.33
C LYS B 137 -4.06 -47.68 29.74
N THR B 138 -2.86 -47.26 29.35
CA THR B 138 -1.65 -47.99 29.68
C THR B 138 -1.20 -47.63 31.09
N ARG B 139 0.01 -48.04 31.47
CA ARG B 139 0.48 -47.85 32.84
C ARG B 139 1.18 -46.51 33.01
N GLU B 140 2.22 -46.26 32.22
CA GLU B 140 3.03 -45.04 32.34
C GLU B 140 2.55 -43.93 31.42
N GLY B 141 1.38 -44.10 30.79
CA GLY B 141 0.90 -43.13 29.84
C GLY B 141 1.58 -43.18 28.49
N ASN B 142 2.42 -44.18 28.24
CA ASN B 142 3.13 -44.31 26.96
C ASN B 142 2.26 -45.12 26.01
N VAL B 143 1.72 -44.47 24.98
CA VAL B 143 0.87 -45.13 24.00
C VAL B 143 1.78 -45.86 23.02
N ARG B 144 1.65 -47.19 22.99
CA ARG B 144 2.44 -48.03 22.11
C ARG B 144 1.55 -49.11 21.51
N VAL B 145 2.05 -49.74 20.45
CA VAL B 145 1.28 -50.77 19.77
C VAL B 145 0.87 -51.84 20.77
N SER B 146 -0.43 -51.98 20.99
CA SER B 146 -0.95 -53.09 21.78
C SER B 146 -0.86 -54.41 21.03
N ARG B 147 -1.03 -54.38 19.71
CA ARG B 147 -0.84 -55.56 18.87
C ARG B 147 -0.83 -55.15 17.41
N GLU B 148 -0.29 -56.04 16.57
CA GLU B 148 -0.23 -55.85 15.13
C GLU B 148 -0.83 -57.10 14.49
N LEU B 149 -2.08 -56.98 14.04
CA LEU B 149 -2.83 -58.11 13.48
C LEU B 149 -2.54 -58.21 11.99
N ALA B 150 -1.45 -58.90 11.67
CA ALA B 150 -1.09 -59.12 10.28
C ALA B 150 -1.80 -60.38 9.75
N GLY B 151 -1.85 -60.48 8.43
CA GLY B 151 -2.45 -61.65 7.79
C GLY B 151 -3.25 -61.34 6.53
N HIS B 152 -3.73 -60.10 6.40
CA HIS B 152 -4.48 -59.73 5.22
C HIS B 152 -3.56 -59.62 4.00
N THR B 153 -4.15 -59.76 2.82
CA THR B 153 -3.45 -59.64 1.55
C THR B 153 -4.00 -58.50 0.71
N GLY B 154 -4.63 -57.53 1.37
CA GLY B 154 -5.18 -56.36 0.69
C GLY B 154 -5.27 -55.21 1.67
N TYR B 155 -5.28 -54.00 1.12
CA TYR B 155 -5.30 -52.82 1.97
C TYR B 155 -6.51 -52.84 2.89
N LEU B 156 -6.25 -52.59 4.17
CA LEU B 156 -7.29 -52.62 5.21
C LEU B 156 -7.92 -51.24 5.29
N SER B 157 -9.22 -51.17 4.99
CA SER B 157 -9.89 -49.89 4.79
C SER B 157 -11.09 -49.69 5.71
N CYS B 158 -11.16 -50.43 6.81
CA CYS B 158 -12.20 -50.19 7.81
C CYS B 158 -11.83 -50.92 9.09
N CYS B 159 -12.40 -50.46 10.20
CA CYS B 159 -12.18 -51.06 11.51
C CYS B 159 -13.39 -50.79 12.38
N ARG B 160 -13.90 -51.83 13.02
CA ARG B 160 -14.98 -51.70 13.98
C ARG B 160 -14.79 -52.75 15.07
N PHE B 161 -15.13 -52.36 16.29
CA PHE B 161 -14.87 -53.19 17.47
C PHE B 161 -16.20 -53.77 17.96
N LEU B 162 -16.26 -55.09 18.08
CA LEU B 162 -17.39 -55.72 18.75
C LEU B 162 -17.28 -55.52 20.25
N ASP B 163 -16.13 -55.86 20.82
CA ASP B 163 -15.81 -55.57 22.21
C ASP B 163 -14.33 -55.23 22.28
N ASP B 164 -13.80 -55.18 23.50
CA ASP B 164 -12.38 -54.86 23.69
C ASP B 164 -11.48 -56.02 23.28
N ASN B 165 -12.07 -57.18 22.98
CA ASN B 165 -11.31 -58.38 22.66
C ASN B 165 -11.47 -58.85 21.22
N GLN B 166 -12.46 -58.37 20.48
CA GLN B 166 -12.72 -58.80 19.11
C GLN B 166 -12.78 -57.59 18.20
N ILE B 167 -12.20 -57.70 17.01
CA ILE B 167 -12.21 -56.63 16.01
C ILE B 167 -12.55 -57.21 14.66
N VAL B 168 -13.53 -56.62 13.98
CA VAL B 168 -13.95 -57.07 12.66
C VAL B 168 -13.45 -56.06 11.65
N THR B 169 -12.45 -56.45 10.86
CA THR B 169 -11.83 -55.57 9.88
C THR B 169 -12.23 -55.96 8.46
N SER B 170 -12.13 -55.00 7.55
CA SER B 170 -12.40 -55.25 6.13
C SER B 170 -11.23 -54.70 5.33
N SER B 171 -10.78 -55.47 4.35
CA SER B 171 -9.61 -55.13 3.55
C SER B 171 -9.93 -55.25 2.06
N GLY B 172 -8.92 -54.99 1.23
CA GLY B 172 -9.06 -55.07 -0.22
C GLY B 172 -8.81 -56.44 -0.79
N ASP B 173 -8.80 -57.49 0.03
CA ASP B 173 -8.65 -58.86 -0.45
C ASP B 173 -9.99 -59.55 -0.68
N THR B 174 -11.09 -58.81 -0.68
CA THR B 174 -12.45 -59.31 -0.89
C THR B 174 -12.91 -60.19 0.26
N THR B 175 -12.24 -60.15 1.40
CA THR B 175 -12.58 -61.02 2.53
C THR B 175 -12.52 -60.21 3.81
N CYS B 176 -13.63 -60.17 4.54
CA CYS B 176 -13.60 -59.58 5.88
C CYS B 176 -12.98 -60.57 6.86
N ALA B 177 -12.46 -60.03 7.96
CA ALA B 177 -11.76 -60.87 8.93
C ALA B 177 -12.11 -60.44 10.34
N LEU B 178 -12.63 -61.38 11.13
CA LEU B 178 -12.85 -61.16 12.55
C LEU B 178 -11.66 -61.73 13.31
N TRP B 179 -10.93 -60.84 13.99
CA TRP B 179 -9.74 -61.15 14.76
C TRP B 179 -10.06 -61.14 16.25
N ASP B 180 -9.42 -62.04 16.98
CA ASP B 180 -9.37 -61.98 18.44
C ASP B 180 -8.07 -61.30 18.83
N ILE B 181 -8.17 -60.25 19.65
CA ILE B 181 -7.02 -59.39 19.93
C ILE B 181 -5.93 -60.19 20.61
N GLU B 182 -6.23 -60.73 21.80
CA GLU B 182 -5.21 -61.45 22.56
C GLU B 182 -4.69 -62.66 21.78
N THR B 183 -5.60 -63.44 21.19
CA THR B 183 -5.17 -64.59 20.40
C THR B 183 -4.43 -64.15 19.14
N GLY B 184 -4.90 -63.09 18.49
CA GLY B 184 -4.22 -62.57 17.32
C GLY B 184 -4.18 -63.52 16.14
N GLN B 185 -5.29 -64.19 15.86
CA GLN B 185 -5.38 -65.10 14.73
C GLN B 185 -6.72 -64.93 14.03
N GLN B 186 -6.87 -65.64 12.92
CA GLN B 186 -8.11 -65.59 12.13
C GLN B 186 -9.20 -66.34 12.89
N THR B 187 -9.87 -65.61 13.78
CA THR B 187 -11.04 -66.19 14.45
C THR B 187 -12.11 -66.53 13.44
N THR B 188 -12.35 -65.65 12.47
CA THR B 188 -13.28 -65.98 11.39
C THR B 188 -12.89 -65.20 10.15
N THR B 189 -13.18 -65.80 8.98
CA THR B 189 -12.95 -65.16 7.69
C THR B 189 -14.23 -65.23 6.87
N PHE B 190 -14.68 -64.08 6.37
CA PHE B 190 -15.86 -63.99 5.52
C PHE B 190 -15.38 -63.77 4.10
N THR B 191 -15.52 -64.79 3.25
CA THR B 191 -14.95 -64.78 1.92
C THR B 191 -15.99 -64.89 0.81
N GLY B 192 -17.27 -65.05 1.13
CA GLY B 192 -18.29 -65.16 0.11
C GLY B 192 -18.56 -63.84 -0.57
N HIS B 193 -17.53 -63.26 -1.18
CA HIS B 193 -17.62 -61.92 -1.73
C HIS B 193 -16.55 -61.73 -2.81
N THR B 194 -16.77 -60.74 -3.67
CA THR B 194 -15.81 -60.39 -4.70
C THR B 194 -15.70 -58.86 -4.77
N GLY B 195 -14.47 -58.38 -4.92
CA GLY B 195 -14.21 -56.97 -4.94
C GLY B 195 -13.77 -56.44 -3.59
N ASP B 196 -13.19 -55.24 -3.61
CA ASP B 196 -12.63 -54.65 -2.39
C ASP B 196 -13.75 -54.24 -1.44
N VAL B 197 -13.65 -54.73 -0.20
CA VAL B 197 -14.63 -54.44 0.84
C VAL B 197 -14.13 -53.25 1.63
N MET B 198 -15.00 -52.24 1.82
CA MET B 198 -14.54 -50.95 2.33
C MET B 198 -15.24 -50.43 3.57
N SER B 199 -16.47 -50.85 3.86
CA SER B 199 -17.21 -50.19 4.91
C SER B 199 -17.93 -51.24 5.75
N LEU B 200 -17.81 -51.10 7.06
CA LEU B 200 -18.43 -51.99 8.03
C LEU B 200 -19.29 -51.19 8.97
N SER B 201 -20.40 -51.79 9.39
CA SER B 201 -21.31 -51.15 10.34
C SER B 201 -21.82 -52.23 11.26
N LEU B 202 -21.77 -51.99 12.56
CA LEU B 202 -22.23 -52.94 13.56
C LEU B 202 -23.56 -52.44 14.14
N ALA B 203 -24.59 -53.25 13.98
CA ALA B 203 -25.91 -52.86 14.47
C ALA B 203 -25.89 -52.80 16.00
N PRO B 204 -26.84 -52.10 16.60
CA PRO B 204 -26.90 -52.08 18.08
C PRO B 204 -26.85 -53.49 18.66
N ASP B 205 -27.48 -54.45 18.00
CA ASP B 205 -27.24 -55.86 18.28
C ASP B 205 -26.06 -56.33 17.45
N THR B 206 -24.93 -56.58 18.09
CA THR B 206 -23.66 -56.81 17.41
C THR B 206 -23.57 -58.17 16.71
N ARG B 207 -24.63 -58.95 16.57
CA ARG B 207 -24.52 -60.25 15.92
C ARG B 207 -24.49 -60.15 14.40
N LEU B 208 -24.89 -59.02 13.84
CA LEU B 208 -24.95 -58.83 12.39
C LEU B 208 -24.20 -57.57 12.00
N PHE B 209 -23.65 -57.57 10.77
CA PHE B 209 -22.99 -56.39 10.27
C PHE B 209 -23.01 -56.39 8.75
N VAL B 210 -23.21 -55.22 8.15
CA VAL B 210 -23.26 -55.09 6.70
C VAL B 210 -21.90 -54.64 6.17
N SER B 211 -21.65 -54.91 4.89
CA SER B 211 -20.37 -54.58 4.26
C SER B 211 -20.62 -54.19 2.82
N GLY B 212 -20.03 -53.04 2.41
CA GLY B 212 -20.08 -52.60 1.04
C GLY B 212 -18.73 -52.76 0.36
N ALA B 213 -18.73 -52.67 -0.97
CA ALA B 213 -17.54 -52.97 -1.75
C ALA B 213 -17.66 -52.32 -3.12
N CYS B 214 -16.72 -52.67 -4.00
CA CYS B 214 -16.67 -52.17 -5.37
C CYS B 214 -17.54 -52.96 -6.34
N ASP B 215 -18.13 -54.06 -5.89
CA ASP B 215 -18.97 -54.89 -6.74
C ASP B 215 -20.40 -54.38 -6.84
N ALA B 216 -20.68 -53.22 -6.23
CA ALA B 216 -21.99 -52.59 -6.24
C ALA B 216 -23.05 -53.41 -5.54
N SER B 217 -22.66 -54.40 -4.73
CA SER B 217 -23.60 -55.25 -4.01
C SER B 217 -23.14 -55.36 -2.56
N ALA B 218 -23.85 -54.67 -1.67
CA ALA B 218 -23.59 -54.83 -0.24
C ALA B 218 -24.09 -56.17 0.24
N LYS B 219 -23.54 -56.64 1.36
CA LYS B 219 -23.89 -57.93 1.92
C LYS B 219 -24.10 -57.79 3.43
N LEU B 220 -24.90 -58.70 3.98
CA LEU B 220 -25.20 -58.71 5.42
C LEU B 220 -24.60 -59.99 6.01
N TRP B 221 -23.46 -59.85 6.66
CA TRP B 221 -22.78 -60.99 7.28
C TRP B 221 -23.20 -61.15 8.74
N ASP B 222 -23.14 -62.39 9.19
CA ASP B 222 -23.39 -62.75 10.58
C ASP B 222 -22.05 -63.09 11.24
N VAL B 223 -21.80 -62.47 12.40
CA VAL B 223 -20.50 -62.62 13.05
C VAL B 223 -20.24 -64.08 13.40
N ARG B 224 -21.24 -64.78 13.91
CA ARG B 224 -21.06 -66.14 14.40
C ARG B 224 -21.30 -67.20 13.34
N GLU B 225 -22.30 -67.00 12.47
CA GLU B 225 -22.59 -68.00 11.44
C GLU B 225 -21.45 -68.17 10.45
N GLY B 226 -20.68 -67.11 10.20
CA GLY B 226 -19.52 -67.21 9.34
C GLY B 226 -19.78 -67.05 7.85
N MET B 227 -21.00 -66.66 7.46
CA MET B 227 -21.29 -66.46 6.04
C MET B 227 -22.43 -65.45 5.92
N CYS B 228 -22.51 -64.85 4.74
CA CYS B 228 -23.51 -63.81 4.50
C CYS B 228 -24.91 -64.42 4.46
N ARG B 229 -25.88 -63.63 4.93
CA ARG B 229 -27.29 -64.01 4.89
C ARG B 229 -28.02 -63.43 3.69
N GLN B 230 -27.79 -62.16 3.38
CA GLN B 230 -28.50 -61.49 2.29
C GLN B 230 -27.53 -60.62 1.51
N THR B 231 -27.86 -60.41 0.23
CA THR B 231 -27.07 -59.56 -0.66
C THR B 231 -28.01 -58.58 -1.34
N PHE B 232 -27.64 -57.31 -1.33
CA PHE B 232 -28.41 -56.25 -1.95
C PHE B 232 -27.57 -55.62 -3.06
N THR B 233 -28.12 -55.58 -4.27
CA THR B 233 -27.39 -55.13 -5.46
C THR B 233 -28.17 -54.06 -6.20
N GLY B 234 -28.69 -53.08 -5.46
CA GLY B 234 -29.41 -51.99 -6.05
C GLY B 234 -28.58 -50.85 -6.58
N HIS B 235 -27.26 -50.94 -6.48
CA HIS B 235 -26.35 -49.90 -6.94
C HIS B 235 -25.83 -50.21 -8.33
N GLU B 236 -25.24 -49.19 -8.97
CA GLU B 236 -24.69 -49.32 -10.30
C GLU B 236 -23.17 -49.13 -10.35
N SER B 237 -22.55 -48.74 -9.25
CA SER B 237 -21.11 -48.50 -9.23
C SER B 237 -20.58 -48.89 -7.86
N ASP B 238 -19.34 -48.50 -7.56
CA ASP B 238 -18.67 -48.89 -6.32
C ASP B 238 -19.37 -48.30 -5.10
N ILE B 239 -19.30 -49.01 -3.98
CA ILE B 239 -19.88 -48.57 -2.71
C ILE B 239 -18.76 -48.05 -1.83
N ASN B 240 -18.94 -46.86 -1.27
CA ASN B 240 -17.91 -46.19 -0.50
C ASN B 240 -18.21 -46.09 0.99
N ALA B 241 -19.47 -46.30 1.40
CA ALA B 241 -19.84 -46.16 2.80
C ALA B 241 -21.12 -46.93 3.05
N ILE B 242 -21.41 -47.16 4.33
CA ILE B 242 -22.60 -47.89 4.73
C ILE B 242 -22.85 -47.63 6.21
N CYS B 243 -24.12 -47.70 6.62
CA CYS B 243 -24.49 -47.45 8.00
C CYS B 243 -25.85 -48.04 8.33
N PHE B 244 -26.00 -48.61 9.53
CA PHE B 244 -27.29 -49.11 9.96
C PHE B 244 -28.25 -47.98 10.31
N PHE B 245 -29.54 -48.25 10.13
CA PHE B 245 -30.57 -47.45 10.76
C PHE B 245 -30.48 -47.61 12.27
N PRO B 246 -30.83 -46.58 13.05
CA PRO B 246 -30.62 -46.68 14.50
C PRO B 246 -31.28 -47.88 15.15
N ASN B 247 -32.42 -48.33 14.63
CA ASN B 247 -33.07 -49.52 15.18
C ASN B 247 -32.45 -50.81 14.67
N GLY B 248 -31.58 -50.75 13.67
CA GLY B 248 -30.90 -51.92 13.17
C GLY B 248 -31.67 -52.73 12.14
N ASN B 249 -32.87 -52.28 11.76
CA ASN B 249 -33.71 -52.99 10.82
C ASN B 249 -33.61 -52.44 9.41
N ALA B 250 -32.72 -51.49 9.15
CA ALA B 250 -32.49 -50.95 7.83
C ALA B 250 -31.11 -50.32 7.80
N PHE B 251 -30.60 -50.07 6.59
CA PHE B 251 -29.27 -49.51 6.47
C PHE B 251 -29.14 -48.72 5.16
N ALA B 252 -28.31 -47.69 5.21
CA ALA B 252 -28.08 -46.82 4.06
C ALA B 252 -26.70 -47.07 3.46
N THR B 253 -26.60 -46.78 2.16
CA THR B 253 -25.36 -46.96 1.42
C THR B 253 -25.14 -45.77 0.50
N GLY B 254 -23.87 -45.50 0.23
CA GLY B 254 -23.50 -44.48 -0.74
C GLY B 254 -22.51 -45.04 -1.74
N SER B 255 -22.61 -44.53 -2.97
CA SER B 255 -21.82 -45.06 -4.07
C SER B 255 -21.21 -43.90 -4.86
N ASP B 256 -20.28 -44.26 -5.75
CA ASP B 256 -19.61 -43.28 -6.58
C ASP B 256 -20.55 -42.60 -7.57
N ASP B 257 -21.72 -43.17 -7.83
CA ASP B 257 -22.66 -42.63 -8.80
C ASP B 257 -23.55 -41.53 -8.21
N ALA B 258 -23.21 -41.04 -7.02
CA ALA B 258 -23.90 -39.90 -6.38
C ALA B 258 -25.33 -40.22 -5.98
N THR B 259 -25.64 -41.48 -5.69
CA THR B 259 -26.99 -41.89 -5.30
C THR B 259 -26.94 -42.57 -3.94
N CYS B 260 -27.54 -41.95 -2.94
CA CYS B 260 -27.77 -42.61 -1.66
C CYS B 260 -28.88 -43.64 -1.80
N ARG B 261 -28.79 -44.73 -1.06
CA ARG B 261 -29.84 -45.74 -1.08
C ARG B 261 -30.09 -46.21 0.34
N LEU B 262 -31.31 -46.69 0.58
CA LEU B 262 -31.71 -47.21 1.89
C LEU B 262 -32.41 -48.54 1.66
N PHE B 263 -31.82 -49.61 2.20
CA PHE B 263 -32.33 -50.96 2.08
C PHE B 263 -32.83 -51.47 3.43
N ASP B 264 -33.67 -52.50 3.37
CA ASP B 264 -34.21 -53.16 4.55
C ASP B 264 -33.70 -54.59 4.61
N LEU B 265 -33.38 -55.05 5.82
CA LEU B 265 -32.93 -56.43 5.99
C LEU B 265 -34.09 -57.41 5.92
N ARG B 266 -35.28 -57.00 6.37
CA ARG B 266 -36.44 -57.88 6.32
C ARG B 266 -37.04 -57.95 4.92
N ALA B 267 -37.40 -56.79 4.34
CA ALA B 267 -37.93 -56.78 2.99
C ALA B 267 -36.90 -57.23 1.96
N ASP B 268 -35.62 -57.23 2.31
CA ASP B 268 -34.57 -57.76 1.45
C ASP B 268 -34.55 -57.08 0.08
N GLN B 269 -34.73 -55.76 0.08
CA GLN B 269 -34.64 -54.98 -1.15
C GLN B 269 -34.57 -53.51 -0.79
N GLU B 270 -34.19 -52.71 -1.79
CA GLU B 270 -34.05 -51.26 -1.62
C GLU B 270 -35.39 -50.66 -1.23
N LEU B 271 -35.46 -50.12 -0.01
CA LEU B 271 -36.66 -49.40 0.39
C LEU B 271 -36.79 -48.07 -0.36
N MET B 272 -35.70 -47.33 -0.48
CA MET B 272 -35.77 -46.02 -1.13
C MET B 272 -34.42 -45.66 -1.72
N THR B 273 -34.44 -44.72 -2.66
CA THR B 273 -33.23 -44.19 -3.29
C THR B 273 -33.30 -42.67 -3.24
N TYR B 274 -32.35 -42.06 -2.52
CA TYR B 274 -32.23 -40.62 -2.44
C TYR B 274 -31.22 -40.17 -3.49
N SER B 275 -31.64 -39.27 -4.38
CA SER B 275 -30.76 -38.78 -5.43
C SER B 275 -31.20 -37.40 -5.86
N HIS B 276 -30.29 -36.68 -6.51
CA HIS B 276 -30.58 -35.35 -7.02
C HIS B 276 -29.88 -35.18 -8.36
N ASP B 277 -30.47 -34.37 -9.22
CA ASP B 277 -29.97 -34.18 -10.58
C ASP B 277 -28.67 -33.39 -10.62
N ASN B 278 -28.52 -32.40 -9.75
CA ASN B 278 -27.35 -31.53 -9.78
C ASN B 278 -26.08 -32.21 -9.26
N ILE B 279 -26.19 -33.39 -8.68
CA ILE B 279 -25.07 -34.07 -8.04
C ILE B 279 -24.58 -35.16 -8.98
N ILE B 280 -23.30 -35.08 -9.36
CA ILE B 280 -22.66 -36.10 -10.19
C ILE B 280 -21.35 -36.52 -9.53
N CYS B 281 -21.23 -36.31 -8.23
CA CYS B 281 -20.03 -36.61 -7.47
C CYS B 281 -20.27 -37.78 -6.53
N GLY B 282 -19.26 -38.64 -6.42
CA GLY B 282 -19.41 -39.87 -5.66
C GLY B 282 -19.49 -39.62 -4.17
N ILE B 283 -20.21 -40.48 -3.46
CA ILE B 283 -20.32 -40.37 -2.02
C ILE B 283 -19.12 -41.04 -1.36
N THR B 284 -18.77 -40.58 -0.15
CA THR B 284 -17.64 -41.11 0.58
C THR B 284 -17.97 -41.48 2.03
N SER B 285 -19.10 -41.03 2.55
CA SER B 285 -19.45 -41.33 3.94
C SER B 285 -20.91 -40.96 4.17
N VAL B 286 -21.60 -41.81 4.94
CA VAL B 286 -22.99 -41.60 5.31
C VAL B 286 -23.17 -41.98 6.77
N SER B 287 -24.19 -41.38 7.39
CA SER B 287 -24.48 -41.65 8.79
C SER B 287 -25.88 -41.16 9.18
N PHE B 288 -26.65 -42.02 9.84
CA PHE B 288 -27.97 -41.63 10.29
C PHE B 288 -27.89 -40.76 11.55
N SER B 289 -29.01 -40.12 11.87
CA SER B 289 -29.16 -39.38 13.11
C SER B 289 -29.63 -40.31 14.22
N LYS B 290 -29.60 -39.81 15.45
CA LYS B 290 -29.96 -40.63 16.59
C LYS B 290 -31.41 -41.12 16.51
N SER B 291 -32.27 -40.42 15.77
CA SER B 291 -33.66 -40.82 15.61
C SER B 291 -33.97 -41.38 14.23
N GLY B 292 -33.17 -41.04 13.22
CA GLY B 292 -33.31 -41.60 11.89
C GLY B 292 -33.89 -40.67 10.85
N ARG B 293 -34.47 -39.53 11.26
CA ARG B 293 -35.04 -38.62 10.27
C ARG B 293 -33.96 -38.09 9.32
N LEU B 294 -32.80 -37.73 9.85
CA LEU B 294 -31.76 -37.06 9.08
C LEU B 294 -30.70 -38.06 8.67
N LEU B 295 -30.44 -38.14 7.36
CA LEU B 295 -29.37 -38.95 6.81
C LEU B 295 -28.30 -38.01 6.27
N LEU B 296 -27.09 -38.12 6.81
CA LEU B 296 -26.00 -37.26 6.38
C LEU B 296 -25.17 -37.96 5.31
N ALA B 297 -24.56 -37.18 4.43
CA ALA B 297 -23.76 -37.74 3.36
C ALA B 297 -22.67 -36.75 2.97
N GLY B 298 -21.47 -37.29 2.77
CA GLY B 298 -20.34 -36.50 2.30
C GLY B 298 -20.01 -36.91 0.88
N TYR B 299 -19.63 -35.93 0.06
CA TYR B 299 -19.43 -36.13 -1.37
C TYR B 299 -18.04 -35.67 -1.77
N ASP B 300 -17.61 -36.12 -2.96
CA ASP B 300 -16.39 -35.57 -3.53
C ASP B 300 -16.51 -34.06 -3.69
N ASP B 301 -17.72 -33.58 -3.98
CA ASP B 301 -18.03 -32.16 -3.86
C ASP B 301 -17.77 -31.71 -2.44
N PHE B 302 -17.19 -30.53 -2.29
CA PHE B 302 -16.67 -30.07 -1.01
C PHE B 302 -17.75 -29.81 0.04
N ASN B 303 -19.02 -30.09 -0.23
CA ASN B 303 -20.10 -29.88 0.71
C ASN B 303 -20.65 -31.21 1.24
N CYS B 304 -21.29 -31.13 2.39
CA CYS B 304 -22.02 -32.23 2.99
C CYS B 304 -23.51 -31.94 2.92
N ASN B 305 -24.32 -33.00 2.84
CA ASN B 305 -25.75 -32.85 2.67
C ASN B 305 -26.49 -33.65 3.75
N VAL B 306 -27.52 -33.02 4.32
CA VAL B 306 -28.41 -33.66 5.29
C VAL B 306 -29.77 -33.77 4.61
N TRP B 307 -30.24 -35.01 4.44
CA TRP B 307 -31.45 -35.30 3.70
C TRP B 307 -32.50 -35.91 4.63
N ASP B 308 -33.77 -35.67 4.32
CA ASP B 308 -34.85 -36.35 5.03
C ASP B 308 -34.84 -37.83 4.70
N ALA B 309 -34.78 -38.66 5.74
CA ALA B 309 -34.66 -40.10 5.54
C ALA B 309 -35.93 -40.70 4.94
N LEU B 310 -37.07 -40.04 5.09
CA LEU B 310 -38.34 -40.56 4.60
C LEU B 310 -38.90 -39.80 3.41
N LYS B 311 -38.37 -38.62 3.09
CA LYS B 311 -38.85 -37.82 1.98
C LYS B 311 -37.84 -37.63 0.86
N ALA B 312 -36.55 -37.89 1.11
CA ALA B 312 -35.48 -37.65 0.16
C ALA B 312 -35.27 -36.17 -0.11
N ASP B 313 -35.90 -35.29 0.67
CA ASP B 313 -35.77 -33.85 0.46
C ASP B 313 -34.42 -33.37 0.97
N ARG B 314 -33.85 -32.38 0.28
CA ARG B 314 -32.56 -31.81 0.67
C ARG B 314 -32.78 -30.87 1.85
N ALA B 315 -32.79 -31.46 3.05
CA ALA B 315 -33.10 -30.70 4.25
C ALA B 315 -32.07 -29.60 4.53
N GLY B 316 -30.78 -29.88 4.35
CA GLY B 316 -29.78 -28.88 4.66
C GLY B 316 -28.46 -29.19 3.99
N VAL B 317 -27.60 -28.16 3.93
CA VAL B 317 -26.30 -28.27 3.29
C VAL B 317 -25.26 -27.60 4.18
N LEU B 318 -24.10 -28.25 4.30
CA LEU B 318 -22.96 -27.74 5.05
C LEU B 318 -21.82 -27.49 4.07
N ALA B 319 -21.24 -26.30 4.11
CA ALA B 319 -20.23 -25.88 3.14
C ALA B 319 -19.03 -25.25 3.84
N GLY B 320 -18.53 -25.90 4.89
CA GLY B 320 -17.41 -25.40 5.66
C GLY B 320 -16.08 -26.07 5.37
N HIS B 321 -15.95 -26.79 4.26
CA HIS B 321 -14.72 -27.49 3.93
C HIS B 321 -14.17 -26.99 2.60
N ASP B 322 -12.84 -26.99 2.51
CA ASP B 322 -12.13 -26.54 1.33
C ASP B 322 -11.62 -27.69 0.47
N ASN B 323 -11.96 -28.93 0.80
CA ASN B 323 -11.51 -30.08 0.03
C ASN B 323 -12.52 -31.21 0.21
N ARG B 324 -12.28 -32.31 -0.49
CA ARG B 324 -13.20 -33.45 -0.46
C ARG B 324 -13.47 -33.90 0.95
N VAL B 325 -14.75 -34.08 1.28
CA VAL B 325 -15.16 -34.62 2.57
C VAL B 325 -15.01 -36.13 2.50
N SER B 326 -14.14 -36.67 3.34
CA SER B 326 -13.77 -38.09 3.28
C SER B 326 -14.22 -38.88 4.50
N CYS B 327 -14.66 -38.23 5.57
CA CYS B 327 -15.04 -38.95 6.77
C CYS B 327 -16.10 -38.16 7.52
N LEU B 328 -17.04 -38.89 8.13
CA LEU B 328 -18.14 -38.27 8.84
C LEU B 328 -18.57 -39.17 9.99
N GLY B 329 -19.06 -38.55 11.05
CA GLY B 329 -19.49 -39.31 12.22
C GLY B 329 -20.45 -38.57 13.13
N VAL B 330 -21.52 -39.24 13.55
CA VAL B 330 -22.52 -38.67 14.43
C VAL B 330 -22.36 -39.30 15.81
N THR B 331 -22.42 -38.47 16.84
CA THR B 331 -22.28 -38.97 18.21
C THR B 331 -23.44 -39.89 18.57
N ASP B 332 -23.19 -40.76 19.55
CA ASP B 332 -24.21 -41.72 19.96
C ASP B 332 -25.47 -41.02 20.46
N ASP B 333 -25.29 -39.97 21.25
CA ASP B 333 -26.43 -39.20 21.76
C ASP B 333 -27.02 -38.28 20.70
N GLY B 334 -26.35 -38.08 19.57
CA GLY B 334 -26.85 -37.24 18.51
C GLY B 334 -26.66 -35.76 18.73
N MET B 335 -26.00 -35.35 19.82
CA MET B 335 -25.88 -33.94 20.15
C MET B 335 -25.07 -33.15 19.12
N ALA B 336 -24.25 -33.81 18.31
CA ALA B 336 -23.43 -33.11 17.33
C ALA B 336 -22.96 -34.10 16.28
N VAL B 337 -22.40 -33.54 15.20
CA VAL B 337 -21.82 -34.32 14.11
C VAL B 337 -20.44 -33.76 13.82
N ALA B 338 -19.59 -34.60 13.23
CA ALA B 338 -18.22 -34.19 12.89
C ALA B 338 -17.91 -34.64 11.47
N THR B 339 -17.19 -33.78 10.74
CA THR B 339 -16.81 -34.06 9.37
C THR B 339 -15.33 -33.74 9.18
N GLY B 340 -14.64 -34.63 8.49
CA GLY B 340 -13.24 -34.44 8.15
C GLY B 340 -13.02 -34.60 6.66
N SER B 341 -12.38 -33.60 6.07
CA SER B 341 -12.17 -33.54 4.63
C SER B 341 -10.68 -33.60 4.34
N TRP B 342 -10.34 -33.52 3.07
CA TRP B 342 -8.96 -33.57 2.64
C TRP B 342 -8.22 -32.26 2.84
N ASP B 343 -8.79 -31.28 3.53
CA ASP B 343 -8.12 -30.03 3.84
C ASP B 343 -7.39 -30.08 5.19
N SER B 344 -7.41 -31.23 5.86
CA SER B 344 -6.73 -31.50 7.13
C SER B 344 -7.47 -30.88 8.31
N PHE B 345 -8.66 -30.32 8.12
CA PHE B 345 -9.43 -29.72 9.21
C PHE B 345 -10.64 -30.58 9.52
N LEU B 346 -10.84 -30.88 10.80
CA LEU B 346 -11.99 -31.63 11.28
C LEU B 346 -12.93 -30.63 11.94
N LYS B 347 -14.14 -30.50 11.38
CA LYS B 347 -15.10 -29.48 11.81
C LYS B 347 -16.31 -30.16 12.44
N ILE B 348 -16.76 -29.62 13.56
CA ILE B 348 -17.93 -30.15 14.28
C ILE B 348 -19.11 -29.21 14.02
N TRP B 349 -20.21 -29.80 13.57
CA TRP B 349 -21.46 -29.08 13.33
C TRP B 349 -22.52 -29.54 14.31
N ASN B 350 -23.50 -28.67 14.54
CA ASN B 350 -24.60 -28.98 15.44
C ASN B 350 -25.83 -28.15 15.07
N THR C 6 -9.77 -77.00 -13.14
CA THR C 6 -9.89 -75.51 -13.14
C THR C 6 -10.68 -75.02 -11.94
N ALA C 7 -10.28 -73.87 -11.40
CA ALA C 7 -10.99 -73.26 -10.27
C ALA C 7 -12.34 -72.68 -10.67
N SER C 8 -12.63 -72.60 -11.98
CA SER C 8 -13.91 -72.03 -12.41
C SER C 8 -15.08 -72.85 -11.87
N ILE C 9 -14.97 -74.18 -11.90
CA ILE C 9 -16.05 -75.01 -11.38
C ILE C 9 -16.21 -74.83 -9.89
N ALA C 10 -15.09 -74.69 -9.16
CA ALA C 10 -15.17 -74.44 -7.73
C ALA C 10 -15.89 -73.13 -7.45
N GLN C 11 -15.54 -72.07 -8.20
CA GLN C 11 -16.21 -70.79 -8.02
C GLN C 11 -17.69 -70.90 -8.35
N ALA C 12 -18.03 -71.63 -9.41
CA ALA C 12 -19.44 -71.77 -9.79
C ALA C 12 -20.23 -72.51 -8.72
N ARG C 13 -19.67 -73.60 -8.19
CA ARG C 13 -20.37 -74.35 -7.15
C ARG C 13 -20.53 -73.51 -5.88
N LYS C 14 -19.48 -72.77 -5.50
CA LYS C 14 -19.60 -71.89 -4.34
C LYS C 14 -20.69 -70.84 -4.56
N LEU C 15 -20.73 -70.26 -5.76
CA LEU C 15 -21.74 -69.24 -6.06
C LEU C 15 -23.14 -69.81 -5.99
N VAL C 16 -23.37 -70.97 -6.60
CA VAL C 16 -24.72 -71.54 -6.57
C VAL C 16 -25.12 -71.91 -5.15
N GLU C 17 -24.17 -72.42 -4.36
CA GLU C 17 -24.47 -72.72 -2.96
C GLU C 17 -24.83 -71.45 -2.20
N GLN C 18 -24.10 -70.37 -2.44
CA GLN C 18 -24.38 -69.11 -1.74
C GLN C 18 -25.77 -68.59 -2.10
N LEU C 19 -26.13 -68.61 -3.38
CA LEU C 19 -27.46 -68.17 -3.77
C LEU C 19 -28.54 -69.09 -3.22
N LYS C 20 -28.26 -70.40 -3.17
CA LYS C 20 -29.21 -71.33 -2.57
C LYS C 20 -29.48 -70.97 -1.11
N MET C 21 -28.42 -70.70 -0.36
CA MET C 21 -28.60 -70.29 1.04
C MET C 21 -29.32 -68.96 1.15
N GLU C 22 -29.00 -68.00 0.29
CA GLU C 22 -29.65 -66.70 0.36
C GLU C 22 -31.14 -66.79 0.03
N ALA C 23 -31.51 -67.70 -0.86
CA ALA C 23 -32.90 -67.76 -1.32
C ALA C 23 -33.85 -68.27 -0.25
N ASN C 24 -33.35 -69.13 0.65
CA ASN C 24 -34.25 -69.77 1.63
C ASN C 24 -34.79 -68.78 2.66
N ILE C 25 -34.23 -67.58 2.74
CA ILE C 25 -34.68 -66.62 3.74
C ILE C 25 -36.07 -66.11 3.38
N ASP C 26 -36.89 -65.88 4.40
CA ASP C 26 -38.23 -65.34 4.22
C ASP C 26 -38.20 -63.82 4.21
N ARG C 27 -39.14 -63.22 3.51
CA ARG C 27 -39.24 -61.78 3.35
C ARG C 27 -40.46 -61.24 4.08
N ILE C 28 -40.55 -59.91 4.18
CA ILE C 28 -41.67 -59.22 4.83
C ILE C 28 -42.18 -58.16 3.88
N LYS C 29 -43.49 -57.91 3.96
CA LYS C 29 -44.13 -56.93 3.10
C LYS C 29 -43.53 -55.56 3.33
N VAL C 30 -43.30 -54.81 2.25
CA VAL C 30 -42.67 -53.49 2.37
C VAL C 30 -43.53 -52.55 3.19
N SER C 31 -44.85 -52.73 3.16
CA SER C 31 -45.72 -51.87 3.95
C SER C 31 -45.43 -52.03 5.44
N LYS C 32 -45.24 -53.27 5.90
CA LYS C 32 -44.92 -53.50 7.30
C LYS C 32 -43.58 -52.87 7.66
N ALA C 33 -42.58 -53.01 6.80
CA ALA C 33 -41.28 -52.42 7.07
C ALA C 33 -41.36 -50.90 7.16
N ALA C 34 -42.08 -50.27 6.23
CA ALA C 34 -42.24 -48.83 6.27
C ALA C 34 -42.99 -48.39 7.52
N ALA C 35 -44.02 -49.13 7.90
CA ALA C 35 -44.77 -48.79 9.11
C ALA C 35 -43.88 -48.89 10.35
N ASP C 36 -43.08 -49.94 10.43
CA ASP C 36 -42.18 -50.10 11.58
C ASP C 36 -41.15 -48.98 11.62
N LEU C 37 -40.58 -48.64 10.46
CA LEU C 37 -39.61 -47.55 10.42
C LEU C 37 -40.24 -46.24 10.86
N MET C 38 -41.45 -45.94 10.37
CA MET C 38 -42.12 -44.71 10.75
C MET C 38 -42.43 -44.69 12.25
N ALA C 39 -42.89 -45.82 12.78
CA ALA C 39 -43.21 -45.88 14.20
C ALA C 39 -41.98 -45.65 15.05
N TYR C 40 -40.88 -46.32 14.73
CA TYR C 40 -39.65 -46.13 15.49
C TYR C 40 -39.13 -44.70 15.37
N CYS C 41 -39.21 -44.13 14.16
CA CYS C 41 -38.67 -42.80 13.92
C CYS C 41 -39.51 -41.71 14.59
N GLU C 42 -40.82 -41.94 14.73
CA GLU C 42 -41.69 -40.96 15.39
C GLU C 42 -41.69 -41.11 16.90
N ALA C 43 -41.59 -42.35 17.40
CA ALA C 43 -41.57 -42.58 18.83
C ALA C 43 -40.31 -42.03 19.49
N HIS C 44 -39.24 -41.80 18.73
CA HIS C 44 -37.99 -41.28 19.27
C HIS C 44 -37.63 -39.93 18.67
N ALA C 45 -38.58 -39.26 18.02
CA ALA C 45 -38.34 -37.93 17.47
C ALA C 45 -38.29 -36.85 18.54
N LYS C 46 -38.91 -37.07 19.70
CA LYS C 46 -38.92 -36.07 20.75
C LYS C 46 -37.55 -35.89 21.38
N GLU C 47 -36.83 -36.98 21.62
CA GLU C 47 -35.56 -36.93 22.33
C GLU C 47 -34.39 -36.49 21.46
N ASP C 48 -34.54 -36.50 20.14
CA ASP C 48 -33.43 -36.17 19.27
C ASP C 48 -33.10 -34.67 19.37
N PRO C 49 -31.82 -34.30 19.44
CA PRO C 49 -31.46 -32.88 19.53
C PRO C 49 -31.45 -32.13 18.20
N LEU C 50 -31.51 -32.84 17.07
CA LEU C 50 -31.40 -32.19 15.76
C LEU C 50 -32.76 -31.95 15.11
N LEU C 51 -33.74 -32.82 15.32
CA LEU C 51 -35.08 -32.57 14.81
C LEU C 51 -35.67 -31.31 15.43
N THR C 52 -35.52 -31.15 16.74
CA THR C 52 -36.01 -29.99 17.49
C THR C 52 -34.81 -29.35 18.19
N PRO C 53 -34.18 -28.34 17.59
CA PRO C 53 -33.03 -27.70 18.24
C PRO C 53 -33.34 -27.28 19.67
N VAL C 54 -32.30 -27.12 20.48
CA VAL C 54 -32.47 -26.81 21.90
C VAL C 54 -31.66 -25.55 22.21
N PRO C 55 -32.06 -24.80 23.24
CA PRO C 55 -31.33 -23.57 23.58
C PRO C 55 -29.96 -23.88 24.15
N ALA C 56 -29.20 -22.82 24.39
CA ALA C 56 -27.85 -22.94 24.93
C ALA C 56 -27.83 -23.50 26.35
N SER C 57 -28.97 -23.53 27.05
CA SER C 57 -28.98 -24.08 28.40
C SER C 57 -28.61 -25.55 28.40
N GLU C 58 -29.15 -26.33 27.47
CA GLU C 58 -28.86 -27.75 27.34
C GLU C 58 -27.76 -28.03 26.33
N ASN C 59 -27.82 -27.37 25.16
CA ASN C 59 -26.80 -27.54 24.14
C ASN C 59 -25.44 -27.18 24.71
N PRO C 60 -24.52 -28.14 24.87
CA PRO C 60 -23.20 -27.83 25.41
C PRO C 60 -22.19 -27.29 24.41
N PHE C 61 -22.53 -27.30 23.12
CA PHE C 61 -21.64 -26.73 22.09
C PHE C 61 -21.94 -25.25 21.90
N ARG C 62 -21.67 -24.48 22.96
CA ARG C 62 -21.95 -23.04 23.02
C ARG C 62 -23.33 -22.68 22.47
N THR D 42 13.64 84.36 11.67
CA THR D 42 13.15 83.76 10.44
C THR D 42 13.19 82.24 10.46
N ARG D 43 14.08 81.63 11.24
CA ARG D 43 14.10 80.19 11.45
C ARG D 43 14.30 79.93 12.93
N LEU D 44 13.57 78.95 13.46
CA LEU D 44 13.59 78.62 14.87
C LEU D 44 14.27 77.27 15.05
N SER D 45 15.29 77.22 15.91
CA SER D 45 16.04 76.01 16.20
C SER D 45 15.95 75.74 17.69
N LEU D 46 14.88 75.06 18.10
CA LEU D 46 14.62 74.77 19.50
C LEU D 46 15.25 73.43 19.88
N ALA D 47 16.51 73.48 20.31
CA ALA D 47 17.32 72.27 20.49
C ALA D 47 17.89 72.15 21.90
N TYR D 48 17.72 70.96 22.50
CA TYR D 48 18.36 70.62 23.78
C TYR D 48 17.94 71.55 24.90
N LEU D 49 16.78 72.19 24.76
CA LEU D 49 16.30 73.09 25.80
C LEU D 49 15.68 72.29 26.94
N PRO D 50 15.84 72.73 28.20
CA PRO D 50 15.16 72.08 29.34
C PRO D 50 13.70 72.50 29.46
N VAL D 51 12.94 72.29 28.39
CA VAL D 51 11.53 72.68 28.31
C VAL D 51 10.69 71.42 28.39
N LYS D 52 9.70 71.43 29.28
CA LYS D 52 8.80 70.30 29.49
C LYS D 52 7.44 70.50 28.84
N VAL D 53 6.94 71.72 28.78
CA VAL D 53 5.64 72.02 28.19
C VAL D 53 5.79 73.23 27.29
N ILE D 54 5.17 73.17 26.11
CA ILE D 54 5.10 74.31 25.19
C ILE D 54 3.71 74.93 25.35
N PRO D 55 3.60 76.20 25.76
CA PRO D 55 2.26 76.78 25.96
C PRO D 55 1.57 77.09 24.64
N SER D 56 0.24 77.17 24.71
CA SER D 56 -0.55 77.45 23.53
C SER D 56 -0.21 78.81 22.94
N GLN D 57 -0.20 78.88 21.61
CA GLN D 57 0.07 80.14 20.89
C GLN D 57 1.39 80.75 21.33
N ALA D 58 2.39 79.91 21.57
CA ALA D 58 3.68 80.42 22.03
C ALA D 58 4.39 81.23 20.96
N PHE D 59 4.10 80.95 19.68
CA PHE D 59 4.78 81.61 18.57
C PHE D 59 4.00 82.80 18.03
N ARG D 60 3.07 83.35 18.80
CA ARG D 60 2.30 84.51 18.34
C ARG D 60 3.23 85.70 18.13
N GLY D 61 2.86 86.53 17.15
CA GLY D 61 3.63 87.71 16.80
C GLY D 61 4.71 87.48 15.77
N LEU D 62 4.96 86.23 15.38
CA LEU D 62 5.97 85.91 14.40
C LEU D 62 5.32 85.76 13.02
N ASN D 63 5.89 86.46 12.03
CA ASN D 63 5.32 86.50 10.70
C ASN D 63 6.29 86.14 9.58
N GLU D 64 7.60 86.14 9.83
CA GLU D 64 8.59 85.84 8.80
C GLU D 64 9.24 84.48 8.99
N VAL D 65 8.73 83.66 9.90
CA VAL D 65 9.30 82.34 10.13
C VAL D 65 8.91 81.41 8.99
N ILE D 66 9.90 80.70 8.44
CA ILE D 66 9.67 79.75 7.37
C ILE D 66 9.82 78.33 7.91
N LYS D 67 10.61 78.16 8.97
CA LYS D 67 10.98 76.85 9.46
C LYS D 67 10.87 76.80 10.97
N ILE D 68 10.40 75.66 11.49
CA ILE D 68 10.41 75.36 12.91
C ILE D 68 10.97 73.95 13.09
N GLU D 69 11.94 73.82 13.99
CA GLU D 69 12.59 72.54 14.26
C GLU D 69 12.54 72.23 15.74
N ILE D 70 12.05 71.02 16.06
CA ILE D 70 11.94 70.56 17.45
C ILE D 70 12.64 69.22 17.53
N SER D 71 13.95 69.22 17.83
CA SER D 71 14.75 68.02 17.73
C SER D 71 15.63 67.85 18.96
N GLN D 72 15.76 66.59 19.40
CA GLN D 72 16.54 66.22 20.57
C GLN D 72 16.16 67.06 21.79
N ILE D 73 14.89 66.95 22.17
CA ILE D 73 14.34 67.72 23.29
C ILE D 73 13.62 66.79 24.26
N ASP D 74 14.13 65.57 24.45
CA ASP D 74 13.40 64.57 25.23
C ASP D 74 12.91 65.10 26.58
N SER D 75 13.42 66.24 27.05
CA SER D 75 12.81 66.86 28.23
C SER D 75 11.36 67.25 27.96
N LEU D 76 11.02 67.57 26.72
CA LEU D 76 9.65 67.91 26.35
C LEU D 76 8.75 66.70 26.50
N GLU D 77 7.54 66.92 27.01
CA GLU D 77 6.59 65.83 27.21
C GLU D 77 5.22 66.17 26.63
N ARG D 78 4.86 67.45 26.61
CA ARG D 78 3.52 67.87 26.21
C ARG D 78 3.60 69.11 25.33
N ILE D 79 2.67 69.21 24.40
CA ILE D 79 2.49 70.40 23.56
C ILE D 79 1.02 70.79 23.66
N GLU D 80 0.75 72.03 24.07
CA GLU D 80 -0.62 72.47 24.26
C GLU D 80 -1.32 72.64 22.91
N ALA D 81 -2.64 72.55 22.95
CA ALA D 81 -3.45 72.77 21.75
C ALA D 81 -3.30 74.20 21.27
N ASN D 82 -3.34 74.39 19.95
CA ASN D 82 -3.17 75.68 19.31
C ASN D 82 -1.78 76.27 19.57
N ALA D 83 -0.79 75.41 19.79
CA ALA D 83 0.58 75.90 19.97
C ALA D 83 1.07 76.61 18.71
N PHE D 84 0.54 76.22 17.56
CA PHE D 84 0.88 76.84 16.28
C PHE D 84 -0.38 77.41 15.65
N ASP D 85 -1.14 78.17 16.44
CA ASP D 85 -2.50 78.56 16.04
C ASP D 85 -2.54 79.31 14.72
N ASN D 86 -1.62 80.25 14.50
CA ASN D 86 -1.67 81.04 13.27
C ASN D 86 -0.33 81.67 12.93
N LEU D 87 0.22 81.30 11.77
CA LEU D 87 1.42 81.92 11.24
C LEU D 87 1.27 82.02 9.72
N LEU D 88 1.75 83.13 9.16
CA LEU D 88 1.55 83.42 7.74
C LEU D 88 2.56 82.68 6.87
N ASN D 89 3.84 82.95 7.08
CA ASN D 89 4.88 82.44 6.19
C ASN D 89 5.43 81.08 6.60
N LEU D 90 5.00 80.54 7.74
CA LEU D 90 5.51 79.23 8.17
C LEU D 90 5.11 78.17 7.15
N SER D 91 6.09 77.34 6.77
CA SER D 91 5.86 76.30 5.78
C SER D 91 6.45 74.94 6.15
N GLU D 92 7.42 74.88 7.07
CA GLU D 92 8.14 73.65 7.36
C GLU D 92 8.20 73.46 8.88
N ILE D 93 7.81 72.27 9.33
CA ILE D 93 7.83 71.90 10.74
C ILE D 93 8.46 70.53 10.87
N LEU D 94 9.42 70.40 11.80
CA LEU D 94 10.10 69.13 12.04
C LEU D 94 10.14 68.84 13.54
N ILE D 95 9.66 67.66 13.92
CA ILE D 95 9.90 67.10 15.24
C ILE D 95 10.61 65.77 15.03
N GLN D 96 11.79 65.61 15.62
CA GLN D 96 12.68 64.50 15.26
C GLN D 96 13.07 63.59 16.41
N ASN D 97 13.22 64.09 17.65
CA ASN D 97 13.59 63.23 18.77
C ASN D 97 13.00 63.82 20.05
N THR D 98 11.85 63.30 20.46
CA THR D 98 11.21 63.74 21.70
C THR D 98 10.68 62.52 22.47
N LYS D 99 11.54 61.52 22.68
CA LYS D 99 11.10 60.21 23.15
C LYS D 99 10.07 60.30 24.27
N ASN D 100 10.13 61.33 25.11
CA ASN D 100 9.21 61.43 26.24
C ASN D 100 7.89 62.08 25.87
N LEU D 101 7.68 62.46 24.61
CA LEU D 101 6.43 63.08 24.17
C LEU D 101 5.35 62.00 24.17
N ARG D 102 4.48 62.04 25.19
CA ARG D 102 3.41 61.05 25.28
C ARG D 102 2.35 61.27 24.20
N TYR D 103 2.00 62.53 23.92
CA TYR D 103 1.11 62.85 22.82
C TYR D 103 1.04 64.35 22.67
N ILE D 104 0.57 64.78 21.50
CA ILE D 104 0.35 66.19 21.20
C ILE D 104 -1.15 66.47 21.32
N GLU D 105 -1.50 67.53 22.04
CA GLU D 105 -2.90 67.86 22.22
C GLU D 105 -3.52 68.19 20.87
N PRO D 106 -4.83 67.96 20.71
CA PRO D 106 -5.45 68.18 19.41
C PRO D 106 -5.55 69.67 19.09
N GLY D 107 -5.45 70.00 17.81
CA GLY D 107 -5.46 71.39 17.39
C GLY D 107 -4.16 72.12 17.58
N ALA D 108 -3.06 71.40 17.80
CA ALA D 108 -1.76 72.06 17.89
C ALA D 108 -1.42 72.77 16.59
N PHE D 109 -1.68 72.12 15.46
CA PHE D 109 -1.52 72.74 14.15
C PHE D 109 -2.90 73.04 13.59
N ILE D 110 -3.25 74.32 13.53
CA ILE D 110 -4.59 74.73 13.13
C ILE D 110 -4.49 76.03 12.33
N ASN D 111 -5.29 76.11 11.27
CA ASN D 111 -5.47 77.33 10.48
C ASN D 111 -4.13 77.91 10.04
N LEU D 112 -3.33 77.05 9.40
CA LEU D 112 -2.05 77.46 8.81
C LEU D 112 -2.12 77.24 7.30
N PRO D 113 -2.37 78.30 6.53
CA PRO D 113 -2.54 78.11 5.07
C PRO D 113 -1.27 77.64 4.38
N ARG D 114 -0.12 78.19 4.73
CA ARG D 114 1.13 77.92 4.02
C ARG D 114 1.91 76.74 4.60
N LEU D 115 1.39 76.06 5.61
CA LEU D 115 2.08 74.89 6.14
C LEU D 115 2.18 73.82 5.06
N LYS D 116 3.41 73.38 4.79
CA LYS D 116 3.69 72.54 3.62
C LYS D 116 4.33 71.21 3.99
N TYR D 117 5.28 71.19 4.92
CA TYR D 117 5.95 69.95 5.30
C TYR D 117 5.86 69.78 6.82
N LEU D 118 5.27 68.65 7.24
CA LEU D 118 5.09 68.33 8.65
C LEU D 118 5.77 67.01 8.93
N SER D 119 6.63 66.97 9.96
CA SER D 119 7.39 65.78 10.30
C SER D 119 7.34 65.55 11.81
N ILE D 120 7.12 64.30 12.20
CA ILE D 120 7.17 63.89 13.60
C ILE D 120 7.87 62.53 13.66
N CYS D 121 9.11 62.51 14.13
CA CYS D 121 9.91 61.30 14.04
C CYS D 121 10.52 60.98 15.40
N ASN D 122 10.67 59.70 15.68
CA ASN D 122 11.25 59.20 16.93
C ASN D 122 10.63 59.90 18.13
N THR D 123 9.33 59.68 18.29
CA THR D 123 8.59 60.16 19.45
C THR D 123 7.81 59.01 20.08
N GLY D 124 7.69 59.05 21.40
CA GLY D 124 6.98 58.02 22.13
C GLY D 124 5.49 58.25 22.17
N ILE D 125 4.94 58.86 21.11
CA ILE D 125 3.53 59.18 21.09
C ILE D 125 2.72 57.90 20.99
N ARG D 126 1.61 57.85 21.75
CA ARG D 126 0.67 56.75 21.69
C ARG D 126 -0.56 57.09 20.87
N LYS D 127 -1.23 58.20 21.20
CA LYS D 127 -2.40 58.64 20.43
C LYS D 127 -1.96 59.24 19.12
N PHE D 128 -2.63 58.90 18.04
CA PHE D 128 -2.26 59.39 16.72
C PHE D 128 -2.32 60.91 16.70
N PRO D 129 -1.30 61.60 16.17
CA PRO D 129 -1.31 63.07 16.22
C PRO D 129 -2.48 63.65 15.44
N ASP D 130 -2.98 64.79 15.90
CA ASP D 130 -4.11 65.44 15.26
C ASP D 130 -3.63 66.44 14.22
N VAL D 131 -4.12 66.29 12.99
CA VAL D 131 -3.78 67.18 11.89
C VAL D 131 -5.01 67.68 11.14
N THR D 132 -6.21 67.31 11.58
CA THR D 132 -7.43 67.56 10.83
C THR D 132 -7.81 69.03 10.74
N LYS D 133 -7.18 69.92 11.52
CA LYS D 133 -7.61 71.30 11.59
C LYS D 133 -6.59 72.31 11.06
N VAL D 134 -5.52 71.84 10.40
CA VAL D 134 -4.55 72.79 9.85
C VAL D 134 -5.18 73.67 8.79
N PHE D 135 -6.09 73.10 7.98
CA PHE D 135 -6.77 73.85 6.93
C PHE D 135 -5.77 74.53 6.00
N SER D 136 -4.72 73.80 5.63
CA SER D 136 -3.70 74.35 4.75
C SER D 136 -4.23 74.46 3.32
N SER D 137 -3.53 75.26 2.52
CA SER D 137 -3.87 75.46 1.12
C SER D 137 -2.71 75.15 0.18
N GLU D 138 -1.64 74.55 0.68
CA GLU D 138 -0.50 74.23 -0.16
C GLU D 138 -0.85 73.13 -1.16
N SER D 139 -0.27 73.22 -2.35
CA SER D 139 -0.62 72.30 -3.43
C SER D 139 0.03 70.94 -3.29
N ASN D 140 1.16 70.83 -2.60
CA ASN D 140 1.93 69.59 -2.52
C ASN D 140 2.31 69.31 -1.07
N PHE D 141 1.34 69.39 -0.17
CA PHE D 141 1.60 69.16 1.24
C PHE D 141 2.04 67.72 1.49
N ILE D 142 3.01 67.56 2.39
CA ILE D 142 3.57 66.27 2.76
C ILE D 142 3.38 66.10 4.26
N LEU D 143 2.83 64.96 4.66
CA LEU D 143 2.67 64.61 6.07
C LEU D 143 3.54 63.39 6.36
N GLU D 144 4.47 63.54 7.29
CA GLU D 144 5.44 62.50 7.61
C GLU D 144 5.23 62.06 9.06
N ILE D 145 5.06 60.75 9.25
CA ILE D 145 5.08 60.13 10.57
C ILE D 145 6.18 59.08 10.55
N CYS D 146 6.97 59.02 11.61
CA CYS D 146 8.30 58.44 11.58
C CYS D 146 8.66 57.80 12.91
N ASP D 147 9.14 56.55 12.84
CA ASP D 147 9.81 55.88 13.96
C ASP D 147 9.02 56.00 15.26
N ASN D 148 7.70 56.15 15.18
CA ASN D 148 6.85 56.21 16.36
C ASN D 148 6.36 54.80 16.65
N LEU D 149 7.24 54.01 17.27
CA LEU D 149 6.95 52.60 17.50
C LEU D 149 5.72 52.40 18.37
N HIS D 150 5.38 53.40 19.19
CA HIS D 150 4.34 53.24 20.19
C HIS D 150 2.96 53.73 19.73
N ILE D 151 2.83 54.22 18.50
CA ILE D 151 1.51 54.56 17.98
C ILE D 151 0.77 53.28 17.65
N THR D 152 -0.47 53.16 18.16
CA THR D 152 -1.18 51.90 18.08
C THR D 152 -1.98 51.75 16.79
N THR D 153 -2.62 52.81 16.31
CA THR D 153 -3.50 52.70 15.15
C THR D 153 -3.65 54.06 14.50
N ILE D 154 -4.26 54.06 13.32
CA ILE D 154 -4.57 55.27 12.56
C ILE D 154 -6.08 55.50 12.67
N PRO D 155 -6.54 56.51 13.40
CA PRO D 155 -7.99 56.70 13.55
C PRO D 155 -8.66 57.00 12.22
N GLY D 156 -9.93 56.61 12.14
CA GLY D 156 -10.71 56.88 10.94
C GLY D 156 -10.95 58.37 10.76
N ASN D 157 -11.04 58.77 9.49
CA ASN D 157 -11.24 60.18 9.12
C ASN D 157 -10.20 61.08 9.77
N ALA D 158 -8.95 60.63 9.83
CA ALA D 158 -7.89 61.37 10.49
C ALA D 158 -7.45 62.61 9.71
N PHE D 159 -7.96 62.81 8.51
CA PHE D 159 -7.51 63.91 7.65
C PHE D 159 -8.66 64.75 7.12
N GLN D 160 -9.79 64.79 7.83
CA GLN D 160 -10.87 65.70 7.46
C GLN D 160 -10.42 67.14 7.64
N GLY D 161 -10.74 67.98 6.66
CA GLY D 161 -10.33 69.37 6.69
C GLY D 161 -8.83 69.59 6.74
N MET D 162 -8.03 68.62 6.30
CA MET D 162 -6.58 68.70 6.44
C MET D 162 -5.99 69.65 5.40
N ASN D 163 -6.21 69.36 4.12
CA ASN D 163 -5.73 70.21 3.04
C ASN D 163 -6.73 70.20 1.89
N ASN D 164 -6.89 71.36 1.25
CA ASN D 164 -7.80 71.49 0.13
C ASN D 164 -7.23 70.93 -1.17
N GLU D 165 -5.93 70.66 -1.23
CA GLU D 165 -5.26 70.20 -2.44
C GLU D 165 -4.60 68.85 -2.17
N SER D 166 -3.80 68.40 -3.13
CA SER D 166 -3.22 67.07 -3.06
C SER D 166 -2.26 66.95 -1.88
N VAL D 167 -2.06 65.71 -1.41
CA VAL D 167 -1.22 65.42 -0.26
C VAL D 167 -0.47 64.12 -0.47
N THR D 168 0.71 64.05 0.13
CA THR D 168 1.49 62.82 0.21
C THR D 168 1.66 62.44 1.67
N LEU D 169 1.61 61.14 1.95
CA LEU D 169 1.73 60.60 3.30
C LEU D 169 2.90 59.64 3.35
N LYS D 170 3.81 59.83 4.31
CA LYS D 170 4.93 58.92 4.53
C LYS D 170 4.84 58.42 5.97
N LEU D 171 4.34 57.19 6.13
CA LEU D 171 4.11 56.58 7.43
C LEU D 171 5.16 55.53 7.77
N TYR D 172 6.42 55.80 7.43
CA TYR D 172 7.48 54.80 7.57
C TYR D 172 7.64 54.35 9.01
N GLY D 173 7.88 53.05 9.19
CA GLY D 173 8.43 52.52 10.43
C GLY D 173 7.49 52.45 11.62
N ASN D 174 6.36 53.16 11.55
CA ASN D 174 5.48 53.24 12.71
C ASN D 174 4.88 51.88 13.02
N GLY D 175 4.62 51.64 14.31
CA GLY D 175 4.08 50.37 14.76
C GLY D 175 2.57 50.33 14.81
N PHE D 176 1.91 50.77 13.75
CA PHE D 176 0.46 50.69 13.70
C PHE D 176 0.01 49.24 13.78
N GLU D 177 -1.08 49.00 14.50
CA GLU D 177 -1.65 47.66 14.61
C GLU D 177 -2.70 47.40 13.53
N GLU D 178 -3.52 48.41 13.22
CA GLU D 178 -4.55 48.28 12.20
C GLU D 178 -4.98 49.65 11.71
N VAL D 179 -5.64 49.66 10.56
CA VAL D 179 -6.20 50.87 9.98
C VAL D 179 -7.69 50.65 9.80
N GLN D 180 -8.49 51.59 10.27
CA GLN D 180 -9.93 51.45 10.28
C GLN D 180 -10.55 52.12 9.06
N SER D 181 -11.87 51.98 8.93
CA SER D 181 -12.58 52.47 7.77
C SER D 181 -12.47 53.98 7.65
N HIS D 182 -12.39 54.47 6.41
CA HIS D 182 -12.34 55.90 6.10
C HIS D 182 -11.18 56.60 6.79
N ALA D 183 -10.06 55.89 6.99
CA ALA D 183 -8.87 56.55 7.52
C ALA D 183 -8.39 57.67 6.60
N PHE D 184 -8.63 57.54 5.30
CA PHE D 184 -8.28 58.57 4.33
C PHE D 184 -9.57 59.11 3.73
N ASN D 185 -9.76 60.42 3.82
CA ASN D 185 -11.04 61.01 3.44
C ASN D 185 -10.84 62.44 2.95
N GLY D 186 -11.63 62.81 1.94
CA GLY D 186 -11.74 64.20 1.53
C GLY D 186 -10.47 64.84 1.07
N THR D 187 -9.65 64.15 0.28
CA THR D 187 -8.42 64.74 -0.24
C THR D 187 -7.84 63.82 -1.30
N THR D 188 -7.30 64.43 -2.35
CA THR D 188 -6.56 63.66 -3.35
C THR D 188 -5.21 63.25 -2.79
N LEU D 189 -4.98 61.94 -2.72
CA LEU D 189 -3.81 61.38 -2.05
C LEU D 189 -2.85 60.88 -3.13
N THR D 190 -1.86 61.72 -3.46
CA THR D 190 -0.94 61.38 -4.54
C THR D 190 -0.10 60.15 -4.19
N SER D 191 0.39 60.06 -2.96
CA SER D 191 1.29 58.97 -2.58
C SER D 191 0.95 58.47 -1.19
N LEU D 192 0.84 57.16 -1.05
CA LEU D 192 0.68 56.50 0.24
C LEU D 192 1.80 55.48 0.39
N GLU D 193 2.55 55.58 1.49
CA GLU D 193 3.69 54.71 1.75
C GLU D 193 3.61 54.21 3.19
N LEU D 194 3.16 52.97 3.36
CA LEU D 194 3.12 52.31 4.66
C LEU D 194 4.36 51.45 4.83
N LYS D 195 5.47 51.90 4.26
CA LYS D 195 6.68 51.09 4.19
C LYS D 195 7.14 50.66 5.58
N GLU D 196 7.51 49.38 5.69
CA GLU D 196 8.16 48.82 6.88
C GLU D 196 7.33 48.99 8.15
N ASN D 197 6.00 48.97 8.02
CA ASN D 197 5.14 48.90 9.20
C ASN D 197 4.93 47.43 9.57
N VAL D 198 5.95 46.83 10.20
CA VAL D 198 5.91 45.39 10.45
C VAL D 198 4.75 45.02 11.36
N HIS D 199 4.48 45.82 12.39
CA HIS D 199 3.43 45.50 13.34
C HIS D 199 2.03 45.64 12.76
N LEU D 200 1.88 46.27 11.60
CA LEU D 200 0.57 46.40 10.97
C LEU D 200 0.08 45.02 10.52
N GLU D 201 -1.20 44.73 10.78
CA GLU D 201 -1.78 43.43 10.49
C GLU D 201 -2.96 43.47 9.53
N LYS D 202 -3.76 44.54 9.51
CA LYS D 202 -4.94 44.57 8.67
C LYS D 202 -5.29 46.01 8.35
N MET D 203 -5.79 46.24 7.14
CA MET D 203 -6.32 47.52 6.71
C MET D 203 -7.79 47.33 6.33
N HIS D 204 -8.65 48.15 6.92
CA HIS D 204 -10.08 48.01 6.67
C HIS D 204 -10.38 48.17 5.19
N ASN D 205 -11.30 47.33 4.70
CA ASN D 205 -11.62 47.33 3.28
C ASN D 205 -12.16 48.68 2.80
N GLY D 206 -12.71 49.48 3.71
CA GLY D 206 -13.28 50.77 3.38
C GLY D 206 -12.36 51.95 3.64
N ALA D 207 -11.07 51.73 3.84
CA ALA D 207 -10.15 52.83 4.14
C ALA D 207 -10.09 53.85 3.01
N PHE D 208 -10.30 53.43 1.77
CA PHE D 208 -10.23 54.32 0.61
C PHE D 208 -11.60 54.74 0.11
N ARG D 209 -12.65 54.51 0.89
CA ARG D 209 -14.01 54.83 0.41
C ARG D 209 -14.16 56.31 0.12
N GLY D 210 -13.68 57.17 1.03
CA GLY D 210 -13.84 58.60 0.87
C GLY D 210 -12.67 59.31 0.26
N ALA D 211 -11.53 58.63 0.10
CA ALA D 211 -10.34 59.25 -0.47
C ALA D 211 -10.34 59.11 -1.99
N THR D 212 -9.62 60.02 -2.64
CA THR D 212 -9.42 59.99 -4.09
C THR D 212 -8.02 59.47 -4.36
N GLY D 213 -7.92 58.39 -5.12
CA GLY D 213 -6.67 57.70 -5.32
C GLY D 213 -6.62 56.43 -4.49
N PRO D 214 -5.43 56.09 -3.95
CA PRO D 214 -4.14 56.76 -4.10
C PRO D 214 -3.53 56.55 -5.48
N LYS D 215 -2.59 57.42 -5.85
CA LYS D 215 -1.86 57.26 -7.11
C LYS D 215 -0.64 56.36 -6.97
N THR D 216 -0.01 56.36 -5.80
CA THR D 216 1.12 55.49 -5.51
C THR D 216 0.90 54.84 -4.14
N LEU D 217 1.14 53.54 -4.06
CA LEU D 217 0.89 52.78 -2.84
C LEU D 217 2.08 51.85 -2.59
N ASP D 218 2.72 52.01 -1.44
CA ASP D 218 3.84 51.18 -1.02
C ASP D 218 3.49 50.47 0.27
N ILE D 219 3.53 49.14 0.25
CA ILE D 219 3.19 48.32 1.42
C ILE D 219 4.35 47.36 1.68
N SER D 220 5.55 47.76 1.30
CA SER D 220 6.70 46.89 1.45
C SER D 220 6.98 46.57 2.91
N SER D 221 7.33 45.32 3.17
CA SER D 221 7.70 44.84 4.51
C SER D 221 6.61 45.09 5.53
N THR D 222 5.35 45.12 5.09
CA THR D 222 4.23 45.36 6.00
C THR D 222 3.57 44.07 6.47
N LYS D 223 3.90 42.94 5.84
CA LYS D 223 3.29 41.64 6.17
C LYS D 223 1.77 41.75 6.29
N LEU D 224 1.17 42.62 5.48
CA LEU D 224 -0.27 42.76 5.46
C LEU D 224 -0.92 41.51 4.86
N GLN D 225 -2.16 41.26 5.27
CA GLN D 225 -2.87 40.07 4.78
C GLN D 225 -3.38 40.27 3.37
N ALA D 226 -4.22 41.27 3.15
CA ALA D 226 -4.79 41.52 1.83
C ALA D 226 -5.07 43.01 1.68
N LEU D 227 -5.13 43.45 0.43
CA LEU D 227 -5.38 44.85 0.14
C LEU D 227 -6.87 45.17 0.27
N PRO D 228 -7.22 46.43 0.51
CA PRO D 228 -8.63 46.80 0.55
C PRO D 228 -9.32 46.49 -0.77
N SER D 229 -10.60 46.10 -0.69
CA SER D 229 -11.34 45.72 -1.87
C SER D 229 -11.81 46.92 -2.68
N TYR D 230 -11.75 48.12 -2.12
CA TYR D 230 -12.23 49.32 -2.78
C TYR D 230 -11.15 50.39 -2.80
N GLY D 231 -11.17 51.21 -3.86
CA GLY D 231 -10.26 52.32 -4.01
C GLY D 231 -8.98 51.99 -4.75
N LEU D 232 -8.74 50.72 -5.07
CA LEU D 232 -7.51 50.34 -5.75
C LEU D 232 -7.55 50.63 -7.25
N GLU D 233 -8.72 50.96 -7.79
CA GLU D 233 -8.83 51.21 -9.23
C GLU D 233 -8.03 52.43 -9.65
N SER D 234 -7.85 53.39 -8.74
CA SER D 234 -7.15 54.63 -9.08
C SER D 234 -5.64 54.53 -8.93
N ILE D 235 -5.12 53.36 -8.56
CA ILE D 235 -3.68 53.23 -8.32
C ILE D 235 -2.94 53.26 -9.65
N GLN D 236 -1.90 54.08 -9.73
CA GLN D 236 -1.04 54.09 -10.91
C GLN D 236 0.09 53.07 -10.77
N ARG D 237 0.79 53.08 -9.64
CA ARG D 237 1.90 52.18 -9.40
C ARG D 237 1.78 51.59 -8.01
N LEU D 238 2.13 50.31 -7.87
CA LEU D 238 2.03 49.57 -6.62
C LEU D 238 3.38 48.96 -6.29
N ILE D 239 3.81 49.10 -5.03
CA ILE D 239 5.05 48.52 -4.55
C ILE D 239 4.73 47.70 -3.30
N ALA D 240 5.09 46.40 -3.35
CA ALA D 240 4.83 45.52 -2.22
C ALA D 240 6.00 44.56 -1.98
N THR D 241 7.22 44.99 -2.26
CA THR D 241 8.37 44.12 -2.11
C THR D 241 8.55 43.68 -0.67
N SER D 242 8.97 42.43 -0.48
CA SER D 242 9.25 41.86 0.83
C SER D 242 8.00 41.75 1.69
N SER D 243 6.82 41.82 1.08
CA SER D 243 5.55 41.63 1.78
C SER D 243 5.07 40.18 1.60
N TYR D 244 5.77 39.27 2.26
CA TYR D 244 5.52 37.85 2.08
C TYR D 244 4.10 37.45 2.48
N SER D 245 3.53 38.09 3.50
CA SER D 245 2.19 37.74 3.94
C SER D 245 1.10 38.13 2.95
N LEU D 246 1.41 39.00 1.98
CA LEU D 246 0.44 39.40 0.97
C LEU D 246 0.40 38.32 -0.12
N LYS D 247 -0.16 37.17 0.25
CA LYS D 247 -0.19 36.01 -0.63
C LYS D 247 -1.24 36.13 -1.74
N LYS D 248 -2.32 36.88 -1.51
CA LYS D 248 -3.40 37.01 -2.47
C LYS D 248 -3.55 38.47 -2.85
N LEU D 249 -3.73 38.72 -4.15
CA LEU D 249 -3.89 40.05 -4.69
C LEU D 249 -5.26 40.20 -5.36
N PRO D 250 -5.76 41.43 -5.50
CA PRO D 250 -7.04 41.62 -6.19
C PRO D 250 -6.98 41.16 -7.64
N SER D 251 -8.15 41.07 -8.25
CA SER D 251 -8.23 40.61 -9.63
C SER D 251 -7.56 41.61 -10.58
N ARG D 252 -7.23 41.13 -11.77
CA ARG D 252 -6.57 41.98 -12.76
C ARG D 252 -7.45 43.17 -13.15
N GLU D 253 -8.76 42.92 -13.34
CA GLU D 253 -9.65 43.99 -13.77
C GLU D 253 -9.74 45.12 -12.76
N THR D 254 -9.48 44.85 -11.48
CA THR D 254 -9.48 45.91 -10.49
C THR D 254 -8.35 46.90 -10.72
N PHE D 255 -7.21 46.42 -11.21
CA PHE D 255 -6.04 47.28 -11.47
C PHE D 255 -6.08 47.87 -12.87
N VAL D 256 -7.09 48.71 -13.12
CA VAL D 256 -7.26 49.28 -14.45
C VAL D 256 -6.12 50.24 -14.79
N ASN D 257 -5.69 51.04 -13.83
CA ASN D 257 -4.71 52.10 -14.05
C ASN D 257 -3.30 51.70 -13.65
N LEU D 258 -3.05 50.42 -13.38
CA LEU D 258 -1.77 49.99 -12.84
C LEU D 258 -0.68 50.00 -13.89
N LEU D 259 0.37 50.78 -13.62
CA LEU D 259 1.64 50.69 -14.34
C LEU D 259 2.75 50.68 -13.31
N GLU D 260 3.93 50.21 -13.73
CA GLU D 260 5.12 50.24 -12.88
C GLU D 260 4.91 49.48 -11.57
N ALA D 261 4.28 48.31 -11.63
CA ALA D 261 4.07 47.52 -10.44
C ALA D 261 5.35 46.79 -10.03
N THR D 262 5.49 46.55 -8.73
CA THR D 262 6.62 45.80 -8.18
C THR D 262 6.11 44.99 -7.00
N LEU D 263 6.10 43.67 -7.15
CA LEU D 263 5.57 42.77 -6.14
C LEU D 263 6.69 41.93 -5.55
N THR D 264 6.33 41.08 -4.58
CA THR D 264 7.31 40.25 -3.87
C THR D 264 7.32 38.81 -4.34
N TYR D 265 6.18 38.27 -4.78
CA TYR D 265 6.11 36.91 -5.29
C TYR D 265 6.15 36.91 -6.80
N PRO D 266 7.10 36.21 -7.43
CA PRO D 266 7.15 36.24 -8.91
C PRO D 266 5.87 35.77 -9.57
N ILE D 267 5.13 34.85 -8.96
CA ILE D 267 3.94 34.30 -9.59
C ILE D 267 2.90 35.39 -9.82
N HIS D 268 2.78 36.32 -8.88
CA HIS D 268 1.72 37.33 -8.97
C HIS D 268 1.79 38.12 -10.26
N CYS D 269 3.00 38.39 -10.77
CA CYS D 269 3.13 39.16 -12.00
C CYS D 269 2.37 38.52 -13.16
N CYS D 270 2.21 37.20 -13.14
CA CYS D 270 1.50 36.52 -14.22
C CYS D 270 0.06 37.03 -14.35
N ALA D 271 -0.51 37.61 -13.30
CA ALA D 271 -1.86 38.14 -13.37
C ALA D 271 -1.95 39.31 -14.34
N PHE D 272 -0.82 39.93 -14.67
CA PHE D 272 -0.80 41.11 -15.53
C PHE D 272 -0.41 40.80 -16.96
N ARG D 273 -0.35 39.51 -17.33
CA ARG D 273 -0.07 39.16 -18.73
C ARG D 273 -1.27 39.43 -19.62
N ASN D 274 -2.46 39.62 -19.04
CA ASN D 274 -3.67 39.77 -19.83
C ASN D 274 -3.60 41.03 -20.68
N LEU D 275 -4.02 40.90 -21.95
CA LEU D 275 -4.11 42.05 -22.82
C LEU D 275 -5.33 42.89 -22.47
N PRO D 276 -5.33 44.18 -22.83
CA PRO D 276 -6.49 45.04 -22.54
C PRO D 276 -7.71 44.67 -23.37
N ASP D 320 16.99 58.46 -18.57
CA ASP D 320 16.29 59.69 -18.92
C ASP D 320 15.34 60.11 -17.80
N TYR D 321 14.45 61.06 -18.12
CA TYR D 321 13.48 61.55 -17.14
C TYR D 321 12.17 60.79 -17.24
N GLU D 322 12.13 59.75 -18.09
CA GLU D 322 10.92 58.94 -18.28
C GLU D 322 9.74 59.80 -18.71
N TYR D 323 10.02 60.81 -19.52
CA TYR D 323 8.97 61.68 -20.03
C TYR D 323 8.06 60.89 -20.97
N GLY D 324 6.76 61.13 -20.86
CA GLY D 324 5.79 60.44 -21.69
C GLY D 324 4.42 61.06 -21.55
N PHE D 325 3.51 60.62 -22.41
CA PHE D 325 2.14 61.12 -22.38
C PHE D 325 1.09 60.03 -22.49
N CYS D 326 1.46 58.77 -22.66
CA CYS D 326 0.49 57.68 -22.77
C CYS D 326 1.02 56.47 -22.02
N LEU D 327 0.14 55.83 -21.26
CA LEU D 327 0.52 54.67 -20.47
C LEU D 327 0.72 53.46 -21.37
N PRO D 328 1.57 52.52 -20.96
CA PRO D 328 1.78 51.31 -21.76
C PRO D 328 0.50 50.49 -21.85
N LYS D 329 0.36 49.76 -22.96
CA LYS D 329 -0.82 48.92 -23.15
C LYS D 329 -0.99 47.91 -22.02
N THR D 330 0.11 47.31 -21.56
CA THR D 330 0.11 46.37 -20.48
C THR D 330 1.11 46.78 -19.41
N PRO D 331 0.87 46.46 -18.14
CA PRO D 331 1.81 46.85 -17.09
C PRO D 331 3.14 46.11 -17.17
N ARG D 332 4.19 46.77 -16.68
CA ARG D 332 5.50 46.17 -16.55
C ARG D 332 5.69 45.73 -15.10
N CYS D 333 5.78 44.42 -14.89
CA CYS D 333 5.79 43.83 -13.55
C CYS D 333 7.13 43.20 -13.26
N ALA D 334 7.64 43.42 -12.05
CA ALA D 334 8.88 42.81 -11.58
C ALA D 334 8.67 42.29 -10.17
N PRO D 335 9.40 41.23 -9.77
CA PRO D 335 10.39 40.50 -10.56
C PRO D 335 9.74 39.55 -11.57
N GLU D 336 10.46 39.26 -12.66
CA GLU D 336 9.94 38.35 -13.66
C GLU D 336 9.80 36.94 -13.08
N PRO D 337 8.78 36.19 -13.48
CA PRO D 337 8.64 34.82 -12.96
C PRO D 337 9.87 33.97 -13.28
N ASP D 338 10.25 33.14 -12.31
CA ASP D 338 11.41 32.28 -12.47
C ASP D 338 11.02 31.01 -13.24
N ALA D 339 12.03 30.20 -13.57
CA ALA D 339 11.79 28.98 -14.32
C ALA D 339 10.84 28.05 -13.56
N PHE D 340 11.00 27.97 -12.22
CA PHE D 340 10.15 27.10 -11.43
C PHE D 340 8.70 27.58 -11.40
N ASN D 341 8.42 28.81 -11.82
CA ASN D 341 7.07 29.35 -11.73
C ASN D 341 6.64 29.96 -13.05
N PRO D 342 6.41 29.15 -14.08
CA PRO D 342 5.88 29.68 -15.33
C PRO D 342 4.44 30.15 -15.17
N CYS D 343 4.06 31.11 -16.01
CA CYS D 343 2.70 31.66 -15.97
C CYS D 343 1.73 30.69 -16.62
N GLU D 344 1.39 29.64 -15.90
CA GLU D 344 0.48 28.62 -16.42
C GLU D 344 -0.40 28.19 -15.26
N ASP D 345 -1.36 27.34 -15.61
CA ASP D 345 -2.12 26.63 -14.61
C ASP D 345 -1.34 25.43 -14.08
N ILE D 346 -1.88 24.81 -13.02
CA ILE D 346 -1.21 23.66 -12.42
C ILE D 346 -1.02 22.55 -13.44
N MET D 347 -2.06 22.24 -14.20
CA MET D 347 -1.95 21.28 -15.30
C MET D 347 -1.69 22.09 -16.59
N GLY D 348 -0.47 21.95 -17.12
CA GLY D 348 -0.03 22.79 -18.21
C GLY D 348 -0.95 22.80 -19.41
N TYR D 349 -1.06 21.66 -20.11
CA TYR D 349 -1.80 21.62 -21.36
C TYR D 349 -3.24 21.19 -21.12
N ASP D 350 -4.12 21.65 -22.02
CA ASP D 350 -5.55 21.43 -21.83
C ASP D 350 -5.90 19.95 -21.85
N PHE D 351 -5.31 19.18 -22.77
CA PHE D 351 -5.67 17.77 -22.89
C PHE D 351 -5.36 17.00 -21.61
N LEU D 352 -4.24 17.33 -20.95
CA LEU D 352 -3.90 16.66 -19.70
C LEU D 352 -5.04 16.73 -18.69
N ARG D 353 -5.78 17.85 -18.66
CA ARG D 353 -6.85 18.00 -17.70
C ARG D 353 -7.84 16.84 -17.77
N VAL D 354 -8.01 16.25 -18.95
CA VAL D 354 -8.84 15.06 -19.08
C VAL D 354 -8.05 13.81 -18.72
N LEU D 355 -6.85 13.67 -19.28
CA LEU D 355 -6.08 12.44 -19.09
C LEU D 355 -5.82 12.17 -17.63
N ILE D 356 -5.62 13.21 -16.82
CA ILE D 356 -5.44 13.00 -15.39
C ILE D 356 -6.68 12.36 -14.78
N TRP D 357 -7.87 12.93 -15.07
CA TRP D 357 -9.08 12.45 -14.43
C TRP D 357 -9.37 10.99 -14.80
N LEU D 358 -9.05 10.59 -16.02
CA LEU D 358 -9.13 9.18 -16.36
C LEU D 358 -8.13 8.38 -15.54
N ILE D 359 -6.86 8.79 -15.57
CA ILE D 359 -5.85 8.05 -14.79
C ILE D 359 -6.19 8.13 -13.31
N ASN D 360 -6.85 9.21 -12.89
CA ASN D 360 -7.44 9.23 -11.55
C ASN D 360 -8.28 7.99 -11.32
N ILE D 361 -9.37 7.85 -12.07
CA ILE D 361 -10.35 6.81 -11.79
C ILE D 361 -9.72 5.44 -11.96
N LEU D 362 -9.03 5.23 -13.08
CA LEU D 362 -8.39 3.95 -13.33
C LEU D 362 -7.40 3.60 -12.22
N ALA D 363 -6.85 4.62 -11.56
CA ALA D 363 -5.86 4.40 -10.52
C ALA D 363 -6.47 4.20 -9.14
N ILE D 364 -7.78 4.33 -8.99
CA ILE D 364 -8.44 4.20 -7.70
C ILE D 364 -9.23 2.90 -7.60
N MET D 365 -10.17 2.66 -8.51
CA MET D 365 -11.05 1.51 -8.36
C MET D 365 -10.27 0.21 -8.31
N GLY D 366 -9.47 -0.06 -9.32
CA GLY D 366 -8.72 -1.30 -9.42
C GLY D 366 -7.95 -1.63 -8.17
N ASN D 367 -7.00 -0.75 -7.82
CA ASN D 367 -6.22 -0.94 -6.61
C ASN D 367 -7.10 -1.06 -5.37
N MET D 368 -8.23 -0.37 -5.35
CA MET D 368 -9.20 -0.57 -4.27
C MET D 368 -9.75 -2.00 -4.32
N THR D 369 -10.25 -2.43 -5.48
CA THR D 369 -10.79 -3.78 -5.59
C THR D 369 -9.74 -4.81 -5.21
N VAL D 370 -8.51 -4.63 -5.69
CA VAL D 370 -7.42 -5.54 -5.33
C VAL D 370 -7.29 -5.59 -3.81
N LEU D 371 -7.33 -4.43 -3.15
CA LEU D 371 -7.31 -4.42 -1.70
C LEU D 371 -8.59 -5.05 -1.13
N PHE D 372 -9.73 -4.74 -1.74
CA PHE D 372 -11.00 -5.24 -1.20
C PHE D 372 -11.11 -6.75 -1.34
N VAL D 373 -10.72 -7.30 -2.49
CA VAL D 373 -10.85 -8.73 -2.72
C VAL D 373 -9.86 -9.50 -1.86
N LEU D 374 -8.61 -9.06 -1.83
CA LEU D 374 -7.56 -9.79 -1.11
C LEU D 374 -7.64 -9.61 0.40
N LEU D 375 -8.37 -8.61 0.89
CA LEU D 375 -8.53 -8.42 2.33
C LEU D 375 -9.74 -9.14 2.90
N THR D 376 -10.70 -9.50 2.06
CA THR D 376 -11.89 -10.24 2.48
C THR D 376 -11.85 -11.66 1.93
N SER D 377 -10.66 -12.24 1.87
CA SER D 377 -10.46 -13.59 1.35
C SER D 377 -10.53 -14.60 2.49
N ARG D 378 -11.34 -15.63 2.31
CA ARG D 378 -11.46 -16.67 3.33
C ARG D 378 -10.13 -17.36 3.56
N TYR D 379 -9.38 -17.58 2.49
CA TYR D 379 -8.20 -18.43 2.51
C TYR D 379 -7.00 -17.68 3.06
N LYS D 380 -6.08 -18.43 3.66
CA LYS D 380 -4.95 -17.83 4.35
C LYS D 380 -4.05 -17.06 3.39
N LEU D 381 -3.46 -15.98 3.89
CA LEU D 381 -2.65 -15.09 3.06
C LEU D 381 -1.26 -15.69 2.88
N THR D 382 -0.85 -15.86 1.62
CA THR D 382 0.50 -16.29 1.31
C THR D 382 1.33 -15.06 0.96
N VAL D 383 2.65 -15.17 1.13
CA VAL D 383 3.57 -14.03 1.05
C VAL D 383 3.30 -13.17 -0.18
N PRO D 384 3.23 -13.74 -1.38
CA PRO D 384 2.93 -12.91 -2.56
C PRO D 384 1.61 -12.16 -2.45
N ARG D 385 0.59 -12.73 -1.81
CA ARG D 385 -0.66 -11.99 -1.65
C ARG D 385 -0.51 -10.80 -0.72
N PHE D 386 0.25 -10.94 0.37
CA PHE D 386 0.52 -9.80 1.23
C PHE D 386 1.30 -8.72 0.48
N LEU D 387 2.30 -9.13 -0.31
CA LEU D 387 3.06 -8.17 -1.10
C LEU D 387 2.15 -7.48 -2.12
N MET D 388 1.24 -8.22 -2.74
CA MET D 388 0.26 -7.64 -3.65
C MET D 388 -0.61 -6.61 -2.93
N CYS D 389 -1.07 -6.93 -1.72
CA CYS D 389 -1.88 -6.00 -0.96
C CYS D 389 -1.12 -4.70 -0.71
N ASN D 390 0.13 -4.80 -0.28
CA ASN D 390 0.89 -3.59 0.04
C ASN D 390 1.24 -2.81 -1.22
N LEU D 391 1.53 -3.50 -2.32
CA LEU D 391 1.77 -2.82 -3.58
C LEU D 391 0.54 -2.05 -4.03
N SER D 392 -0.63 -2.68 -3.92
CA SER D 392 -1.87 -2.02 -4.27
C SER D 392 -2.15 -0.84 -3.35
N PHE D 393 -1.81 -0.94 -2.06
CA PHE D 393 -1.96 0.21 -1.17
C PHE D 393 -1.06 1.36 -1.57
N ALA D 394 0.20 1.07 -1.93
CA ALA D 394 1.11 2.12 -2.37
C ALA D 394 0.58 2.80 -3.62
N ASP D 395 0.13 2.02 -4.60
CA ASP D 395 -0.45 2.59 -5.80
C ASP D 395 -1.74 3.34 -5.52
N PHE D 396 -2.51 2.91 -4.51
CA PHE D 396 -3.68 3.66 -4.08
C PHE D 396 -3.28 5.02 -3.52
N CYS D 397 -2.20 5.08 -2.75
CA CYS D 397 -1.71 6.36 -2.27
C CYS D 397 -1.29 7.26 -3.44
N MET D 398 -0.65 6.67 -4.45
CA MET D 398 -0.34 7.42 -5.66
C MET D 398 -1.59 7.96 -6.31
N GLY D 399 -2.62 7.13 -6.43
CA GLY D 399 -3.88 7.58 -7.02
C GLY D 399 -4.53 8.68 -6.21
N LEU D 400 -4.43 8.61 -4.88
CA LEU D 400 -4.97 9.66 -4.03
C LEU D 400 -4.22 10.98 -4.25
N TYR D 401 -2.90 10.91 -4.39
CA TYR D 401 -2.15 12.12 -4.72
C TYR D 401 -2.62 12.71 -6.04
N LEU D 402 -2.77 11.86 -7.06
CA LEU D 402 -3.22 12.36 -8.36
C LEU D 402 -4.62 12.95 -8.25
N LEU D 403 -5.48 12.35 -7.43
CA LEU D 403 -6.82 12.89 -7.24
C LEU D 403 -6.77 14.26 -6.58
N LEU D 404 -5.90 14.42 -5.58
CA LEU D 404 -5.76 15.73 -4.95
C LEU D 404 -5.30 16.77 -5.97
N ILE D 405 -4.33 16.41 -6.81
CA ILE D 405 -3.85 17.35 -7.81
C ILE D 405 -4.95 17.71 -8.79
N ALA D 406 -5.71 16.71 -9.25
CA ALA D 406 -6.79 16.98 -10.20
C ALA D 406 -7.87 17.85 -9.58
N SER D 407 -8.23 17.60 -8.33
CA SER D 407 -9.23 18.44 -7.66
C SER D 407 -8.73 19.86 -7.51
N VAL D 408 -7.45 20.03 -7.17
CA VAL D 408 -6.88 21.37 -7.07
C VAL D 408 -6.94 22.08 -8.42
N ASP D 409 -6.60 21.36 -9.49
CA ASP D 409 -6.66 21.96 -10.83
C ASP D 409 -8.08 22.39 -11.16
N SER D 410 -9.06 21.53 -10.85
CA SER D 410 -10.45 21.88 -11.11
C SER D 410 -10.89 23.10 -10.32
N GLN D 411 -10.48 23.19 -9.06
CA GLN D 411 -10.90 24.31 -8.21
C GLN D 411 -10.27 25.62 -8.66
N THR D 412 -8.99 25.60 -9.03
CA THR D 412 -8.27 26.79 -9.45
C THR D 412 -8.21 26.92 -10.98
N LYS D 413 -9.25 26.47 -11.68
CA LYS D 413 -9.25 26.46 -13.14
C LYS D 413 -9.12 27.86 -13.71
N GLY D 414 -8.00 28.14 -14.37
CA GLY D 414 -7.82 29.33 -15.16
C GLY D 414 -7.22 30.52 -14.44
N GLN D 415 -7.22 30.54 -13.12
CA GLN D 415 -6.67 31.67 -12.36
C GLN D 415 -5.80 31.15 -11.21
N TYR D 416 -4.90 30.22 -11.54
CA TYR D 416 -4.08 29.59 -10.51
C TYR D 416 -3.30 30.62 -9.70
N TYR D 417 -2.79 31.67 -10.36
CA TYR D 417 -1.85 32.57 -9.70
C TYR D 417 -2.41 33.14 -8.40
N ASN D 418 -3.73 33.34 -8.33
CA ASN D 418 -4.32 33.89 -7.11
C ASN D 418 -4.13 32.95 -5.92
N HIS D 419 -4.34 31.66 -6.13
CA HIS D 419 -4.22 30.68 -5.06
C HIS D 419 -2.83 30.03 -5.01
N ALA D 420 -1.92 30.45 -5.88
CA ALA D 420 -0.64 29.76 -6.03
C ALA D 420 0.16 29.78 -4.74
N ILE D 421 0.38 30.98 -4.18
CA ILE D 421 1.19 31.08 -2.97
C ILE D 421 0.50 30.40 -1.80
N ASP D 422 -0.82 30.59 -1.68
CA ASP D 422 -1.55 30.02 -0.55
C ASP D 422 -1.52 28.50 -0.55
N TRP D 423 -1.74 27.87 -1.70
CA TRP D 423 -1.84 26.41 -1.72
C TRP D 423 -0.47 25.75 -1.85
N GLN D 424 0.39 26.32 -2.70
CA GLN D 424 1.72 25.74 -2.91
C GLN D 424 2.55 25.72 -1.64
N THR D 425 2.24 26.59 -0.68
CA THR D 425 2.95 26.63 0.60
C THR D 425 2.09 26.17 1.77
N GLY D 426 0.83 25.79 1.52
CA GLY D 426 -0.04 25.32 2.58
C GLY D 426 0.15 23.86 2.89
N SER D 427 -0.73 23.31 3.72
CA SER D 427 -0.62 21.89 4.08
C SER D 427 -0.92 21.00 2.89
N GLY D 428 -1.74 21.47 1.95
CA GLY D 428 -2.12 20.62 0.83
C GLY D 428 -0.93 20.20 -0.02
N CYS D 429 -0.07 21.16 -0.36
CA CYS D 429 1.11 20.85 -1.17
C CYS D 429 2.07 19.92 -0.46
N SER D 430 2.32 20.13 0.83
CA SER D 430 3.17 19.22 1.59
C SER D 430 2.57 17.82 1.66
N THR D 431 1.26 17.71 1.86
CA THR D 431 0.61 16.40 1.87
C THR D 431 0.77 15.72 0.51
N ALA D 432 0.60 16.48 -0.57
CA ALA D 432 0.74 15.91 -1.91
C ALA D 432 2.17 15.42 -2.14
N GLY D 433 3.17 16.21 -1.74
CA GLY D 433 4.55 15.79 -1.91
C GLY D 433 4.88 14.55 -1.09
N PHE D 434 4.41 14.52 0.16
CA PHE D 434 4.62 13.34 1.00
C PHE D 434 3.97 12.12 0.37
N PHE D 435 2.75 12.26 -0.14
CA PHE D 435 2.09 11.14 -0.80
C PHE D 435 2.91 10.67 -1.99
N THR D 436 3.37 11.59 -2.84
CA THR D 436 4.15 11.19 -4.00
C THR D 436 5.38 10.39 -3.58
N VAL D 437 6.18 10.95 -2.70
CA VAL D 437 7.44 10.30 -2.34
C VAL D 437 7.17 8.96 -1.67
N PHE D 438 6.28 8.94 -0.67
CA PHE D 438 6.02 7.70 0.06
C PHE D 438 5.47 6.62 -0.86
N ALA D 439 4.45 6.95 -1.65
CA ALA D 439 3.83 5.96 -2.51
C ALA D 439 4.82 5.44 -3.55
N SER D 440 5.58 6.34 -4.19
CA SER D 440 6.51 5.89 -5.22
C SER D 440 7.59 4.98 -4.63
N GLU D 441 8.20 5.40 -3.51
CA GLU D 441 9.26 4.60 -2.93
C GLU D 441 8.73 3.26 -2.41
N LEU D 442 7.56 3.27 -1.78
CA LEU D 442 6.98 2.02 -1.30
C LEU D 442 6.66 1.08 -2.45
N SER D 443 6.10 1.60 -3.54
CA SER D 443 5.81 0.76 -4.69
C SER D 443 7.08 0.17 -5.29
N VAL D 444 8.11 0.99 -5.44
CA VAL D 444 9.36 0.48 -6.00
C VAL D 444 9.97 -0.60 -5.10
N TYR D 445 10.01 -0.34 -3.78
CA TYR D 445 10.59 -1.33 -2.87
C TYR D 445 9.77 -2.61 -2.87
N THR D 446 8.44 -2.50 -2.91
CA THR D 446 7.61 -3.69 -2.93
C THR D 446 7.80 -4.48 -4.22
N LEU D 447 7.91 -3.80 -5.36
CA LEU D 447 8.17 -4.51 -6.61
C LEU D 447 9.51 -5.23 -6.57
N THR D 448 10.54 -4.57 -6.04
CA THR D 448 11.83 -5.22 -5.88
C THR D 448 11.76 -6.43 -4.96
N VAL D 449 11.05 -6.33 -3.85
CA VAL D 449 10.92 -7.47 -2.93
C VAL D 449 10.16 -8.60 -3.61
N ILE D 450 9.10 -8.27 -4.36
CA ILE D 450 8.33 -9.30 -5.05
C ILE D 450 9.20 -10.04 -6.04
N THR D 451 9.97 -9.29 -6.85
CA THR D 451 10.85 -9.94 -7.80
C THR D 451 11.92 -10.77 -7.11
N LEU D 452 12.51 -10.26 -6.04
CA LEU D 452 13.55 -11.00 -5.32
C LEU D 452 13.01 -12.29 -4.71
N GLU D 453 11.82 -12.24 -4.11
CA GLU D 453 11.26 -13.46 -3.52
C GLU D 453 10.82 -14.43 -4.61
N ARG D 454 10.34 -13.95 -5.75
CA ARG D 454 10.05 -14.84 -6.86
C ARG D 454 11.32 -15.56 -7.31
N TRP D 455 12.43 -14.81 -7.45
CA TRP D 455 13.68 -15.43 -7.83
C TRP D 455 14.15 -16.43 -6.78
N HIS D 456 14.00 -16.10 -5.50
CA HIS D 456 14.40 -17.00 -4.43
C HIS D 456 13.60 -18.30 -4.48
N THR D 457 12.29 -18.20 -4.68
CA THR D 457 11.43 -19.37 -4.73
C THR D 457 11.62 -20.20 -5.99
N ILE D 458 12.03 -19.58 -7.09
CA ILE D 458 12.24 -20.33 -8.33
C ILE D 458 13.64 -20.93 -8.41
N THR D 459 14.63 -20.31 -7.78
CA THR D 459 15.99 -20.83 -7.81
C THR D 459 16.17 -21.97 -6.82
N TYR D 460 15.95 -21.70 -5.54
CA TYR D 460 16.02 -22.73 -4.50
C TYR D 460 14.65 -23.39 -4.35
N ALA D 461 14.13 -23.84 -5.49
CA ALA D 461 12.79 -24.42 -5.53
C ALA D 461 12.78 -25.84 -4.97
N ILE D 462 13.83 -26.62 -5.23
CA ILE D 462 13.87 -27.99 -4.74
C ILE D 462 13.96 -28.01 -3.21
N HIS D 463 14.76 -27.11 -2.64
CA HIS D 463 14.87 -27.00 -1.18
C HIS D 463 13.61 -26.33 -0.67
N LEU D 464 12.59 -27.15 -0.42
CA LEU D 464 11.27 -26.66 -0.05
C LEU D 464 11.24 -26.06 1.36
N ASP D 465 12.28 -26.27 2.16
CA ASP D 465 12.32 -25.71 3.50
C ASP D 465 12.87 -24.29 3.56
N GLN D 466 13.51 -23.82 2.48
CA GLN D 466 14.08 -22.47 2.43
C GLN D 466 13.09 -21.44 1.92
N LYS D 467 11.86 -21.84 1.61
CA LYS D 467 10.86 -20.90 1.12
C LYS D 467 10.64 -19.79 2.15
N LEU D 468 10.65 -18.54 1.68
CA LEU D 468 10.40 -17.42 2.56
C LEU D 468 8.99 -17.49 3.12
N ARG D 469 8.87 -17.27 4.43
CA ARG D 469 7.60 -17.38 5.13
C ARG D 469 7.10 -16.01 5.55
N LEU D 470 5.86 -15.98 6.05
CA LEU D 470 5.19 -14.72 6.27
C LEU D 470 5.87 -13.85 7.33
N ARG D 471 6.51 -14.43 8.33
CA ARG D 471 7.13 -13.61 9.37
C ARG D 471 8.25 -12.73 8.80
N HIS D 472 9.15 -13.34 8.03
CA HIS D 472 10.21 -12.56 7.38
C HIS D 472 9.64 -11.56 6.40
N ALA D 473 8.57 -11.92 5.68
CA ALA D 473 7.94 -10.97 4.77
C ALA D 473 7.41 -9.75 5.51
N ILE D 474 6.73 -9.96 6.64
CA ILE D 474 6.21 -8.84 7.42
C ILE D 474 7.36 -8.00 7.96
N LEU D 475 8.44 -8.64 8.41
CA LEU D 475 9.57 -7.87 8.92
C LEU D 475 10.18 -7.00 7.82
N ILE D 476 10.44 -7.60 6.65
CA ILE D 476 11.03 -6.86 5.54
C ILE D 476 10.12 -5.73 5.10
N MET D 477 8.81 -5.98 5.08
CA MET D 477 7.88 -4.96 4.61
C MET D 477 7.68 -3.86 5.64
N LEU D 478 7.79 -4.16 6.93
CA LEU D 478 7.81 -3.09 7.93
C LEU D 478 9.06 -2.24 7.77
N GLY D 479 10.21 -2.87 7.52
CA GLY D 479 11.40 -2.10 7.21
C GLY D 479 11.22 -1.22 5.98
N GLY D 480 10.57 -1.75 4.95
CA GLY D 480 10.27 -1.00 3.75
C GLY D 480 9.35 0.19 4.01
N TRP D 481 8.33 -0.03 4.83
CA TRP D 481 7.45 1.06 5.22
C TRP D 481 8.21 2.15 5.96
N LEU D 482 9.09 1.76 6.89
CA LEU D 482 9.89 2.75 7.60
C LEU D 482 10.77 3.53 6.64
N PHE D 483 11.42 2.83 5.71
CA PHE D 483 12.28 3.50 4.74
C PHE D 483 11.48 4.47 3.87
N SER D 484 10.31 4.04 3.40
CA SER D 484 9.51 4.88 2.53
C SER D 484 8.96 6.10 3.25
N SER D 485 8.50 5.94 4.49
CA SER D 485 7.96 7.06 5.25
C SER D 485 9.04 7.96 5.82
N LEU D 486 10.28 7.48 5.91
CA LEU D 486 11.37 8.31 6.39
C LEU D 486 11.90 9.20 5.27
N ILE D 487 12.12 8.63 4.09
CA ILE D 487 12.60 9.39 2.94
C ILE D 487 11.59 10.44 2.50
N ALA D 488 10.30 10.17 2.67
CA ALA D 488 9.27 11.13 2.30
C ALA D 488 9.03 12.18 3.37
N MET D 489 9.65 12.05 4.54
CA MET D 489 9.48 13.02 5.62
C MET D 489 10.60 14.05 5.65
N LEU D 490 11.77 13.71 5.12
CA LEU D 490 12.87 14.67 5.11
C LEU D 490 12.51 15.99 4.43
N PRO D 491 11.81 16.02 3.30
CA PRO D 491 11.43 17.32 2.72
C PRO D 491 10.64 18.19 3.68
N LEU D 492 9.88 17.60 4.59
CA LEU D 492 9.18 18.36 5.62
C LEU D 492 10.09 18.79 6.76
N VAL D 493 11.36 18.36 6.76
CA VAL D 493 12.27 18.64 7.86
C VAL D 493 13.40 19.55 7.38
N GLY D 494 13.29 20.04 6.15
CA GLY D 494 14.24 21.00 5.62
C GLY D 494 15.27 20.44 4.66
N VAL D 495 15.39 19.12 4.55
CA VAL D 495 16.32 18.55 3.59
C VAL D 495 15.95 18.94 2.17
N SER D 496 14.67 19.10 1.89
CA SER D 496 14.18 19.58 0.61
C SER D 496 12.86 20.28 0.86
N ASN D 497 12.32 20.91 -0.18
CA ASN D 497 11.05 21.61 -0.09
C ASN D 497 10.09 21.11 -1.17
N TYR D 498 8.87 20.78 -0.74
CA TYR D 498 7.79 20.49 -1.68
C TYR D 498 7.18 21.75 -2.25
N MET D 499 7.61 22.93 -1.78
CA MET D 499 7.01 24.20 -2.15
C MET D 499 7.66 24.83 -3.38
N LYS D 500 8.65 24.17 -3.99
CA LYS D 500 9.39 24.80 -5.07
C LYS D 500 8.59 24.83 -6.38
N VAL D 501 7.73 23.84 -6.59
CA VAL D 501 6.98 23.72 -7.84
C VAL D 501 5.50 23.50 -7.51
N SER D 502 4.64 23.82 -8.47
CA SER D 502 3.20 23.66 -8.26
C SER D 502 2.85 22.21 -7.95
N ILE D 503 3.32 21.26 -8.77
CA ILE D 503 2.97 19.86 -8.58
C ILE D 503 3.56 19.27 -7.32
N CYS D 504 4.33 20.05 -6.55
CA CYS D 504 4.80 19.71 -5.22
C CYS D 504 5.84 18.59 -5.21
N PHE D 505 6.43 18.28 -6.35
CA PHE D 505 7.51 17.31 -6.38
C PHE D 505 8.77 17.92 -5.76
N PRO D 506 9.60 17.11 -5.10
CA PRO D 506 10.77 17.67 -4.41
C PRO D 506 11.87 18.09 -5.38
N MET D 507 11.72 19.28 -5.96
CA MET D 507 12.68 19.80 -6.93
C MET D 507 13.71 20.74 -6.32
N ASP D 508 13.74 20.88 -5.00
CA ASP D 508 14.72 21.76 -4.35
C ASP D 508 16.11 21.14 -4.43
N VAL D 509 16.97 21.73 -5.25
CA VAL D 509 18.30 21.18 -5.48
C VAL D 509 19.36 22.27 -5.33
N GLU D 510 19.04 23.33 -4.59
CA GLU D 510 20.01 24.40 -4.39
C GLU D 510 21.18 23.94 -3.51
N THR D 511 20.89 23.59 -2.27
CA THR D 511 21.93 23.16 -1.33
C THR D 511 22.38 21.75 -1.69
N THR D 512 23.66 21.45 -1.43
CA THR D 512 24.21 20.16 -1.80
C THR D 512 23.51 19.00 -1.11
N LEU D 513 22.99 19.20 0.10
CA LEU D 513 22.30 18.13 0.80
C LEU D 513 21.07 17.68 0.03
N SER D 514 20.27 18.63 -0.45
CA SER D 514 19.09 18.28 -1.23
C SER D 514 19.47 17.62 -2.54
N GLN D 515 20.54 18.10 -3.18
CA GLN D 515 20.98 17.49 -4.43
C GLN D 515 21.39 16.03 -4.22
N VAL D 516 22.18 15.77 -3.17
CA VAL D 516 22.61 14.40 -2.93
C VAL D 516 21.43 13.53 -2.54
N TYR D 517 20.48 14.07 -1.77
CA TYR D 517 19.28 13.30 -1.43
C TYR D 517 18.51 12.91 -2.68
N ILE D 518 18.25 13.88 -3.57
CA ILE D 518 17.47 13.59 -4.77
C ILE D 518 18.21 12.59 -5.65
N LEU D 519 19.51 12.78 -5.85
CA LEU D 519 20.28 11.85 -6.66
C LEU D 519 20.29 10.46 -6.03
N THR D 520 20.37 10.37 -4.70
CA THR D 520 20.33 9.08 -4.04
C THR D 520 19.01 8.38 -4.29
N ILE D 521 17.90 9.09 -4.18
CA ILE D 521 16.59 8.47 -4.44
C ILE D 521 16.50 7.99 -5.88
N LEU D 522 16.91 8.84 -6.84
CA LEU D 522 16.82 8.46 -8.24
C LEU D 522 17.71 7.26 -8.55
N ILE D 523 18.94 7.24 -8.03
CA ILE D 523 19.82 6.11 -8.24
C ILE D 523 19.31 4.84 -7.56
N LEU D 524 18.67 4.97 -6.39
CA LEU D 524 18.04 3.81 -5.78
C LEU D 524 16.95 3.24 -6.67
N ASN D 525 16.14 4.11 -7.28
CA ASN D 525 15.12 3.64 -8.21
C ASN D 525 15.75 2.94 -9.41
N VAL D 526 16.81 3.51 -9.98
CA VAL D 526 17.47 2.90 -11.12
C VAL D 526 18.04 1.54 -10.75
N VAL D 527 18.69 1.44 -9.59
CA VAL D 527 19.24 0.17 -9.15
C VAL D 527 18.14 -0.83 -8.86
N ALA D 528 17.00 -0.36 -8.35
CA ALA D 528 15.85 -1.24 -8.15
C ALA D 528 15.42 -1.86 -9.47
N PHE D 529 15.28 -1.04 -10.51
CA PHE D 529 14.91 -1.58 -11.81
C PHE D 529 15.96 -2.56 -12.33
N PHE D 530 17.24 -2.22 -12.16
CA PHE D 530 18.30 -3.11 -12.62
C PHE D 530 18.28 -4.45 -11.89
N ILE D 531 18.07 -4.45 -10.57
CA ILE D 531 18.02 -5.72 -9.85
C ILE D 531 16.78 -6.51 -10.24
N ILE D 532 15.65 -5.84 -10.48
CA ILE D 532 14.48 -6.56 -10.97
C ILE D 532 14.80 -7.26 -12.29
N CYS D 533 15.43 -6.53 -13.22
CA CYS D 533 15.78 -7.12 -14.51
C CYS D 533 16.73 -8.29 -14.34
N ALA D 534 17.76 -8.13 -13.50
CA ALA D 534 18.73 -9.21 -13.29
C ALA D 534 18.08 -10.44 -12.68
N CYS D 535 17.22 -10.25 -11.67
CA CYS D 535 16.56 -11.37 -11.05
C CYS D 535 15.65 -12.09 -12.05
N TYR D 536 14.94 -11.34 -12.88
CA TYR D 536 14.10 -11.97 -13.88
C TYR D 536 14.94 -12.76 -14.89
N ILE D 537 16.07 -12.20 -15.33
CA ILE D 537 16.93 -12.91 -16.27
C ILE D 537 17.45 -14.19 -15.63
N LYS D 538 17.84 -14.13 -14.35
CA LYS D 538 18.31 -15.33 -13.67
C LYS D 538 17.20 -16.37 -13.56
N ILE D 539 15.97 -15.92 -13.30
CA ILE D 539 14.83 -16.85 -13.27
C ILE D 539 14.71 -17.55 -14.62
N TYR D 540 14.79 -16.78 -15.70
CA TYR D 540 14.63 -17.36 -17.03
C TYR D 540 15.74 -18.36 -17.35
N PHE D 541 16.99 -18.03 -16.99
CA PHE D 541 18.10 -18.94 -17.21
C PHE D 541 18.07 -20.15 -16.29
N ALA D 542 17.38 -20.06 -15.15
CA ALA D 542 17.26 -21.21 -14.26
C ALA D 542 16.16 -22.17 -14.71
N VAL D 543 15.02 -21.65 -15.13
CA VAL D 543 13.93 -22.50 -15.58
C VAL D 543 14.29 -23.21 -16.88
N ARG D 544 15.05 -22.54 -17.74
CA ARG D 544 15.35 -23.09 -19.06
C ARG D 544 16.03 -24.45 -18.95
N ASN D 545 15.59 -25.39 -19.77
CA ASN D 545 16.20 -26.71 -19.85
C ASN D 545 17.06 -26.79 -21.10
N PRO D 546 18.39 -26.88 -20.98
CA PRO D 546 19.24 -26.87 -22.19
C PRO D 546 19.22 -28.15 -22.99
N GLU D 547 18.62 -29.22 -22.48
CA GLU D 547 18.59 -30.51 -23.18
C GLU D 547 17.20 -31.02 -23.46
N LEU D 548 16.25 -30.85 -22.53
CA LEU D 548 14.91 -31.35 -22.71
C LEU D 548 14.08 -30.38 -23.55
N MET D 549 12.84 -30.78 -23.84
CA MET D 549 11.95 -29.98 -24.67
C MET D 549 11.57 -28.69 -23.96
N ALA D 550 12.12 -27.56 -24.44
CA ALA D 550 11.78 -26.25 -23.88
C ALA D 550 11.62 -25.19 -24.98
N THR D 551 11.45 -25.61 -26.24
CA THR D 551 11.35 -24.66 -27.34
C THR D 551 10.06 -23.87 -27.33
N ASN D 552 8.97 -24.46 -26.83
CA ASN D 552 7.67 -23.80 -26.85
C ASN D 552 7.23 -23.23 -25.51
N LYS D 553 7.93 -23.55 -24.42
CA LYS D 553 7.61 -22.98 -23.11
C LYS D 553 8.52 -21.82 -22.73
N ASP D 554 9.77 -21.82 -23.21
CA ASP D 554 10.65 -20.69 -22.94
C ASP D 554 10.12 -19.41 -23.60
N THR D 555 9.46 -19.54 -24.75
CA THR D 555 8.95 -18.37 -25.45
C THR D 555 7.91 -17.62 -24.63
N LYS D 556 6.98 -18.33 -23.99
CA LYS D 556 5.98 -17.67 -23.15
C LYS D 556 6.62 -17.00 -21.94
N ILE D 557 7.56 -17.69 -21.30
CA ILE D 557 8.28 -17.11 -20.16
C ILE D 557 8.93 -15.81 -20.57
N ALA D 558 9.70 -15.84 -21.66
CA ALA D 558 10.38 -14.63 -22.12
C ALA D 558 9.37 -13.56 -22.47
N LYS D 559 8.28 -13.94 -23.14
CA LYS D 559 7.32 -12.95 -23.60
C LYS D 559 6.73 -12.17 -22.43
N LYS D 560 6.17 -12.86 -21.44
CA LYS D 560 5.47 -12.11 -20.40
C LYS D 560 6.47 -11.44 -19.46
N MET D 561 7.62 -12.08 -19.21
CA MET D 561 8.63 -11.42 -18.40
C MET D 561 9.14 -10.16 -19.07
N ALA D 562 9.25 -10.15 -20.40
CA ALA D 562 9.56 -8.94 -21.13
C ALA D 562 8.43 -7.92 -21.04
N ILE D 563 7.18 -8.37 -21.03
CA ILE D 563 6.07 -7.43 -20.82
C ILE D 563 6.22 -6.72 -19.48
N LEU D 564 6.47 -7.48 -18.42
CA LEU D 564 6.64 -6.88 -17.10
C LEU D 564 7.82 -5.92 -17.07
N ILE D 565 8.97 -6.37 -17.58
CA ILE D 565 10.16 -5.53 -17.56
C ILE D 565 9.94 -4.27 -18.40
N PHE D 566 9.22 -4.38 -19.51
CA PHE D 566 8.96 -3.23 -20.37
C PHE D 566 8.00 -2.25 -19.72
N THR D 567 6.98 -2.74 -19.01
CA THR D 567 6.13 -1.81 -18.27
C THR D 567 6.95 -1.05 -17.22
N ASP D 568 7.78 -1.77 -16.47
CA ASP D 568 8.63 -1.11 -15.48
C ASP D 568 9.56 -0.10 -16.15
N PHE D 569 10.16 -0.46 -17.27
CA PHE D 569 11.09 0.41 -17.97
C PHE D 569 10.40 1.65 -18.52
N THR D 570 9.24 1.50 -19.15
CA THR D 570 8.52 2.66 -19.66
C THR D 570 8.01 3.56 -18.55
N CYS D 571 7.78 3.02 -17.34
CA CYS D 571 7.46 3.88 -16.22
C CYS D 571 8.68 4.58 -15.63
N MET D 572 9.85 3.93 -15.68
CA MET D 572 11.03 4.45 -14.97
C MET D 572 11.94 5.30 -15.85
N ALA D 573 12.39 4.75 -16.98
CA ALA D 573 13.50 5.31 -17.73
C ALA D 573 13.31 6.78 -18.10
N PRO D 574 12.15 7.20 -18.63
CA PRO D 574 11.99 8.60 -18.99
C PRO D 574 12.07 9.53 -17.78
N ILE D 575 11.24 9.22 -16.77
CA ILE D 575 11.21 10.05 -15.58
C ILE D 575 12.57 10.06 -14.90
N SER D 576 13.17 8.89 -14.73
CA SER D 576 14.46 8.81 -14.06
C SER D 576 15.54 9.55 -14.82
N PHE D 577 15.60 9.38 -16.14
CA PHE D 577 16.63 10.08 -16.94
C PHE D 577 16.47 11.58 -16.83
N PHE D 578 15.24 12.09 -17.02
CA PHE D 578 15.03 13.53 -16.95
C PHE D 578 15.34 14.06 -15.56
N ALA D 579 14.89 13.35 -14.51
CA ALA D 579 15.15 13.79 -13.15
C ALA D 579 16.62 13.80 -12.81
N ILE D 580 17.38 12.78 -13.23
CA ILE D 580 18.80 12.75 -12.95
C ILE D 580 19.52 13.85 -13.74
N SER D 581 19.10 14.09 -14.98
CA SER D 581 19.72 15.15 -15.77
C SER D 581 19.48 16.51 -15.13
N ALA D 582 18.26 16.74 -14.64
CA ALA D 582 17.93 18.03 -14.03
C ALA D 582 18.43 18.15 -12.59
N ALA D 583 18.78 17.04 -11.94
CA ALA D 583 19.30 17.07 -10.58
C ALA D 583 20.79 17.40 -10.54
N PHE D 584 21.49 17.30 -11.66
CA PHE D 584 22.86 17.77 -11.79
C PHE D 584 22.93 19.22 -12.25
N LYS D 585 21.79 19.93 -12.24
CA LYS D 585 21.61 21.33 -12.71
C LYS D 585 21.90 21.42 -14.22
N VAL D 586 21.48 20.40 -15.00
CA VAL D 586 21.53 20.41 -16.46
C VAL D 586 20.13 20.12 -16.97
N PRO D 587 19.16 21.02 -16.77
CA PRO D 587 17.79 20.72 -17.20
C PRO D 587 17.70 20.56 -18.72
N LEU D 588 17.04 19.50 -19.15
CA LEU D 588 16.81 19.23 -20.56
C LEU D 588 15.35 19.45 -20.96
N ILE D 589 14.54 20.04 -20.08
CA ILE D 589 13.13 20.24 -20.35
C ILE D 589 12.67 21.44 -19.52
N THR D 590 11.55 22.04 -19.92
CA THR D 590 10.93 23.11 -19.17
C THR D 590 9.86 22.56 -18.25
N VAL D 591 9.60 23.28 -17.15
CA VAL D 591 8.63 22.84 -16.17
C VAL D 591 7.22 22.69 -16.74
N THR D 592 6.87 23.51 -17.73
CA THR D 592 5.53 23.41 -18.32
C THR D 592 5.34 22.06 -19.00
N ASN D 593 6.31 21.62 -19.79
CA ASN D 593 6.23 20.32 -20.43
C ASN D 593 6.38 19.18 -19.43
N SER D 594 7.06 19.41 -18.31
CA SER D 594 7.24 18.40 -17.24
C SER D 594 5.90 17.79 -16.87
N LYS D 595 4.87 18.61 -16.81
CA LYS D 595 3.51 18.16 -16.50
C LYS D 595 3.16 16.91 -17.32
N VAL D 596 3.42 16.88 -18.62
CA VAL D 596 3.04 15.75 -19.45
C VAL D 596 3.63 14.46 -18.89
N LEU D 597 4.92 14.48 -18.57
CA LEU D 597 5.58 13.29 -18.04
C LEU D 597 4.96 12.79 -16.74
N LEU D 598 4.26 13.65 -16.00
CA LEU D 598 3.52 13.16 -14.84
C LEU D 598 2.34 12.32 -15.31
N VAL D 599 1.52 12.87 -16.22
CA VAL D 599 0.28 12.18 -16.59
C VAL D 599 0.58 10.94 -17.44
N LEU D 600 1.50 11.06 -18.40
CA LEU D 600 1.65 10.03 -19.42
C LEU D 600 2.59 8.90 -18.99
N PHE D 601 3.51 9.14 -18.07
CA PHE D 601 4.54 8.15 -17.75
C PHE D 601 4.71 7.85 -16.26
N TYR D 602 4.24 8.70 -15.37
CA TYR D 602 4.55 8.51 -13.95
C TYR D 602 3.64 7.45 -13.31
N PRO D 603 2.31 7.51 -13.52
CA PRO D 603 1.44 6.51 -12.87
C PRO D 603 1.30 5.21 -13.65
N ILE D 604 2.19 4.97 -14.63
CA ILE D 604 2.07 3.76 -15.42
C ILE D 604 2.08 2.52 -14.53
N ASN D 605 3.03 2.46 -13.59
CA ASN D 605 3.01 1.37 -12.62
C ASN D 605 1.75 1.42 -11.76
N SER D 606 1.38 2.62 -11.30
CA SER D 606 0.26 2.74 -10.37
C SER D 606 -1.06 2.27 -10.98
N CYS D 607 -1.15 2.18 -12.31
CA CYS D 607 -2.36 1.73 -12.97
C CYS D 607 -2.19 0.42 -13.72
N ALA D 608 -0.97 -0.10 -13.84
CA ALA D 608 -0.71 -1.33 -14.56
C ALA D 608 -0.24 -2.46 -13.64
N ASN D 609 0.08 -2.15 -12.38
CA ASN D 609 0.49 -3.16 -11.43
C ASN D 609 -0.65 -4.12 -11.14
N PRO D 610 -1.83 -3.63 -10.73
CA PRO D 610 -2.92 -4.55 -10.40
C PRO D 610 -3.32 -5.48 -11.54
N PHE D 611 -3.25 -5.02 -12.80
CA PHE D 611 -3.64 -5.84 -13.94
C PHE D 611 -2.58 -6.89 -14.29
N LEU D 612 -1.31 -6.50 -14.38
CA LEU D 612 -0.28 -7.47 -14.70
C LEU D 612 0.00 -8.41 -13.54
N TYR D 613 -0.15 -7.94 -12.30
CA TYR D 613 0.22 -8.71 -11.13
C TYR D 613 -0.95 -9.29 -10.35
N ALA D 614 -2.04 -8.53 -10.20
CA ALA D 614 -3.10 -8.91 -9.27
C ALA D 614 -4.37 -9.35 -9.96
N ILE D 615 -4.92 -8.55 -10.88
CA ILE D 615 -6.25 -8.84 -11.41
C ILE D 615 -6.24 -10.13 -12.22
N PHE D 616 -5.17 -10.40 -12.96
CA PHE D 616 -5.15 -11.47 -13.95
C PHE D 616 -4.73 -12.82 -13.38
N THR D 617 -4.36 -12.90 -12.11
CA THR D 617 -3.94 -14.17 -11.54
C THR D 617 -5.14 -15.01 -11.15
N LYS D 618 -4.93 -16.33 -11.10
CA LYS D 618 -6.03 -17.24 -10.83
C LYS D 618 -6.63 -17.02 -9.45
N THR D 619 -5.78 -16.79 -8.44
CA THR D 619 -6.27 -16.66 -7.08
C THR D 619 -7.23 -15.47 -6.95
N PHE D 620 -6.85 -14.32 -7.49
CA PHE D 620 -7.70 -13.14 -7.37
C PHE D 620 -9.00 -13.32 -8.13
N GLN D 621 -8.93 -13.91 -9.32
CA GLN D 621 -10.15 -14.17 -10.08
C GLN D 621 -11.09 -15.08 -9.31
N ARG D 622 -10.55 -16.14 -8.71
CA ARG D 622 -11.36 -17.09 -7.97
C ARG D 622 -11.99 -16.45 -6.74
N ASP D 623 -11.22 -15.61 -6.02
CA ASP D 623 -11.79 -14.86 -4.92
C ASP D 623 -12.88 -13.90 -5.41
N PHE D 624 -12.68 -13.29 -6.58
CA PHE D 624 -13.67 -12.36 -7.11
C PHE D 624 -14.97 -13.07 -7.45
N PHE D 625 -14.88 -14.25 -8.07
CA PHE D 625 -16.10 -15.01 -8.32
C PHE D 625 -16.75 -15.47 -7.01
N LEU D 626 -15.95 -15.77 -5.99
CA LEU D 626 -16.53 -16.08 -4.69
C LEU D 626 -17.33 -14.91 -4.15
N LEU D 627 -16.78 -13.69 -4.24
CA LEU D 627 -17.50 -12.52 -3.80
C LEU D 627 -18.77 -12.31 -4.62
N LEU D 628 -18.68 -12.49 -5.94
CA LEU D 628 -19.87 -12.33 -6.78
C LEU D 628 -20.96 -13.33 -6.39
N SER D 629 -20.57 -14.58 -6.13
CA SER D 629 -21.54 -15.58 -5.68
C SER D 629 -22.14 -15.17 -4.35
N LYS D 630 -21.32 -14.64 -3.44
CA LYS D 630 -21.85 -14.17 -2.17
C LYS D 630 -22.88 -13.07 -2.37
N PHE D 631 -22.62 -12.13 -3.28
CA PHE D 631 -23.56 -11.07 -3.59
C PHE D 631 -24.58 -11.47 -4.65
N GLY D 632 -24.43 -12.65 -5.25
CA GLY D 632 -25.41 -13.16 -6.19
C GLY D 632 -25.34 -12.58 -7.58
N CYS D 633 -24.32 -11.78 -7.89
CA CYS D 633 -24.19 -11.17 -9.21
C CYS D 633 -23.48 -12.07 -10.21
N CYS D 634 -22.98 -13.23 -9.79
CA CYS D 634 -22.29 -14.13 -10.69
C CYS D 634 -23.22 -14.65 -11.77
N GLN E 28 35.94 66.58 -7.29
CA GLN E 28 35.12 66.45 -8.54
C GLN E 28 34.16 67.63 -8.65
N ASP E 29 33.72 67.93 -9.87
CA ASP E 29 32.96 69.13 -10.13
C ASP E 29 31.46 68.89 -10.00
N CYS E 30 30.75 69.87 -9.44
CA CYS E 30 29.30 69.92 -9.41
C CYS E 30 28.94 71.38 -9.16
N PRO E 31 28.17 72.01 -10.04
CA PRO E 31 27.98 73.46 -9.96
C PRO E 31 27.03 73.88 -8.84
N GLU E 32 27.02 75.19 -8.56
CA GLU E 32 25.93 75.75 -7.77
C GLU E 32 24.62 75.42 -8.45
N CYS E 33 23.64 74.97 -7.67
CA CYS E 33 22.36 74.62 -8.27
C CYS E 33 21.62 75.90 -8.63
N THR E 34 21.46 76.14 -9.92
CA THR E 34 20.86 77.38 -10.40
C THR E 34 19.92 77.07 -11.54
N LEU E 35 19.19 78.10 -11.98
CA LEU E 35 18.14 77.93 -12.97
C LEU E 35 18.72 77.65 -14.35
N GLN E 36 18.19 76.64 -15.03
CA GLN E 36 18.51 76.35 -16.42
C GLN E 36 17.23 76.03 -17.17
N GLU E 37 17.37 75.93 -18.49
CA GLU E 37 16.26 75.59 -19.36
C GLU E 37 15.73 74.19 -19.04
N ASN E 38 14.43 74.01 -19.22
CA ASN E 38 13.81 72.69 -19.10
C ASN E 38 13.76 72.07 -20.49
N PRO E 39 14.53 71.01 -20.77
CA PRO E 39 14.53 70.47 -22.14
C PRO E 39 13.17 69.97 -22.61
N PHE E 40 12.30 69.56 -21.68
CA PHE E 40 11.08 68.86 -22.08
C PHE E 40 9.97 69.85 -22.45
N PHE E 41 9.63 70.77 -21.55
CA PHE E 41 8.45 71.60 -21.70
C PHE E 41 8.72 73.04 -22.11
N SER E 42 9.99 73.44 -22.22
CA SER E 42 10.31 74.81 -22.60
C SER E 42 10.01 75.01 -24.08
N GLN E 43 8.87 75.64 -24.38
CA GLN E 43 8.51 75.94 -25.76
C GLN E 43 9.28 77.16 -26.26
N PRO E 44 9.43 77.31 -27.56
CA PRO E 44 10.14 78.48 -28.10
C PRO E 44 9.48 79.77 -27.65
N GLY E 45 10.26 80.63 -26.99
CA GLY E 45 9.76 81.88 -26.47
C GLY E 45 9.00 81.77 -25.17
N ALA E 46 8.97 80.58 -24.55
CA ALA E 46 8.28 80.35 -23.28
C ALA E 46 9.29 79.72 -22.33
N PRO E 47 10.19 80.51 -21.77
CA PRO E 47 11.27 79.93 -20.94
C PRO E 47 10.72 79.35 -19.65
N ILE E 48 10.78 78.03 -19.53
CA ILE E 48 10.47 77.31 -18.30
C ILE E 48 11.79 76.99 -17.62
N LEU E 49 12.04 77.61 -16.47
CA LEU E 49 13.31 77.53 -15.78
C LEU E 49 13.22 76.61 -14.56
N GLN E 50 14.05 75.58 -14.56
CA GLN E 50 14.16 74.66 -13.43
C GLN E 50 15.60 74.69 -12.95
N CYS E 51 15.80 74.76 -11.63
CA CYS E 51 17.15 74.94 -11.13
C CYS E 51 17.72 73.62 -10.59
N MET E 52 18.95 73.33 -10.97
CA MET E 52 19.57 72.06 -10.62
C MET E 52 21.03 72.29 -10.25
N GLY E 53 21.55 71.40 -9.39
CA GLY E 53 22.95 71.38 -8.99
C GLY E 53 23.19 70.66 -7.67
N CYS E 54 24.01 71.22 -6.78
CA CYS E 54 24.46 70.51 -5.59
C CYS E 54 24.65 71.43 -4.38
N CYS E 55 24.53 70.83 -3.19
CA CYS E 55 24.95 71.42 -1.91
C CYS E 55 25.56 70.35 -1.02
N PHE E 56 25.69 70.69 0.27
CA PHE E 56 26.48 69.94 1.24
C PHE E 56 25.78 68.68 1.71
N SER E 57 26.59 67.72 2.16
CA SER E 57 26.11 66.50 2.78
C SER E 57 27.25 65.87 3.56
N ARG E 58 26.93 65.24 4.69
CA ARG E 58 27.96 64.63 5.51
C ARG E 58 27.32 63.58 6.42
N ALA E 59 28.15 62.73 7.02
CA ALA E 59 27.68 61.69 7.92
C ALA E 59 28.78 61.38 8.93
N TYR E 60 28.42 61.27 10.21
CA TYR E 60 29.36 60.96 11.26
C TYR E 60 28.69 60.11 12.33
N PRO E 61 29.47 59.33 13.10
CA PRO E 61 28.87 58.50 14.14
C PRO E 61 28.10 59.34 15.16
N THR E 62 27.02 58.77 15.67
CA THR E 62 26.19 59.50 16.62
C THR E 62 27.00 59.86 17.86
N PRO E 63 26.86 61.08 18.38
CA PRO E 63 27.57 61.42 19.62
C PRO E 63 26.84 60.87 20.84
N LEU E 64 27.60 60.68 21.92
CA LEU E 64 27.03 60.11 23.13
C LEU E 64 25.92 60.98 23.69
N ARG E 65 26.08 62.30 23.62
CA ARG E 65 25.08 63.22 24.14
C ARG E 65 23.75 63.14 23.37
N SER E 66 23.75 62.54 22.18
CA SER E 66 22.55 62.44 21.37
C SER E 66 21.91 61.06 21.36
N LYS E 67 22.64 60.01 21.74
CA LYS E 67 22.07 58.66 21.72
C LYS E 67 20.93 58.53 22.72
N LYS E 68 21.08 59.12 23.90
CA LYS E 68 20.06 58.97 24.94
C LYS E 68 18.72 59.53 24.49
N THR E 69 18.74 60.55 23.63
CA THR E 69 17.51 61.22 23.22
C THR E 69 16.74 60.47 22.14
N MET E 70 17.29 59.40 21.60
CA MET E 70 16.67 58.68 20.48
C MET E 70 16.17 57.33 20.96
N LEU E 71 14.92 57.01 20.60
CA LEU E 71 14.30 55.75 21.03
C LEU E 71 14.98 54.54 20.41
N VAL E 72 15.32 54.61 19.13
CA VAL E 72 15.85 53.47 18.38
C VAL E 72 17.37 53.51 18.45
N GLN E 73 17.98 52.36 18.74
CA GLN E 73 19.44 52.28 18.78
C GLN E 73 20.01 52.72 17.43
N LYS E 74 21.06 53.53 17.49
CA LYS E 74 21.62 54.12 16.29
C LYS E 74 23.13 54.13 16.40
N ASN E 75 23.80 54.18 15.24
CA ASN E 75 25.26 54.20 15.19
C ASN E 75 25.81 55.36 14.38
N VAL E 76 25.00 56.05 13.58
CA VAL E 76 25.48 57.14 12.73
C VAL E 76 24.34 58.12 12.49
N THR E 77 24.66 59.41 12.53
CA THR E 77 23.77 60.48 12.11
C THR E 77 24.34 61.11 10.84
N SER E 78 23.47 61.76 10.07
CA SER E 78 23.88 62.37 8.81
C SER E 78 23.22 63.73 8.67
N GLU E 79 23.95 64.67 8.07
CA GLU E 79 23.47 66.02 7.80
C GLU E 79 23.25 66.13 6.30
N SER E 80 22.00 66.37 5.91
CA SER E 80 21.61 66.37 4.50
C SER E 80 21.17 67.76 4.09
N THR E 81 21.46 68.12 2.84
CA THR E 81 21.09 69.42 2.31
C THR E 81 20.82 69.30 0.81
N CYS E 82 19.61 69.70 0.41
CA CYS E 82 19.16 69.71 -0.96
C CYS E 82 18.59 71.09 -1.23
N CYS E 83 18.68 71.55 -2.49
CA CYS E 83 18.20 72.90 -2.75
C CYS E 83 16.80 72.91 -3.32
N VAL E 84 15.97 73.78 -2.74
CA VAL E 84 14.54 73.85 -3.01
C VAL E 84 14.22 75.26 -3.46
N ALA E 85 13.14 75.40 -4.24
CA ALA E 85 12.71 76.70 -4.74
C ALA E 85 12.01 77.49 -3.66
N LYS E 86 12.73 78.40 -3.00
CA LYS E 86 12.09 79.24 -1.99
C LYS E 86 11.23 80.32 -2.60
N SER E 87 11.27 80.48 -3.92
CA SER E 87 10.36 81.36 -4.64
C SER E 87 10.02 80.72 -5.98
N TYR E 88 8.73 80.65 -6.28
CA TYR E 88 8.26 80.05 -7.53
C TYR E 88 6.92 80.65 -7.89
N ASN E 89 6.51 80.44 -9.14
CA ASN E 89 5.24 80.99 -9.62
C ASN E 89 4.55 79.99 -10.52
N ARG E 90 3.24 80.16 -10.64
CA ARG E 90 2.40 79.25 -11.41
C ARG E 90 2.48 79.58 -12.90
N VAL E 91 2.56 78.53 -13.73
CA VAL E 91 2.53 78.65 -15.18
C VAL E 91 1.86 77.41 -15.76
N THR E 92 1.64 77.45 -17.07
CA THR E 92 1.01 76.34 -17.78
C THR E 92 1.75 76.11 -19.09
N VAL E 93 1.70 74.86 -19.56
CA VAL E 93 2.32 74.45 -20.81
C VAL E 93 1.30 73.68 -21.61
N MET E 94 1.55 73.57 -22.93
CA MET E 94 0.65 72.85 -23.82
C MET E 94 0.22 71.53 -23.19
N GLY E 95 -1.08 71.38 -22.97
CA GLY E 95 -1.64 70.26 -22.23
C GLY E 95 -2.48 70.67 -21.05
N GLY E 96 -2.34 71.90 -20.54
CA GLY E 96 -3.16 72.38 -19.45
C GLY E 96 -2.67 72.02 -18.07
N PHE E 97 -1.56 71.30 -17.95
CA PHE E 97 -1.09 70.87 -16.64
C PHE E 97 -0.37 72.01 -15.92
N LYS E 98 -0.59 72.08 -14.61
CA LYS E 98 0.07 73.07 -13.77
C LYS E 98 1.58 72.86 -13.77
N VAL E 99 2.34 73.95 -13.77
CA VAL E 99 3.79 73.90 -13.69
C VAL E 99 4.25 74.97 -12.71
N GLU E 100 5.28 74.66 -11.93
CA GLU E 100 5.83 75.59 -10.95
C GLU E 100 7.17 76.08 -11.46
N ASN E 101 7.18 77.24 -12.11
CA ASN E 101 8.43 77.82 -12.61
C ASN E 101 9.17 78.41 -11.42
N HIS E 102 10.38 77.90 -11.16
CA HIS E 102 11.15 78.35 -10.03
C HIS E 102 11.84 79.66 -10.35
N THR E 103 11.78 80.61 -9.42
CA THR E 103 12.44 81.91 -9.58
C THR E 103 13.71 82.04 -8.77
N ALA E 104 13.79 81.35 -7.63
CA ALA E 104 15.00 81.38 -6.81
C ALA E 104 14.94 80.19 -5.85
N CYS E 105 15.99 79.39 -5.89
CA CYS E 105 16.11 78.25 -5.01
C CYS E 105 17.40 78.37 -4.19
N HIS E 106 17.34 77.83 -2.99
CA HIS E 106 18.49 77.80 -2.09
C HIS E 106 18.37 76.53 -1.27
N CYS E 107 19.48 76.10 -0.67
CA CYS E 107 19.52 74.74 -0.16
C CYS E 107 19.27 74.63 1.33
N SER E 108 18.18 73.94 1.63
CA SER E 108 17.64 73.61 2.95
C SER E 108 17.63 72.09 3.07
N THR E 109 16.92 71.59 4.07
CA THR E 109 16.85 70.15 4.29
C THR E 109 16.35 69.42 3.04
N CYS E 110 16.57 68.10 3.03
CA CYS E 110 16.19 67.21 1.95
C CYS E 110 14.89 66.51 2.36
N TYR E 111 13.92 66.47 1.45
CA TYR E 111 12.62 65.92 1.79
C TYR E 111 12.46 64.46 1.39
N TYR E 112 12.52 64.18 0.09
CA TYR E 112 12.35 62.81 -0.41
C TYR E 112 13.69 62.08 -0.41
N HIS E 113 14.24 61.82 0.76
CA HIS E 113 15.60 61.29 0.88
C HIS E 113 15.70 60.03 1.74
N LYS E 114 14.64 59.65 2.43
CA LYS E 114 14.67 58.44 3.25
C LYS E 114 13.98 57.28 2.52
N SER E 115 14.49 56.08 2.74
CA SER E 115 13.94 54.88 2.12
C SER E 115 14.35 53.64 2.91
N LYS F 22 41.14 68.50 -3.17
CA LYS F 22 40.21 68.68 -4.33
C LYS F 22 39.98 70.17 -4.60
N GLU F 23 38.92 70.47 -5.33
CA GLU F 23 38.61 71.87 -5.62
C GLU F 23 38.30 72.60 -4.34
N PRO F 24 38.86 73.80 -4.11
CA PRO F 24 38.50 74.56 -2.90
C PRO F 24 37.04 74.94 -2.85
N LEU F 25 36.35 74.96 -4.00
CA LEU F 25 34.95 75.31 -4.09
C LEU F 25 34.18 74.14 -4.66
N ARG F 26 33.21 73.63 -3.91
CA ARG F 26 32.32 72.55 -4.36
C ARG F 26 33.06 71.25 -4.62
N PRO F 27 33.68 70.65 -3.60
CA PRO F 27 34.15 69.26 -3.74
C PRO F 27 33.00 68.27 -3.64
N ARG F 28 33.26 67.00 -3.94
CA ARG F 28 32.23 65.97 -3.94
C ARG F 28 32.32 65.13 -2.67
N CYS F 29 31.34 64.25 -2.49
CA CYS F 29 31.39 63.30 -1.38
C CYS F 29 32.70 62.52 -1.39
N ARG F 30 33.50 62.71 -0.34
CA ARG F 30 34.75 61.99 -0.19
C ARG F 30 35.08 61.92 1.30
N PRO F 31 35.94 61.00 1.71
CA PRO F 31 36.32 60.92 3.12
C PRO F 31 37.28 62.03 3.53
N ILE F 32 37.00 62.62 4.69
CA ILE F 32 37.82 63.67 5.29
C ILE F 32 38.06 63.30 6.74
N ASN F 33 39.26 63.63 7.23
CA ASN F 33 39.59 63.38 8.63
C ASN F 33 38.81 64.33 9.54
N ALA F 34 38.57 63.86 10.76
CA ALA F 34 37.82 64.65 11.74
C ALA F 34 38.27 64.23 13.13
N THR F 35 37.96 65.08 14.11
CA THR F 35 38.29 64.83 15.51
C THR F 35 36.97 64.57 16.25
N LEU F 36 36.69 63.29 16.49
CA LEU F 36 35.42 62.89 17.10
C LEU F 36 35.65 62.59 18.58
N ALA F 37 34.69 63.00 19.41
CA ALA F 37 34.74 62.71 20.83
C ALA F 37 34.19 61.30 21.09
N VAL F 38 35.00 60.48 21.74
CA VAL F 38 34.64 59.11 22.09
C VAL F 38 34.54 58.99 23.60
N GLU F 39 33.45 58.39 24.06
CA GLU F 39 33.23 58.00 25.44
C GLU F 39 32.48 56.67 25.41
N LYS F 40 31.93 56.27 26.56
CA LYS F 40 31.02 55.14 26.59
C LYS F 40 29.99 55.40 27.69
N GLU F 41 29.29 54.35 28.10
CA GLU F 41 28.09 54.52 28.92
C GLU F 41 28.36 55.29 30.20
N GLY F 42 29.44 54.98 30.91
CA GLY F 42 29.65 55.53 32.23
C GLY F 42 31.03 56.06 32.53
N CYS F 43 31.70 56.64 31.53
CA CYS F 43 33.01 57.24 31.74
C CYS F 43 32.85 58.72 32.08
N PRO F 44 33.28 59.17 33.26
CA PRO F 44 33.25 60.62 33.54
C PRO F 44 34.26 61.42 32.74
N VAL F 45 35.11 60.77 31.94
CA VAL F 45 36.17 61.43 31.19
C VAL F 45 35.83 61.38 29.72
N CYS F 46 36.06 62.50 29.02
CA CYS F 46 35.84 62.60 27.59
C CYS F 46 37.15 62.28 26.87
N ILE F 47 37.10 61.39 25.89
CA ILE F 47 38.26 61.13 25.05
C ILE F 47 37.97 61.77 23.70
N THR F 48 39.03 62.15 22.98
CA THR F 48 38.89 62.76 21.66
C THR F 48 39.94 62.13 20.74
N VAL F 49 39.49 61.51 19.65
CA VAL F 49 40.39 60.80 18.76
C VAL F 49 40.12 61.24 17.32
N ASN F 50 41.17 61.14 16.51
CA ASN F 50 41.09 61.50 15.09
C ASN F 50 40.73 60.26 14.28
N THR F 51 39.69 60.39 13.47
CA THR F 51 39.20 59.30 12.65
C THR F 51 38.69 59.89 11.34
N THR F 52 37.92 59.12 10.59
CA THR F 52 37.45 59.54 9.27
C THR F 52 35.93 59.63 9.26
N ILE F 53 35.44 60.76 8.74
CA ILE F 53 34.07 60.91 8.29
C ILE F 53 34.13 61.16 6.79
N CYS F 54 32.98 61.40 6.17
CA CYS F 54 32.97 61.74 4.76
C CYS F 54 31.88 62.76 4.47
N ALA F 55 32.19 63.71 3.59
CA ALA F 55 31.29 64.79 3.28
C ALA F 55 31.61 65.33 1.89
N GLY F 56 30.74 66.20 1.40
CA GLY F 56 30.92 66.83 0.11
C GLY F 56 29.60 67.06 -0.57
N TYR F 57 29.66 67.39 -1.86
CA TYR F 57 28.49 67.71 -2.66
C TYR F 57 28.24 66.59 -3.67
N CYS F 58 27.03 66.59 -4.24
CA CYS F 58 26.73 65.80 -5.43
C CYS F 58 25.39 66.25 -5.96
N PRO F 59 25.11 66.03 -7.24
CA PRO F 59 23.96 66.70 -7.87
C PRO F 59 22.63 66.32 -7.24
N THR F 60 21.70 67.27 -7.29
CA THR F 60 20.39 67.14 -6.67
C THR F 60 19.32 67.58 -7.66
N MET F 61 18.10 67.10 -7.43
CA MET F 61 16.99 67.29 -8.37
C MET F 61 15.69 67.50 -7.62
N THR F 62 14.85 68.37 -8.19
CA THR F 62 13.47 68.54 -7.75
C THR F 62 12.60 68.57 -8.99
N ARG F 63 11.49 67.82 -8.95
CA ARG F 63 10.64 67.69 -10.13
C ARG F 63 9.76 68.93 -10.28
N VAL F 64 9.86 69.58 -11.43
CA VAL F 64 9.04 70.77 -11.67
C VAL F 64 7.57 70.39 -11.83
N LEU F 65 7.28 69.26 -12.49
CA LEU F 65 5.91 68.84 -12.72
C LEU F 65 5.40 68.06 -11.50
N GLN F 66 5.13 68.82 -10.44
CA GLN F 66 4.55 68.24 -9.24
C GLN F 66 3.12 67.79 -9.53
N GLY F 67 2.87 66.49 -9.48
CA GLY F 67 1.57 65.97 -9.84
C GLY F 67 1.57 64.52 -10.26
N VAL F 68 1.03 64.24 -11.44
CA VAL F 68 0.86 62.86 -11.88
C VAL F 68 2.19 62.11 -11.86
N LEU F 69 3.29 62.78 -12.18
CA LEU F 69 4.57 62.09 -12.09
C LEU F 69 5.04 62.03 -10.63
N PRO F 70 5.74 60.98 -10.24
CA PRO F 70 6.16 60.84 -8.84
C PRO F 70 7.33 61.75 -8.51
N ALA F 71 7.63 61.83 -7.21
CA ALA F 71 8.72 62.67 -6.74
C ALA F 71 10.06 62.06 -7.12
N LEU F 72 11.07 62.92 -7.27
CA LEU F 72 12.41 62.48 -7.62
C LEU F 72 13.25 62.31 -6.37
N PRO F 73 13.85 61.14 -6.14
CA PRO F 73 14.70 60.98 -4.95
C PRO F 73 15.94 61.87 -5.01
N GLN F 74 16.39 62.30 -3.84
CA GLN F 74 17.56 63.16 -3.69
C GLN F 74 18.48 62.53 -2.65
N VAL F 75 19.73 62.27 -3.06
CA VAL F 75 20.65 61.47 -2.26
C VAL F 75 21.44 62.35 -1.29
N VAL F 76 22.09 61.69 -0.34
CA VAL F 76 22.97 62.32 0.64
C VAL F 76 24.24 61.50 0.76
N CYS F 77 25.38 62.18 0.90
CA CYS F 77 26.67 61.51 1.05
C CYS F 77 26.66 60.61 2.28
N ASN F 78 27.10 59.36 2.11
CA ASN F 78 27.02 58.35 3.15
C ASN F 78 28.07 57.28 2.88
N TYR F 79 28.23 56.38 3.85
CA TYR F 79 29.28 55.37 3.78
C TYR F 79 28.96 54.28 2.77
N ARG F 80 30.00 53.53 2.39
CA ARG F 80 29.83 52.32 1.60
C ARG F 80 30.56 51.16 2.25
N ASP F 81 31.63 51.45 2.98
CA ASP F 81 32.41 50.43 3.69
C ASP F 81 33.05 51.09 4.90
N VAL F 82 32.72 50.59 6.08
CA VAL F 82 33.18 51.17 7.35
C VAL F 82 33.82 50.07 8.17
N ARG F 83 35.02 50.35 8.70
CA ARG F 83 35.71 49.43 9.59
C ARG F 83 35.59 49.94 11.02
N PHE F 84 36.19 49.21 11.96
CA PHE F 84 36.07 49.54 13.38
C PHE F 84 37.43 49.48 14.04
N GLU F 85 37.72 50.47 14.87
CA GLU F 85 38.90 50.49 15.73
C GLU F 85 38.49 50.34 17.18
N SER F 86 39.42 49.87 18.00
CA SER F 86 39.17 49.60 19.42
C SER F 86 40.17 50.37 20.27
N ILE F 87 39.77 50.64 21.51
CA ILE F 87 40.59 51.42 22.43
C ILE F 87 40.17 51.08 23.85
N ARG F 88 41.14 51.12 24.76
CA ARG F 88 40.90 50.96 26.19
C ARG F 88 41.00 52.31 26.88
N LEU F 89 39.99 52.63 27.67
CA LEU F 89 39.94 53.94 28.33
C LEU F 89 40.68 53.90 29.66
N PRO F 90 41.10 55.06 30.17
CA PRO F 90 41.93 55.08 31.39
C PRO F 90 41.13 54.84 32.66
N GLY F 91 40.91 53.57 33.00
CA GLY F 91 40.29 53.24 34.27
C GLY F 91 38.88 53.73 34.46
N CYS F 92 38.01 53.53 33.45
CA CYS F 92 36.62 53.89 33.60
C CYS F 92 35.95 52.99 34.64
N PRO F 93 34.80 53.41 35.17
CA PRO F 93 34.16 52.64 36.24
C PRO F 93 33.88 51.20 35.81
N ARG F 94 34.03 50.29 36.76
CA ARG F 94 33.83 48.87 36.49
C ARG F 94 32.37 48.57 36.17
N GLY F 95 32.12 47.33 35.74
CA GLY F 95 30.81 46.90 35.33
C GLY F 95 30.54 46.98 33.85
N VAL F 96 31.44 47.61 33.08
CA VAL F 96 31.31 47.74 31.64
C VAL F 96 32.54 47.11 30.99
N ASN F 97 32.36 46.65 29.76
CA ASN F 97 33.45 45.97 29.06
C ASN F 97 34.65 46.90 28.94
N PRO F 98 35.86 46.45 29.28
CA PRO F 98 37.00 47.39 29.27
C PRO F 98 37.24 48.06 27.92
N VAL F 99 37.11 47.31 26.83
CA VAL F 99 37.48 47.83 25.51
C VAL F 99 36.24 48.37 24.82
N VAL F 100 36.34 49.59 24.30
CA VAL F 100 35.28 50.21 23.52
C VAL F 100 35.75 50.30 22.07
N SER F 101 34.82 50.55 21.16
CA SER F 101 35.13 50.61 19.75
C SER F 101 34.41 51.78 19.10
N TYR F 102 35.00 52.27 18.01
CA TYR F 102 34.40 53.32 17.19
C TYR F 102 34.61 52.98 15.73
N ALA F 103 33.99 53.78 14.86
CA ALA F 103 33.93 53.50 13.43
C ALA F 103 34.94 54.35 12.67
N VAL F 104 35.43 53.80 11.56
CA VAL F 104 36.37 54.46 10.66
C VAL F 104 35.84 54.33 9.25
N ALA F 105 35.79 55.45 8.52
CA ALA F 105 35.19 55.50 7.20
C ALA F 105 36.25 55.28 6.14
N LEU F 106 36.02 54.32 5.24
CA LEU F 106 36.93 54.03 4.15
C LEU F 106 36.51 54.76 2.86
N SER F 107 35.29 54.50 2.39
CA SER F 107 34.81 55.08 1.14
C SER F 107 33.34 55.44 1.29
N CYS F 108 32.92 56.44 0.51
CA CYS F 108 31.56 56.96 0.59
C CYS F 108 31.03 57.32 -0.79
N GLN F 109 29.71 57.23 -0.93
CA GLN F 109 28.97 57.71 -2.08
C GLN F 109 27.67 58.30 -1.57
N CYS F 110 27.01 59.13 -2.38
CA CYS F 110 25.80 59.79 -1.93
C CYS F 110 24.59 59.02 -2.43
N ALA F 111 23.86 58.42 -1.49
CA ALA F 111 22.63 57.69 -1.76
C ALA F 111 21.61 58.05 -0.69
N LEU F 112 20.43 57.46 -0.78
CA LEU F 112 19.37 57.78 0.17
C LEU F 112 19.79 57.40 1.59
N CYS F 113 19.44 58.26 2.55
CA CYS F 113 19.71 57.98 3.96
C CYS F 113 18.83 56.84 4.43
N ARG F 114 19.45 55.71 4.78
CA ARG F 114 18.71 54.57 5.30
C ARG F 114 18.18 54.90 6.69
N ARG F 115 16.88 55.18 6.79
CA ARG F 115 16.31 55.57 8.08
C ARG F 115 16.57 54.51 9.15
N SER F 116 16.54 53.23 8.78
CA SER F 116 16.81 52.17 9.76
C SER F 116 18.26 52.20 10.22
N THR F 117 19.15 52.82 9.44
CA THR F 117 20.58 52.84 9.75
C THR F 117 21.16 54.22 9.96
N THR F 118 20.55 55.27 9.40
CA THR F 118 21.07 56.62 9.49
C THR F 118 19.98 57.57 9.97
N ASP F 119 20.38 58.57 10.74
CA ASP F 119 19.48 59.62 11.21
C ASP F 119 19.80 60.88 10.39
N CYS F 120 19.14 61.02 9.25
CA CYS F 120 19.39 62.12 8.32
C CYS F 120 18.47 63.28 8.67
N GLY F 121 19.06 64.30 9.31
CA GLY F 121 18.31 65.47 9.76
C GLY F 121 18.75 66.73 9.04
N GLY F 122 18.26 67.87 9.56
CA GLY F 122 18.50 69.14 8.93
C GLY F 122 19.62 69.92 9.61
N PRO F 123 19.83 71.17 9.15
CA PRO F 123 20.92 71.99 9.68
C PRO F 123 21.02 72.00 11.20
N LYS F 124 22.14 71.53 11.73
CA LYS F 124 22.40 71.57 13.16
C LYS F 124 23.75 72.18 13.51
N ASP F 125 24.77 71.98 12.68
CA ASP F 125 26.10 72.58 12.85
C ASP F 125 26.62 72.42 14.28
N HIS F 126 26.26 71.33 14.95
CA HIS F 126 26.73 71.12 16.31
C HIS F 126 28.24 70.88 16.32
N PRO F 127 28.95 71.38 17.32
CA PRO F 127 30.38 71.06 17.43
C PRO F 127 30.59 69.55 17.56
N LEU F 128 31.66 69.05 16.93
CA LEU F 128 31.99 67.64 16.98
C LEU F 128 32.92 67.28 18.13
N THR F 129 33.44 68.27 18.85
CA THR F 129 34.15 68.03 20.10
C THR F 129 33.12 67.92 21.22
N CYS F 130 33.52 67.35 22.36
CA CYS F 130 32.59 67.16 23.48
C CYS F 130 32.51 68.46 24.28
N ASP F 131 31.42 69.18 24.07
CA ASP F 131 31.19 70.45 24.76
C ASP F 131 32.19 71.51 24.30
C10 55Z G . 12.38 15.52 -9.99
N12 55Z G . 13.55 17.31 -10.92
C13 55Z G . 14.19 17.49 -9.83
C15 55Z G . 13.16 15.81 -8.84
C20 55Z G . 12.02 17.54 -13.05
C21 55Z G . 11.58 17.80 -14.25
C22 55Z G . 11.10 16.73 -14.93
C24 55Z G . 11.49 15.23 -13.14
C26 55Z G . 12.57 20.19 -14.15
C28 55Z G . 12.64 21.63 -14.70
C1 55Z G . 9.05 11.49 -5.96
C2 55Z G . 10.40 11.02 -6.49
C3 55Z G . 11.21 10.40 -5.37
C4 55Z G . 10.22 10.02 -7.60
N5 55Z G . 11.13 12.16 -6.92
C6 55Z G . 10.83 12.76 -8.16
O7 55Z G . 10.05 12.40 -8.86
C8 55Z G . 11.56 13.92 -8.60
C9 55Z G . 11.53 14.47 -9.74
C11 55Z G . 12.62 16.35 -11.06
N14 55Z G . 14.01 16.75 -8.81
S16 55Z G . 12.69 14.62 -7.59
S17 55Z G . 15.40 18.74 -9.72
C18 55Z G . 15.28 20.19 -10.77
C19 55Z G . 11.98 16.31 -12.46
C23 55Z G . 11.02 15.47 -14.39
N25 55Z G . 11.69 19.18 -14.71
O27 55Z G . 13.25 19.91 -13.26
N29 55Z G . 13.27 22.66 -13.89
C30 55Z G . 13.49 23.91 -14.37
C31 55Z G . 14.70 24.40 -14.22
O32 55Z G . 15.69 23.63 -13.49
C33 55Z G . 15.07 22.69 -12.58
C34 55Z G . 13.78 22.48 -12.66
N35 55Z G . 10.63 13.93 -10.68
#